data_5M7L
#
_entry.id   5M7L
#
_cell.length_a   57.600
_cell.length_b   82.900
_cell.length_c   382.100
_cell.angle_alpha   90.00
_cell.angle_beta   90.00
_cell.angle_gamma   90.00
#
_symmetry.space_group_name_H-M   'P 21 21 21'
#
loop_
_entity.id
_entity.type
_entity.pdbx_description
1 polymer 'Photosynthetic reaction center cytochrome c subunit'
2 polymer 'Reaction center protein L chain'
3 polymer 'Reaction center protein M chain'
4 polymer 'Reaction center protein H chain'
5 non-polymer 'HEME C'
6 non-polymer 'DIACYL GLYCEROL'
7 non-polymer 'BACTERIOCHLOROPHYLL A'
8 non-polymer 'BACTERIOPHEOPHYTIN B'
9 non-polymer '[(Z)-octadec-9-enyl] (2R)-2,3-bis(oxidanyl)propanoate'
10 non-polymer 'FE (II) ION'
11 non-polymer MENAQUINONE-7
12 non-polymer 15-cis-1,2-dihydroneurosporene
13 non-polymer '(2E,6E,10E,14E,18E,22E,26E)-3,7,11,15,19,23,27,31-OCTAMETHYLDOTRIACONTA-2,6,10,14,18,22,26,30-OCTAENYL TRIHYDROGEN DIPHOSPHATE'
14 non-polymer 'PHOSPHATE ION'
#
loop_
_entity_poly.entity_id
_entity_poly.type
_entity_poly.pdbx_seq_one_letter_code
_entity_poly.pdbx_strand_id
1 'polypeptide(L)'
;MKQLIVNSVATVALASLVAGCFEPPPATTTQTGFRGLSMGEVLHPATVKAKKERDAQYPPALAAVKAEGPPVSQVYKNVK
VLGNLTEAEFLRTMTAITEWVSPQEGCTYCHDENNLASEAKYPYVVARRMLEMTRAINTNWTQHVAQTGVTCYTCHRGTP
LPPYVRYLEPTLPLNNRETPTHVERVETRSGYVVRLAKYTAYSALNYDPFTMFLANDKRQVRVVPQTALPLVGVSRGKER
RPLSDAYATFALMMSISDSLGTNCTFCHNAQTFESWGKKSTPQRAIAWWGIRMVRDLNMNYLAPLNASLPASRLGRQGEA
PQADCRTCHQGVTKPLFGASRLKDYPELGPIKAAAK
;
A
2 'polypeptide(L)'
;MALLSFERKYRVRGGTLIGGDLFDFWVGPYFVGFFGVSAIFFIFLGVSLIGYAASQGPTWDPFAISINPPDLKYGLGAAP
LLEGGFWQAITVCALGAFISWMLREVEISRKLGIGWHVPLAFCVPIFMFCVLQVFRPLLLGSWGHAFPYGILSHLDWVNN
FGYQYLNWHYNPGHMSSVSFLFVNAMALGLHGGLILSVANPGDGDKVKTAEHENQYFRDVVGYSIGALSIHRLGLFLASN
IFLTGAFGTIASGPFWTRGWPEWWGWWLDIPFWS
;
B
3 'polypeptide(L)'
;MADYQTIYTQIQARGPHITVSGEWGDNDRVGKPFYSYWLGKIGDAQIGPIYLGASGIAAFAFGSTAILIILFNMAAEVHF
DPLQFFRQFFWLGLYPPKAQYGMGIPPLHDGGWWLMAGLFMTLSLGSWWIRVYSRARALGLGTHIAWNFAAAIFFVLCIG
CIHPTLVGSWSEGVPFGIWPHIDWLTAFSIRYGNFYYCPWHGFSIGFAYGCGLLFAAHGATILAVARFGGDREIEQITDR
GTAVERAALFWRWTIGFNATIESVHRWGWFFSLMVMVSASVGILLTGTFVDNWYLWCVKHGAAPDYPAYLPATPDPASLP
GAPK
;
C
4 'polypeptide(L)'
;(FME)YHGALAQHLDIAQLVWYAQWLVIWTVVLLYLRREDRREGYPLVEPLGLVKLAPEDGQVYELPYPKTFVLPHGGTV
TVPRRRPETRELKLAQTDGFEGAPLQPTGNPLVDAVGPASYAERAEVVDATVDGKAKIVPLRVATDFSIAEGDVDPRGLP
VVAADGVEAGTVTDLWVDRSEHYFRYLELSVAGSARTALIPLGFCDVKKDKIVVTSILSEQFANVPRLQSRDQITLREED
KVSAYYAGGLLYATPERAESLL
;
D
#
loop_
_chem_comp.id
_chem_comp.type
_chem_comp.name
_chem_comp.formula
BCL non-polymer 'BACTERIOCHLOROPHYLL A' 'C55 H74 Mg N4 O6'
BPB non-polymer 'BACTERIOPHEOPHYTIN B' 'C55 H74 N4 O6'
DGA non-polymer 'DIACYL GLYCEROL' 'C39 H76 O5'
FE2 non-polymer 'FE (II) ION' 'Fe 2'
HEC non-polymer 'HEME C' 'C34 H34 Fe N4 O4'
MPG non-polymer '[(Z)-octadec-9-enyl] (2R)-2,3-bis(oxidanyl)propanoate' 'C21 H40 O4'
MQ7 non-polymer MENAQUINONE-7 'C46 H64 O2'
NS5 non-polymer 15-cis-1,2-dihydroneurosporene 'C40 H60'
OTP non-polymer '(2E,6E,10E,14E,18E,22E,26E)-3,7,11,15,19,23,27,31-OCTAMETHYLDOTRIACONTA-2,6,10,14,18,22,26,30-OCTAENYL TRIHYDROGEN DIPHOSPHATE' 'C40 H68 O7 P2'
PO4 non-polymer 'PHOSPHATE ION' 'O4 P -3'
#
# COMPACT_ATOMS: atom_id res chain seq x y z
N CYS A 21 -11.66 -16.01 -12.30
CA CYS A 21 -11.14 -14.89 -11.51
C CYS A 21 -9.63 -14.84 -11.55
N PHE A 22 -9.01 -15.97 -11.88
CA PHE A 22 -7.57 -16.03 -11.98
C PHE A 22 -7.13 -16.87 -13.17
N GLU A 23 -5.90 -16.65 -13.62
CA GLU A 23 -5.31 -17.43 -14.71
C GLU A 23 -4.17 -18.30 -14.22
N PRO A 24 -4.29 -19.63 -14.39
CA PRO A 24 -3.30 -20.55 -13.83
C PRO A 24 -1.90 -20.35 -14.42
N PRO A 25 -0.85 -20.65 -13.62
CA PRO A 25 0.55 -20.64 -14.05
C PRO A 25 0.83 -21.77 -15.04
N PRO A 26 1.96 -21.73 -15.76
CA PRO A 26 2.96 -20.66 -15.72
C PRO A 26 2.56 -19.47 -16.58
N ALA A 27 3.42 -18.46 -16.62
CA ALA A 27 3.17 -17.27 -17.41
C ALA A 27 4.40 -16.94 -18.26
N THR A 28 4.15 -16.47 -19.47
CA THR A 28 5.21 -16.12 -20.41
C THR A 28 5.72 -14.71 -20.16
N THR A 29 6.99 -14.60 -19.79
CA THR A 29 7.58 -13.30 -19.48
C THR A 29 8.76 -12.98 -20.39
N THR A 30 8.81 -11.74 -20.88
CA THR A 30 9.94 -11.27 -21.70
C THR A 30 10.66 -10.12 -20.99
N GLN A 31 11.89 -9.85 -21.42
CA GLN A 31 12.70 -8.78 -20.84
C GLN A 31 12.92 -7.66 -21.86
N THR A 32 12.52 -6.44 -21.51
CA THR A 32 12.58 -5.31 -22.44
C THR A 32 13.46 -4.18 -21.94
N GLY A 33 13.93 -4.29 -20.70
CA GLY A 33 14.79 -3.28 -20.12
C GLY A 33 15.94 -3.92 -19.39
N PHE A 34 16.79 -3.09 -18.81
CA PHE A 34 17.93 -3.58 -18.04
C PHE A 34 17.44 -4.50 -16.92
N ARG A 35 18.27 -5.48 -16.55
CA ARG A 35 17.91 -6.45 -15.51
C ARG A 35 17.60 -5.78 -14.18
N GLY A 36 16.48 -6.16 -13.59
CA GLY A 36 16.11 -5.63 -12.30
C GLY A 36 15.27 -4.36 -12.40
N LEU A 37 14.69 -4.14 -13.58
CA LEU A 37 13.79 -3.02 -13.76
C LEU A 37 12.34 -3.49 -13.79
N SER A 38 12.17 -4.81 -13.83
CA SER A 38 10.85 -5.41 -14.01
C SER A 38 10.16 -4.83 -15.23
N MET A 39 10.92 -4.70 -16.32
CA MET A 39 10.38 -4.28 -17.61
C MET A 39 10.20 -5.48 -18.53
N GLY A 40 9.05 -5.55 -19.18
CA GLY A 40 8.79 -6.64 -20.12
C GLY A 40 7.33 -7.05 -20.19
N GLU A 41 7.06 -8.05 -21.01
CA GLU A 41 5.69 -8.52 -21.22
C GLU A 41 5.28 -9.56 -20.19
N VAL A 42 3.97 -9.71 -20.01
CA VAL A 42 3.39 -10.78 -19.20
C VAL A 42 2.21 -11.38 -19.97
N LEU A 43 2.39 -12.59 -20.52
CA LEU A 43 1.38 -13.21 -21.38
C LEU A 43 0.85 -14.56 -20.88
N HIS A 44 -0.45 -14.78 -21.01
CA HIS A 44 -1.01 -16.07 -20.65
C HIS A 44 -1.10 -16.97 -21.88
N PRO A 45 -0.31 -18.06 -21.89
CA PRO A 45 -0.13 -19.00 -23.01
C PRO A 45 -1.42 -19.37 -23.71
N ALA A 46 -2.49 -19.62 -22.97
CA ALA A 46 -3.75 -20.05 -23.56
C ALA A 46 -4.36 -18.95 -24.41
N THR A 47 -4.24 -17.72 -23.93
CA THR A 47 -4.74 -16.57 -24.67
C THR A 47 -3.93 -16.42 -25.95
N VAL A 48 -2.60 -16.47 -25.79
CA VAL A 48 -1.68 -16.31 -26.90
C VAL A 48 -1.91 -17.38 -27.95
N LYS A 49 -1.98 -18.64 -27.51
CA LYS A 49 -2.26 -19.77 -28.39
C LYS A 49 -3.55 -19.58 -29.19
N ALA A 50 -4.61 -19.15 -28.52
CA ALA A 50 -5.88 -18.93 -29.18
C ALA A 50 -5.77 -17.86 -30.26
N LYS A 51 -5.00 -16.80 -29.97
CA LYS A 51 -4.88 -15.70 -30.91
C LYS A 51 -4.12 -16.11 -32.17
N LYS A 52 -3.17 -17.03 -32.05
CA LYS A 52 -2.44 -17.46 -33.25
C LYS A 52 -3.35 -18.25 -34.17
N GLU A 53 -4.05 -19.23 -33.60
CA GLU A 53 -4.94 -20.10 -34.38
C GLU A 53 -6.01 -19.27 -35.08
N ARG A 54 -6.32 -18.10 -34.52
CA ARG A 54 -7.24 -17.16 -35.15
C ARG A 54 -6.57 -16.45 -36.31
N ASP A 55 -5.36 -15.97 -36.05
CA ASP A 55 -4.61 -15.21 -37.04
C ASP A 55 -3.93 -16.13 -38.05
N ALA A 56 -4.09 -17.44 -37.87
CA ALA A 56 -3.48 -18.39 -38.79
C ALA A 56 -4.42 -18.71 -39.94
N GLN A 57 -5.63 -18.17 -39.88
CA GLN A 57 -6.61 -18.38 -40.95
C GLN A 57 -6.33 -17.46 -42.14
N TYR A 58 -5.30 -16.62 -42.02
CA TYR A 58 -4.77 -15.84 -43.13
C TYR A 58 -4.62 -16.73 -44.37
N PRO A 59 -5.50 -16.56 -45.36
CA PRO A 59 -5.38 -17.38 -46.56
C PRO A 59 -4.00 -17.26 -47.20
N PRO A 60 -3.48 -18.38 -47.70
CA PRO A 60 -2.17 -18.41 -48.36
C PRO A 60 -2.20 -17.61 -49.66
N ALA A 61 -1.09 -16.96 -49.99
CA ALA A 61 -0.99 -16.25 -51.25
C ALA A 61 -1.32 -17.18 -52.42
N LEU A 62 -1.97 -16.61 -53.42
CA LEU A 62 -2.32 -17.35 -54.63
C LEU A 62 -1.07 -17.57 -55.48
N ALA A 63 -1.01 -18.71 -56.15
CA ALA A 63 0.16 -19.06 -56.97
C ALA A 63 0.42 -18.01 -58.05
N ALA A 64 1.69 -17.82 -58.38
CA ALA A 64 2.09 -16.80 -59.35
C ALA A 64 1.51 -17.08 -60.74
N VAL A 65 1.54 -16.08 -61.62
CA VAL A 65 0.90 -16.20 -62.92
C VAL A 65 1.71 -15.61 -64.06
N LYS A 66 1.14 -15.71 -65.27
CA LYS A 66 1.72 -15.20 -66.52
C LYS A 66 2.23 -13.77 -66.42
N ALA A 67 3.53 -13.61 -66.69
CA ALA A 67 4.16 -12.29 -66.59
C ALA A 67 3.92 -11.42 -67.81
N GLU A 68 3.50 -12.02 -68.92
CA GLU A 68 3.37 -11.27 -70.17
C GLU A 68 1.92 -11.10 -70.64
N GLY A 69 1.71 -10.12 -71.50
CA GLY A 69 0.39 -9.76 -71.99
C GLY A 69 0.27 -8.25 -72.02
N PRO A 70 -0.81 -7.73 -72.64
CA PRO A 70 -1.08 -6.29 -72.64
C PRO A 70 -1.45 -5.81 -71.24
N PRO A 71 -1.09 -4.57 -70.89
CA PRO A 71 -1.55 -4.04 -69.61
C PRO A 71 -3.06 -3.83 -69.62
N VAL A 72 -3.74 -4.11 -68.51
CA VAL A 72 -5.21 -4.08 -68.48
C VAL A 72 -5.79 -2.70 -68.76
N SER A 73 -4.92 -1.69 -68.82
CA SER A 73 -5.33 -0.36 -69.22
C SER A 73 -5.72 -0.36 -70.69
N GLN A 74 -5.11 -1.28 -71.43
CA GLN A 74 -5.51 -1.57 -72.81
C GLN A 74 -6.76 -2.44 -72.83
N VAL A 75 -6.69 -3.55 -72.10
CA VAL A 75 -7.68 -4.62 -72.11
C VAL A 75 -9.04 -4.23 -71.53
N TYR A 76 -9.05 -3.72 -70.30
CA TYR A 76 -10.29 -3.38 -69.60
C TYR A 76 -10.65 -1.90 -69.72
N LYS A 77 -11.91 -1.58 -69.47
CA LYS A 77 -12.46 -0.27 -69.82
C LYS A 77 -12.47 0.74 -68.67
N ASN A 78 -12.61 0.25 -67.44
CA ASN A 78 -12.73 1.13 -66.28
C ASN A 78 -11.72 0.81 -65.17
N VAL A 79 -10.46 0.65 -65.55
CA VAL A 79 -9.40 0.39 -64.59
C VAL A 79 -8.49 1.59 -64.41
N LYS A 80 -8.38 2.09 -63.19
CA LYS A 80 -7.68 3.35 -62.94
C LYS A 80 -6.58 3.26 -61.89
N VAL A 81 -6.61 2.23 -61.05
CA VAL A 81 -5.54 2.04 -60.08
C VAL A 81 -4.54 0.97 -60.57
N LEU A 82 -5.04 -0.23 -60.83
CA LEU A 82 -4.20 -1.37 -61.21
C LEU A 82 -4.02 -1.52 -62.71
N GLY A 83 -3.86 -0.40 -63.41
CA GLY A 83 -3.85 -0.39 -64.86
C GLY A 83 -2.59 -0.86 -65.57
N ASN A 84 -1.56 -1.23 -64.81
CA ASN A 84 -0.30 -1.67 -65.41
C ASN A 84 -0.09 -3.19 -65.34
N LEU A 85 -1.01 -3.88 -64.68
CA LEU A 85 -0.93 -5.34 -64.58
C LEU A 85 -1.36 -6.00 -65.88
N THR A 86 -0.89 -7.23 -66.10
CA THR A 86 -1.40 -8.06 -67.16
C THR A 86 -2.75 -8.63 -66.71
N GLU A 87 -3.51 -9.19 -67.65
CA GLU A 87 -4.87 -9.65 -67.34
C GLU A 87 -4.86 -10.78 -66.31
N ALA A 88 -3.88 -11.68 -66.43
CA ALA A 88 -3.75 -12.80 -65.50
C ALA A 88 -3.38 -12.33 -64.09
N GLU A 89 -2.51 -11.32 -64.02
CA GLU A 89 -2.11 -10.73 -62.76
C GLU A 89 -3.23 -9.94 -62.11
N PHE A 90 -3.99 -9.23 -62.94
CA PHE A 90 -5.08 -8.39 -62.47
C PHE A 90 -6.22 -9.21 -61.87
N LEU A 91 -6.56 -10.32 -62.52
CA LEU A 91 -7.64 -11.19 -62.04
C LEU A 91 -7.24 -11.88 -60.74
N ARG A 92 -5.95 -12.19 -60.63
CA ARG A 92 -5.37 -12.79 -59.43
C ARG A 92 -5.67 -11.92 -58.22
N THR A 93 -5.42 -10.63 -58.39
CA THR A 93 -5.74 -9.63 -57.39
C THR A 93 -7.23 -9.67 -57.04
N MET A 94 -8.07 -9.81 -58.06
CA MET A 94 -9.50 -9.83 -57.84
C MET A 94 -9.93 -11.06 -57.05
N THR A 95 -9.22 -12.16 -57.25
CA THR A 95 -9.52 -13.37 -56.50
C THR A 95 -9.07 -13.19 -55.05
N ALA A 96 -7.90 -12.58 -54.85
CA ALA A 96 -7.38 -12.36 -53.52
C ALA A 96 -8.26 -11.39 -52.73
N ILE A 97 -8.63 -10.29 -53.37
CA ILE A 97 -9.51 -9.31 -52.75
C ILE A 97 -10.82 -9.96 -52.33
N THR A 98 -11.36 -10.80 -53.23
CA THR A 98 -12.60 -11.52 -52.96
C THR A 98 -12.48 -12.42 -51.73
N GLU A 99 -11.35 -13.11 -51.64
CA GLU A 99 -11.02 -13.91 -50.48
C GLU A 99 -11.04 -13.06 -49.22
N TRP A 100 -10.33 -11.95 -49.28
CA TRP A 100 -10.04 -11.12 -48.12
C TRP A 100 -11.22 -10.31 -47.62
N VAL A 101 -12.06 -9.84 -48.53
CA VAL A 101 -13.14 -8.94 -48.14
C VAL A 101 -14.49 -9.64 -48.12
N SER A 102 -14.94 -10.12 -49.28
CA SER A 102 -16.27 -10.72 -49.38
C SER A 102 -16.24 -12.11 -50.00
N PRO A 103 -15.70 -13.09 -49.26
CA PRO A 103 -15.61 -14.47 -49.78
C PRO A 103 -16.96 -15.16 -49.89
N GLN A 104 -17.90 -14.85 -48.99
CA GLN A 104 -19.16 -15.59 -48.95
C GLN A 104 -20.08 -15.28 -50.12
N GLU A 105 -20.17 -14.01 -50.49
CA GLU A 105 -21.03 -13.61 -51.61
C GLU A 105 -20.23 -13.44 -52.90
N GLY A 106 -18.91 -13.44 -52.79
CA GLY A 106 -18.04 -13.47 -53.95
C GLY A 106 -17.97 -12.18 -54.75
N CYS A 107 -17.79 -12.31 -56.06
CA CYS A 107 -17.57 -11.16 -56.94
C CYS A 107 -18.76 -10.22 -56.92
N THR A 108 -19.97 -10.78 -57.02
CA THR A 108 -21.18 -9.99 -57.18
C THR A 108 -21.45 -9.03 -56.03
N TYR A 109 -20.67 -9.13 -54.96
CA TYR A 109 -20.72 -8.16 -53.87
C TYR A 109 -20.28 -6.80 -54.41
N CYS A 110 -19.33 -6.85 -55.34
CA CYS A 110 -18.74 -5.65 -55.90
C CYS A 110 -18.74 -5.63 -57.42
N HIS A 111 -19.62 -6.39 -58.04
CA HIS A 111 -19.75 -6.28 -59.49
C HIS A 111 -21.15 -6.53 -60.00
N ASP A 112 -21.56 -5.71 -60.95
CA ASP A 112 -22.78 -5.98 -61.67
C ASP A 112 -22.52 -7.26 -62.44
N GLU A 113 -23.45 -8.22 -62.35
CA GLU A 113 -23.19 -9.59 -62.82
C GLU A 113 -22.53 -9.64 -64.20
N ASN A 114 -23.18 -9.06 -65.20
CA ASN A 114 -22.61 -8.88 -66.56
C ASN A 114 -22.32 -7.43 -67.04
N ASN A 115 -21.88 -6.54 -66.15
CA ASN A 115 -21.10 -5.35 -66.57
C ASN A 115 -20.06 -5.03 -65.50
N LEU A 116 -18.85 -5.51 -65.72
CA LEU A 116 -17.79 -5.42 -64.73
C LEU A 116 -17.12 -4.06 -64.74
N ALA A 117 -17.57 -3.18 -65.63
CA ALA A 117 -17.05 -1.82 -65.67
C ALA A 117 -17.95 -0.91 -64.85
N SER A 118 -19.09 -1.45 -64.43
CA SER A 118 -20.11 -0.67 -63.74
C SER A 118 -19.76 -0.45 -62.28
N GLU A 119 -19.94 0.79 -61.83
CA GLU A 119 -19.75 1.15 -60.43
C GLU A 119 -21.12 1.31 -59.76
N ALA A 120 -22.07 0.46 -60.15
CA ALA A 120 -23.46 0.65 -59.79
C ALA A 120 -23.78 0.25 -58.34
N LYS A 121 -22.86 -0.39 -57.65
CA LYS A 121 -23.09 -0.64 -56.24
C LYS A 121 -22.01 0.04 -55.44
N TYR A 122 -22.33 0.34 -54.20
CA TYR A 122 -21.44 1.12 -53.37
C TYR A 122 -20.13 0.44 -52.96
N PRO A 123 -20.10 -0.90 -52.88
CA PRO A 123 -18.80 -1.42 -52.45
C PRO A 123 -17.73 -1.31 -53.52
N TYR A 124 -18.14 -1.07 -54.77
CA TYR A 124 -17.18 -0.90 -55.86
C TYR A 124 -16.35 0.38 -55.67
N VAL A 125 -17.04 1.50 -55.57
CA VAL A 125 -16.38 2.80 -55.46
C VAL A 125 -15.53 2.90 -54.20
N VAL A 126 -16.00 2.29 -53.12
CA VAL A 126 -15.25 2.26 -51.87
C VAL A 126 -14.01 1.38 -52.02
N ALA A 127 -14.17 0.25 -52.71
CA ALA A 127 -13.10 -0.71 -52.92
C ALA A 127 -11.96 -0.13 -53.73
N ARG A 128 -12.28 0.80 -54.62
CA ARG A 128 -11.24 1.50 -55.37
C ARG A 128 -10.42 2.32 -54.39
N ARG A 129 -11.11 3.14 -53.61
CA ARG A 129 -10.47 3.96 -52.58
C ARG A 129 -9.64 3.09 -51.65
N MET A 130 -10.19 1.93 -51.34
CA MET A 130 -9.54 0.99 -50.43
C MET A 130 -8.23 0.45 -51.02
N LEU A 131 -8.20 0.27 -52.34
CA LEU A 131 -7.00 -0.16 -53.00
C LEU A 131 -5.90 0.88 -52.84
N GLU A 132 -6.26 2.13 -53.09
CA GLU A 132 -5.29 3.21 -52.99
C GLU A 132 -4.80 3.36 -51.55
N MET A 133 -5.71 3.19 -50.59
CA MET A 133 -5.35 3.34 -49.18
C MET A 133 -4.32 2.29 -48.79
N THR A 134 -4.57 1.05 -49.21
CA THR A 134 -3.68 -0.07 -48.90
C THR A 134 -2.28 0.15 -49.46
N ARG A 135 -2.24 0.59 -50.71
CA ARG A 135 -0.97 0.92 -51.35
C ARG A 135 -0.31 2.08 -50.61
N ALA A 136 -1.12 3.03 -50.15
CA ALA A 136 -0.62 4.18 -49.42
C ALA A 136 0.09 3.74 -48.15
N ILE A 137 -0.52 2.81 -47.46
CA ILE A 137 0.02 2.31 -46.21
C ILE A 137 1.37 1.62 -46.42
N ASN A 138 1.41 0.70 -47.39
CA ASN A 138 2.61 -0.07 -47.66
C ASN A 138 3.76 0.75 -48.25
N THR A 139 3.45 1.95 -48.76
CA THR A 139 4.44 2.79 -49.41
C THR A 139 4.90 3.97 -48.56
N ASN A 140 3.94 4.77 -48.10
CA ASN A 140 4.24 6.00 -47.38
C ASN A 140 4.46 5.79 -45.89
N TRP A 141 3.91 4.71 -45.34
CA TRP A 141 3.99 4.49 -43.91
C TRP A 141 4.83 3.25 -43.59
N THR A 142 5.99 3.16 -44.21
CA THR A 142 6.94 2.09 -43.94
C THR A 142 7.66 2.31 -42.61
N GLN A 143 7.51 3.50 -42.04
CA GLN A 143 8.02 3.77 -40.71
C GLN A 143 7.21 3.00 -39.68
N HIS A 144 6.13 2.38 -40.15
CA HIS A 144 5.28 1.59 -39.27
C HIS A 144 5.16 0.15 -39.74
N VAL A 145 4.61 -0.03 -40.94
CA VAL A 145 4.32 -1.36 -41.45
C VAL A 145 5.56 -2.06 -42.01
N ALA A 146 6.62 -1.28 -42.25
CA ALA A 146 7.88 -1.79 -42.77
C ALA A 146 7.69 -2.71 -43.97
N GLN A 147 8.30 -3.89 -43.92
CA GLN A 147 8.17 -4.86 -45.00
C GLN A 147 7.14 -5.93 -44.65
N THR A 148 6.59 -5.86 -43.44
CA THR A 148 5.46 -6.71 -43.11
C THR A 148 4.29 -6.28 -43.99
N GLY A 149 3.92 -5.00 -43.87
CA GLY A 149 2.86 -4.45 -44.71
C GLY A 149 1.48 -4.93 -44.34
N VAL A 150 0.48 -4.50 -45.10
CA VAL A 150 -0.90 -4.91 -44.88
C VAL A 150 -1.58 -5.30 -46.18
N THR A 151 -2.67 -6.04 -46.05
CA THR A 151 -3.53 -6.36 -47.17
C THR A 151 -4.97 -6.03 -46.75
N CYS A 152 -5.96 -6.43 -47.54
CA CYS A 152 -7.34 -6.17 -47.16
C CYS A 152 -7.72 -6.95 -45.90
N TYR A 153 -7.17 -8.15 -45.78
CA TYR A 153 -7.53 -9.07 -44.70
C TYR A 153 -7.10 -8.51 -43.33
N THR A 154 -5.99 -7.76 -43.30
CA THR A 154 -5.42 -7.29 -42.03
C THR A 154 -6.48 -6.57 -41.20
N CYS A 155 -7.49 -6.02 -41.88
CA CYS A 155 -8.58 -5.35 -41.20
C CYS A 155 -9.91 -6.09 -41.32
N HIS A 156 -10.13 -6.70 -42.48
CA HIS A 156 -11.43 -7.31 -42.77
C HIS A 156 -11.56 -8.71 -42.20
N ARG A 157 -10.49 -9.49 -42.29
CA ARG A 157 -10.47 -10.85 -41.75
C ARG A 157 -11.58 -11.72 -42.35
N GLY A 158 -11.89 -11.51 -43.63
CA GLY A 158 -12.86 -12.33 -44.33
C GLY A 158 -14.29 -11.81 -44.36
N THR A 159 -14.49 -10.56 -43.96
CA THR A 159 -15.83 -9.96 -43.97
C THR A 159 -15.80 -8.52 -44.48
N PRO A 160 -16.85 -8.12 -45.21
CA PRO A 160 -16.98 -6.74 -45.71
C PRO A 160 -16.91 -5.69 -44.60
N LEU A 161 -17.53 -5.98 -43.45
CA LEU A 161 -17.39 -5.11 -42.28
C LEU A 161 -16.27 -5.61 -41.37
N PRO A 162 -15.18 -4.83 -41.26
CA PRO A 162 -14.10 -5.16 -40.33
C PRO A 162 -14.64 -5.36 -38.93
N PRO A 163 -14.16 -6.39 -38.22
CA PRO A 163 -14.65 -6.69 -36.87
C PRO A 163 -14.42 -5.56 -35.87
N TYR A 164 -13.27 -4.91 -35.93
CA TYR A 164 -12.94 -3.88 -34.95
C TYR A 164 -12.87 -2.49 -35.56
N VAL A 165 -13.97 -1.75 -35.42
CA VAL A 165 -14.05 -0.38 -35.89
C VAL A 165 -14.47 0.52 -34.72
N ARG A 166 -14.37 1.84 -34.91
CA ARG A 166 -14.77 2.77 -33.86
C ARG A 166 -15.51 3.96 -34.45
N TYR A 167 -16.66 4.30 -33.85
CA TYR A 167 -17.44 5.46 -34.28
C TYR A 167 -17.02 6.68 -33.47
N LEU A 168 -17.76 7.77 -33.59
CA LEU A 168 -17.40 9.00 -32.87
C LEU A 168 -17.82 8.97 -31.40
N GLU A 169 -17.93 7.76 -30.85
CA GLU A 169 -18.36 7.57 -29.47
C GLU A 169 -18.15 6.11 -29.11
N PRO A 170 -18.05 5.82 -27.80
CA PRO A 170 -17.87 4.43 -27.36
C PRO A 170 -19.01 3.51 -27.78
N THR A 171 -18.68 2.36 -28.34
CA THR A 171 -19.65 1.33 -28.69
C THR A 171 -19.22 -0.01 -28.09
N LEU A 172 -20.17 -0.93 -27.92
CA LEU A 172 -19.88 -2.25 -27.36
C LEU A 172 -20.80 -3.32 -27.97
N PRO A 173 -20.27 -4.53 -28.23
CA PRO A 173 -18.89 -4.98 -27.97
C PRO A 173 -17.87 -4.39 -28.93
N LEU A 174 -16.59 -4.53 -28.59
CA LEU A 174 -15.50 -4.04 -29.42
C LEU A 174 -15.52 -4.72 -30.78
N ASN A 175 -15.83 -6.02 -30.75
CA ASN A 175 -16.01 -6.82 -31.96
C ASN A 175 -17.47 -6.77 -32.42
N ASN A 176 -17.71 -6.23 -33.61
CA ASN A 176 -19.08 -6.05 -34.10
C ASN A 176 -19.69 -7.33 -34.65
N ARG A 177 -18.93 -8.41 -34.63
CA ARG A 177 -19.46 -9.72 -35.01
C ARG A 177 -20.22 -10.33 -33.84
N GLU A 178 -20.06 -9.71 -32.66
CA GLU A 178 -20.74 -10.18 -31.45
C GLU A 178 -22.05 -9.43 -31.20
N THR A 179 -23.04 -10.16 -30.69
CA THR A 179 -24.33 -9.59 -30.36
C THR A 179 -24.23 -8.67 -29.15
N PRO A 180 -24.69 -7.42 -29.29
CA PRO A 180 -24.65 -6.49 -28.17
C PRO A 180 -25.77 -6.76 -27.17
N THR A 181 -25.52 -6.54 -25.89
CA THR A 181 -26.60 -6.63 -24.91
C THR A 181 -27.44 -5.36 -25.02
N HIS A 182 -28.49 -5.26 -24.20
CA HIS A 182 -29.30 -4.05 -24.22
C HIS A 182 -28.54 -2.86 -23.64
N VAL A 183 -27.82 -3.10 -22.55
CA VAL A 183 -27.07 -2.05 -21.87
C VAL A 183 -25.80 -1.69 -22.64
N GLU A 184 -25.38 -2.60 -23.52
CA GLU A 184 -24.21 -2.37 -24.36
C GLU A 184 -24.55 -1.51 -25.58
N ARG A 185 -25.80 -1.55 -26.02
CA ARG A 185 -26.24 -0.75 -27.15
C ARG A 185 -26.01 0.72 -26.87
N VAL A 186 -25.60 1.46 -27.90
CA VAL A 186 -25.22 2.87 -27.75
C VAL A 186 -26.41 3.74 -27.34
N GLU A 187 -27.63 3.29 -27.65
CA GLU A 187 -28.83 4.05 -27.35
C GLU A 187 -29.14 4.04 -25.85
N THR A 188 -28.77 2.96 -25.18
CA THR A 188 -28.96 2.86 -23.74
C THR A 188 -27.88 3.68 -23.03
N ARG A 189 -28.28 4.82 -22.47
CA ARG A 189 -27.33 5.77 -21.92
C ARG A 189 -26.91 5.39 -20.50
N SER A 190 -27.69 4.52 -19.87
CA SER A 190 -27.36 4.05 -18.52
C SER A 190 -26.04 3.28 -18.52
N GLY A 191 -25.65 2.77 -19.69
CA GLY A 191 -24.44 1.98 -19.80
C GLY A 191 -23.28 2.67 -20.49
N TYR A 192 -23.26 4.00 -20.45
CA TYR A 192 -22.21 4.75 -21.13
C TYR A 192 -20.84 4.57 -20.46
N VAL A 193 -20.84 4.51 -19.13
CA VAL A 193 -19.59 4.42 -18.39
C VAL A 193 -18.85 3.12 -18.70
N VAL A 194 -19.60 2.05 -18.90
CA VAL A 194 -19.02 0.75 -19.20
C VAL A 194 -18.40 0.73 -20.58
N ARG A 195 -19.09 1.33 -21.54
CA ARG A 195 -18.58 1.46 -22.90
C ARG A 195 -17.25 2.20 -22.91
N LEU A 196 -17.19 3.22 -22.06
CA LEU A 196 -15.98 4.02 -21.91
C LEU A 196 -14.88 3.22 -21.22
N ALA A 197 -15.26 2.44 -20.20
CA ALA A 197 -14.32 1.64 -19.42
C ALA A 197 -13.67 0.54 -20.25
N LYS A 198 -14.48 -0.15 -21.05
CA LYS A 198 -13.99 -1.32 -21.78
C LYS A 198 -13.15 -0.94 -22.98
N TYR A 199 -13.20 0.33 -23.37
CA TYR A 199 -12.32 0.81 -24.43
C TYR A 199 -11.00 1.27 -23.80
N THR A 200 -10.99 1.38 -22.49
CA THR A 200 -9.80 1.84 -21.77
C THR A 200 -9.30 0.81 -20.75
N ALA A 201 -9.46 -0.46 -21.09
CA ALA A 201 -9.02 -1.58 -20.25
C ALA A 201 -9.67 -1.57 -18.86
N TYR A 202 -10.97 -1.28 -18.81
CA TYR A 202 -11.78 -1.34 -17.59
C TYR A 202 -11.43 -0.29 -16.54
N SER A 203 -10.78 0.80 -16.94
CA SER A 203 -10.52 1.88 -16.00
C SER A 203 -11.74 2.80 -15.95
N ALA A 204 -11.80 3.67 -14.94
CA ALA A 204 -12.92 4.60 -14.81
C ALA A 204 -12.57 5.95 -15.41
N LEU A 205 -11.47 5.99 -16.16
CA LEU A 205 -11.08 7.21 -16.86
C LEU A 205 -12.24 7.69 -17.73
N ASN A 206 -12.67 8.92 -17.48
CA ASN A 206 -13.88 9.45 -18.10
C ASN A 206 -13.58 10.11 -19.46
N TYR A 207 -12.83 9.43 -20.31
CA TYR A 207 -12.41 10.01 -21.59
C TYR A 207 -12.37 8.98 -22.73
N ASP A 208 -12.72 9.43 -23.93
CA ASP A 208 -12.70 8.60 -25.14
C ASP A 208 -11.48 8.92 -25.99
N PRO A 209 -10.42 8.11 -25.86
CA PRO A 209 -9.16 8.40 -26.55
C PRO A 209 -9.24 8.39 -28.07
N PHE A 210 -10.27 7.76 -28.64
CA PHE A 210 -10.35 7.68 -30.09
C PHE A 210 -10.63 9.03 -30.72
N THR A 211 -11.73 9.64 -30.31
CA THR A 211 -12.13 10.93 -30.85
C THR A 211 -11.17 12.05 -30.39
N MET A 212 -10.66 11.94 -29.18
CA MET A 212 -9.75 12.94 -28.67
C MET A 212 -8.42 12.92 -29.42
N PHE A 213 -7.90 11.73 -29.67
CA PHE A 213 -6.54 11.60 -30.18
C PHE A 213 -6.41 11.02 -31.59
N LEU A 214 -7.10 9.91 -31.84
CA LEU A 214 -6.86 9.11 -33.05
C LEU A 214 -7.72 9.48 -34.27
N ALA A 215 -8.86 10.15 -34.05
CA ALA A 215 -9.75 10.52 -35.14
C ALA A 215 -9.18 11.64 -36.00
N ASN A 216 -8.35 12.49 -35.38
CA ASN A 216 -7.72 13.62 -36.07
C ASN A 216 -6.42 14.07 -35.42
N ASP A 217 -5.80 15.09 -35.99
CA ASP A 217 -4.51 15.59 -35.53
C ASP A 217 -4.64 16.83 -34.66
N LYS A 218 -5.80 17.01 -34.04
CA LYS A 218 -6.07 18.24 -33.32
C LYS A 218 -5.34 18.36 -31.98
N ARG A 219 -5.33 17.29 -31.18
CA ARG A 219 -4.76 17.40 -29.84
C ARG A 219 -3.47 16.62 -29.61
N GLN A 220 -2.78 17.02 -28.54
CA GLN A 220 -1.44 16.58 -28.21
C GLN A 220 -1.45 15.50 -27.14
N VAL A 221 -0.87 14.35 -27.46
CA VAL A 221 -0.81 13.23 -26.51
C VAL A 221 0.13 13.53 -25.33
N ARG A 222 1.22 14.26 -25.60
CA ARG A 222 2.21 14.56 -24.58
C ARG A 222 1.72 15.65 -23.63
N VAL A 223 1.83 15.39 -22.32
CA VAL A 223 1.35 16.31 -21.28
C VAL A 223 2.34 16.52 -20.14
N VAL A 224 3.47 15.85 -20.19
CA VAL A 224 4.50 15.94 -19.16
C VAL A 224 5.61 16.89 -19.58
N PRO A 225 5.92 17.88 -18.73
CA PRO A 225 6.92 18.94 -18.95
C PRO A 225 8.35 18.43 -19.18
N GLN A 226 9.13 19.17 -19.96
CA GLN A 226 10.49 18.78 -20.28
C GLN A 226 11.52 19.67 -19.59
N THR A 227 11.08 20.40 -18.57
CA THR A 227 12.01 21.13 -17.69
C THR A 227 11.73 20.74 -16.26
N ALA A 228 12.71 20.94 -15.39
CA ALA A 228 12.53 20.64 -13.98
C ALA A 228 11.55 21.62 -13.37
N LEU A 229 11.82 22.91 -13.56
CA LEU A 229 11.02 23.98 -12.97
C LEU A 229 9.88 24.42 -13.87
N PRO A 230 8.80 24.94 -13.29
CA PRO A 230 7.69 25.46 -14.09
C PRO A 230 8.12 26.66 -14.94
N LEU A 231 7.79 26.61 -16.23
CA LEU A 231 8.15 27.67 -17.15
C LEU A 231 7.17 28.83 -17.07
N VAL A 232 7.67 30.04 -16.85
CA VAL A 232 6.82 31.21 -16.67
C VAL A 232 6.05 31.51 -17.96
N GLY A 233 4.76 31.79 -17.82
CA GLY A 233 3.91 32.13 -18.95
C GLY A 233 3.01 30.99 -19.35
N VAL A 234 3.32 29.79 -18.85
CA VAL A 234 2.54 28.60 -19.16
C VAL A 234 2.24 27.78 -17.91
N SER A 235 2.41 28.37 -16.73
CA SER A 235 2.33 27.61 -15.50
C SER A 235 1.36 28.20 -14.47
N ARG A 236 0.61 29.22 -14.85
CA ARG A 236 -0.32 29.84 -13.91
C ARG A 236 -1.65 30.18 -14.53
N GLY A 237 -2.73 29.79 -13.86
CA GLY A 237 -4.07 30.16 -14.29
C GLY A 237 -4.44 29.56 -15.63
N LYS A 238 -4.97 30.40 -16.52
CA LYS A 238 -5.49 29.93 -17.80
C LYS A 238 -4.39 29.77 -18.85
N GLU A 239 -3.14 29.94 -18.44
CA GLU A 239 -2.00 29.62 -19.30
C GLU A 239 -1.80 28.11 -19.31
N ARG A 240 -2.28 27.47 -18.24
CA ARG A 240 -2.07 26.04 -18.06
C ARG A 240 -3.09 25.19 -18.80
N ARG A 241 -2.64 24.03 -19.26
CA ARG A 241 -3.56 22.99 -19.72
C ARG A 241 -4.25 22.42 -18.49
N PRO A 242 -5.54 22.07 -18.60
CA PRO A 242 -6.22 21.46 -17.46
C PRO A 242 -5.64 20.08 -17.16
N LEU A 243 -5.73 19.62 -15.91
CA LEU A 243 -5.19 18.32 -15.54
C LEU A 243 -5.92 17.20 -16.28
N SER A 244 -7.11 17.51 -16.78
CA SER A 244 -7.92 16.57 -17.54
C SER A 244 -7.15 15.96 -18.71
N ASP A 245 -6.23 16.72 -19.29
CA ASP A 245 -5.45 16.25 -20.43
C ASP A 245 -4.60 15.03 -20.09
N ALA A 246 -4.00 15.03 -18.90
CA ALA A 246 -3.16 13.92 -18.46
C ALA A 246 -4.00 12.66 -18.25
N TYR A 247 -5.22 12.85 -17.76
CA TYR A 247 -6.18 11.75 -17.68
C TYR A 247 -6.39 11.11 -19.05
N ALA A 248 -6.74 11.94 -20.03
CA ALA A 248 -7.04 11.46 -21.37
C ALA A 248 -5.84 10.77 -22.01
N THR A 249 -4.65 11.29 -21.74
CA THR A 249 -3.43 10.67 -22.23
C THR A 249 -3.31 9.28 -21.63
N PHE A 250 -3.60 9.20 -20.33
CA PHE A 250 -3.61 7.91 -19.64
C PHE A 250 -4.64 7.01 -20.32
N ALA A 251 -5.77 7.58 -20.73
CA ALA A 251 -6.83 6.81 -21.36
C ALA A 251 -6.40 6.25 -22.71
N LEU A 252 -5.70 7.07 -23.50
CA LEU A 252 -5.16 6.62 -24.79
C LEU A 252 -4.19 5.47 -24.59
N MET A 253 -3.35 5.61 -23.59
CA MET A 253 -2.34 4.62 -23.28
C MET A 253 -2.97 3.31 -22.82
N MET A 254 -3.98 3.38 -21.98
CA MET A 254 -4.70 2.20 -21.56
C MET A 254 -5.27 1.50 -22.78
N SER A 255 -5.81 2.29 -23.69
CA SER A 255 -6.48 1.75 -24.88
C SER A 255 -5.51 1.09 -25.84
N ILE A 256 -4.37 1.76 -26.09
CA ILE A 256 -3.34 1.25 -26.98
C ILE A 256 -2.75 -0.07 -26.46
N SER A 257 -2.49 -0.10 -25.16
CA SER A 257 -1.95 -1.28 -24.48
C SER A 257 -2.84 -2.50 -24.67
N ASP A 258 -4.15 -2.32 -24.45
CA ASP A 258 -5.10 -3.42 -24.58
C ASP A 258 -5.25 -3.81 -26.06
N SER A 259 -5.14 -2.82 -26.94
CA SER A 259 -5.25 -3.06 -28.38
C SER A 259 -4.10 -3.93 -28.90
N LEU A 260 -2.91 -3.76 -28.34
CA LEU A 260 -1.75 -4.55 -28.73
C LEU A 260 -1.58 -5.78 -27.84
N GLY A 261 -2.34 -5.82 -26.75
CA GLY A 261 -2.23 -6.92 -25.80
C GLY A 261 -0.94 -6.90 -25.00
N THR A 262 -0.49 -5.71 -24.61
CA THR A 262 0.66 -5.61 -23.73
C THR A 262 0.46 -4.58 -22.62
N ASN A 263 1.54 -4.26 -21.93
CA ASN A 263 1.57 -3.22 -20.91
C ASN A 263 2.55 -2.11 -21.29
N CYS A 264 2.73 -1.15 -20.38
CA CYS A 264 3.56 0.04 -20.61
C CYS A 264 5.02 -0.28 -20.92
N THR A 265 5.59 -1.21 -20.17
CA THR A 265 7.02 -1.46 -20.22
C THR A 265 7.46 -2.06 -21.55
N PHE A 266 6.49 -2.33 -22.42
CA PHE A 266 6.78 -2.77 -23.77
C PHE A 266 7.43 -1.64 -24.58
N CYS A 267 7.20 -0.42 -24.10
CA CYS A 267 7.67 0.79 -24.78
C CYS A 267 8.41 1.74 -23.85
N HIS A 268 7.91 1.89 -22.63
CA HIS A 268 8.45 2.86 -21.68
C HIS A 268 9.33 2.24 -20.60
N ASN A 269 10.30 3.01 -20.15
CA ASN A 269 10.82 2.83 -18.80
C ASN A 269 10.03 3.79 -17.94
N ALA A 270 9.14 3.26 -17.11
CA ALA A 270 8.17 4.09 -16.41
C ALA A 270 8.83 4.96 -15.36
N GLN A 271 10.16 4.89 -15.28
CA GLN A 271 10.95 5.83 -14.50
C GLN A 271 10.65 7.25 -14.93
N THR A 272 10.45 7.41 -16.24
CA THR A 272 10.19 8.70 -16.85
C THR A 272 9.54 8.50 -18.23
N PHE A 273 8.20 8.36 -18.22
CA PHE A 273 7.43 8.16 -19.45
C PHE A 273 7.77 9.19 -20.55
N GLU A 274 8.09 10.41 -20.14
CA GLU A 274 8.28 11.52 -21.07
C GLU A 274 9.59 11.47 -21.84
N SER A 275 10.49 10.58 -21.42
CA SER A 275 11.85 10.54 -21.95
C SER A 275 12.06 9.47 -23.02
N TRP A 276 12.85 9.81 -24.03
CA TRP A 276 13.26 8.85 -25.05
C TRP A 276 14.69 8.39 -24.80
N GLY A 277 15.42 8.04 -25.86
CA GLY A 277 16.72 7.44 -25.69
C GLY A 277 16.57 6.13 -24.95
N LYS A 278 17.45 5.85 -24.00
CA LYS A 278 17.43 4.58 -23.30
C LYS A 278 16.18 4.40 -22.43
N LYS A 279 15.37 5.45 -22.30
CA LYS A 279 14.19 5.40 -21.43
C LYS A 279 12.97 4.92 -22.20
N SER A 280 13.20 4.56 -23.46
CA SER A 280 12.13 4.03 -24.31
C SER A 280 12.63 2.87 -25.20
N THR A 281 11.69 2.06 -25.68
CA THR A 281 12.01 0.94 -26.56
C THR A 281 11.74 1.32 -28.01
N PRO A 282 12.48 0.71 -28.95
CA PRO A 282 12.28 0.96 -30.39
C PRO A 282 10.81 0.83 -30.82
N GLN A 283 10.02 0.10 -30.03
CA GLN A 283 8.61 -0.07 -30.33
C GLN A 283 7.83 1.21 -30.09
N ARG A 284 8.24 1.99 -29.09
CA ARG A 284 7.54 3.23 -28.82
C ARG A 284 7.64 4.17 -30.02
N ALA A 285 8.83 4.23 -30.63
CA ALA A 285 9.02 5.06 -31.83
C ALA A 285 8.17 4.56 -32.97
N ILE A 286 8.13 3.24 -33.15
CA ILE A 286 7.27 2.64 -34.16
C ILE A 286 5.83 3.00 -33.86
N ALA A 287 5.48 2.94 -32.58
CA ALA A 287 4.15 3.27 -32.12
C ALA A 287 3.79 4.72 -32.44
N TRP A 288 4.78 5.60 -32.29
CA TRP A 288 4.61 7.01 -32.60
C TRP A 288 4.22 7.21 -34.05
N TRP A 289 4.85 6.43 -34.94
CA TRP A 289 4.57 6.48 -36.36
C TRP A 289 3.20 5.88 -36.69
N GLY A 290 2.67 5.10 -35.75
CA GLY A 290 1.37 4.48 -35.91
C GLY A 290 0.25 5.48 -35.70
N ILE A 291 0.35 6.26 -34.64
CA ILE A 291 -0.59 7.34 -34.37
C ILE A 291 -0.66 8.29 -35.56
N ARG A 292 0.50 8.66 -36.09
CA ARG A 292 0.57 9.51 -37.27
C ARG A 292 -0.11 8.85 -38.46
N MET A 293 0.13 7.56 -38.61
CA MET A 293 -0.45 6.79 -39.71
C MET A 293 -1.96 6.66 -39.56
N VAL A 294 -2.42 6.36 -38.35
CA VAL A 294 -3.84 6.17 -38.09
C VAL A 294 -4.64 7.44 -38.32
N ARG A 295 -4.06 8.59 -37.95
CA ARG A 295 -4.70 9.88 -38.19
C ARG A 295 -4.87 10.12 -39.68
N ASP A 296 -3.81 9.82 -40.43
CA ASP A 296 -3.84 9.93 -41.89
C ASP A 296 -4.97 9.11 -42.48
N LEU A 297 -5.02 7.83 -42.12
CA LEU A 297 -6.04 6.91 -42.61
C LEU A 297 -7.45 7.40 -42.31
N ASN A 298 -7.67 7.86 -41.09
CA ASN A 298 -8.99 8.35 -40.70
C ASN A 298 -9.34 9.62 -41.46
N MET A 299 -8.48 10.64 -41.35
CA MET A 299 -8.77 11.96 -41.91
C MET A 299 -8.89 12.02 -43.44
N ASN A 300 -8.11 11.20 -44.14
CA ASN A 300 -8.02 11.34 -45.59
C ASN A 300 -8.56 10.16 -46.40
N TYR A 301 -8.97 9.10 -45.73
CA TYR A 301 -9.43 7.92 -46.45
C TYR A 301 -10.76 7.39 -45.91
N LEU A 302 -10.81 7.17 -44.60
CA LEU A 302 -11.94 6.49 -43.99
C LEU A 302 -13.10 7.42 -43.65
N ALA A 303 -12.80 8.55 -43.01
CA ALA A 303 -13.84 9.52 -42.67
C ALA A 303 -14.59 10.08 -43.89
N PRO A 304 -13.88 10.41 -44.99
CA PRO A 304 -14.61 10.91 -46.17
C PRO A 304 -15.48 9.86 -46.88
N LEU A 305 -15.58 8.67 -46.32
CA LEU A 305 -16.33 7.59 -46.96
C LEU A 305 -17.80 7.59 -46.61
N ASN A 306 -18.20 8.44 -45.67
CA ASN A 306 -19.61 8.49 -45.26
C ASN A 306 -20.50 8.94 -46.41
N ALA A 307 -19.89 9.53 -47.44
CA ALA A 307 -20.60 10.00 -48.62
C ALA A 307 -20.86 8.87 -49.61
N SER A 308 -20.25 7.72 -49.36
CA SER A 308 -20.31 6.59 -50.30
C SER A 308 -20.91 5.33 -49.66
N LEU A 309 -20.88 5.24 -48.34
CA LEU A 309 -21.50 4.13 -47.61
C LEU A 309 -22.99 4.36 -47.42
N PRO A 310 -23.78 3.26 -47.42
CA PRO A 310 -25.22 3.39 -47.15
C PRO A 310 -25.49 3.90 -45.75
N ALA A 311 -26.68 4.46 -45.52
CA ALA A 311 -27.05 5.00 -44.22
C ALA A 311 -26.87 3.99 -43.09
N SER A 312 -27.10 2.71 -43.41
CA SER A 312 -27.03 1.64 -42.43
C SER A 312 -25.62 1.38 -41.89
N ARG A 313 -24.61 1.88 -42.58
CA ARG A 313 -23.23 1.72 -42.12
C ARG A 313 -22.85 2.84 -41.17
N LEU A 314 -23.54 3.97 -41.31
CA LEU A 314 -23.12 5.20 -40.65
C LEU A 314 -23.47 5.24 -39.17
N GLY A 315 -22.67 5.97 -38.40
CA GLY A 315 -22.92 6.14 -36.98
C GLY A 315 -24.02 7.15 -36.70
N ARG A 316 -24.17 7.52 -35.43
CA ARG A 316 -25.26 8.39 -35.02
C ARG A 316 -25.04 9.87 -35.35
N GLN A 317 -23.83 10.21 -35.78
CA GLN A 317 -23.55 11.57 -36.21
C GLN A 317 -23.17 11.60 -37.69
N GLY A 318 -23.66 10.60 -38.43
CA GLY A 318 -23.40 10.50 -39.85
C GLY A 318 -21.96 10.16 -40.16
N GLU A 319 -21.31 9.46 -39.24
CA GLU A 319 -19.90 9.12 -39.42
C GLU A 319 -19.74 7.72 -40.01
N ALA A 320 -18.71 7.56 -40.82
CA ALA A 320 -18.32 6.25 -41.31
C ALA A 320 -17.39 5.59 -40.29
N PRO A 321 -17.41 4.25 -40.21
CA PRO A 321 -16.48 3.52 -39.35
C PRO A 321 -15.02 3.91 -39.60
N GLN A 322 -14.29 4.15 -38.52
CA GLN A 322 -12.89 4.57 -38.63
C GLN A 322 -11.99 3.66 -37.80
N ALA A 323 -10.69 3.66 -38.09
CA ALA A 323 -9.77 2.70 -37.49
C ALA A 323 -8.97 3.22 -36.30
N ASP A 324 -8.73 2.33 -35.33
CA ASP A 324 -7.73 2.59 -34.28
C ASP A 324 -6.62 1.53 -34.38
N CYS A 325 -5.88 1.39 -33.29
CA CYS A 325 -4.85 0.39 -33.16
C CYS A 325 -5.39 -0.98 -33.48
N ARG A 326 -6.42 -1.32 -32.73
CA ARG A 326 -6.93 -2.67 -32.64
C ARG A 326 -7.44 -3.21 -33.97
N THR A 327 -7.88 -2.30 -34.83
CA THR A 327 -8.44 -2.64 -36.13
C THR A 327 -7.58 -3.64 -36.89
N CYS A 328 -6.26 -3.54 -36.73
CA CYS A 328 -5.33 -4.43 -37.39
C CYS A 328 -4.71 -5.42 -36.42
N HIS A 329 -4.38 -4.94 -35.22
CA HIS A 329 -3.67 -5.75 -34.24
C HIS A 329 -4.58 -6.77 -33.57
N GLN A 330 -5.74 -6.31 -33.12
CA GLN A 330 -6.75 -7.18 -32.55
C GLN A 330 -6.24 -7.96 -31.33
N GLY A 331 -5.30 -7.34 -30.61
CA GLY A 331 -4.79 -7.91 -29.37
C GLY A 331 -3.35 -8.40 -29.43
N VAL A 332 -2.66 -8.09 -30.53
CA VAL A 332 -1.29 -8.58 -30.71
C VAL A 332 -0.29 -7.45 -30.99
N THR A 333 0.94 -7.59 -30.49
CA THR A 333 2.00 -6.59 -30.70
C THR A 333 2.24 -6.34 -32.19
N LYS A 334 2.20 -7.41 -32.99
CA LYS A 334 2.27 -7.30 -34.44
C LYS A 334 1.01 -7.89 -35.07
N PRO A 335 0.45 -7.23 -36.07
CA PRO A 335 -0.78 -7.77 -36.68
C PRO A 335 -0.51 -9.14 -37.28
N LEU A 336 -1.33 -10.13 -36.92
CA LEU A 336 -1.18 -11.48 -37.43
C LEU A 336 0.20 -12.05 -37.12
N PHE A 337 0.79 -11.58 -36.02
CA PHE A 337 2.07 -12.08 -35.51
C PHE A 337 3.21 -11.97 -36.52
N GLY A 338 3.13 -10.99 -37.41
CA GLY A 338 4.22 -10.70 -38.32
C GLY A 338 4.03 -11.30 -39.70
N ALA A 339 2.90 -12.00 -39.87
CA ALA A 339 2.59 -12.63 -41.15
C ALA A 339 2.46 -11.57 -42.23
N SER A 340 3.05 -11.84 -43.40
CA SER A 340 3.03 -10.89 -44.51
C SER A 340 2.72 -11.55 -45.85
N ARG A 341 2.24 -10.72 -46.77
CA ARG A 341 2.01 -11.15 -48.15
C ARG A 341 2.65 -10.15 -49.08
N LEU A 342 3.55 -9.34 -48.53
CA LEU A 342 4.05 -8.14 -49.21
C LEU A 342 4.66 -8.44 -50.57
N LYS A 343 5.52 -9.46 -50.63
CA LYS A 343 6.18 -9.81 -51.88
C LYS A 343 5.25 -10.68 -52.73
N ASP A 344 4.21 -11.23 -52.09
CA ASP A 344 3.23 -12.04 -52.81
C ASP A 344 2.27 -11.20 -53.64
N TYR A 345 2.07 -9.94 -53.22
CA TYR A 345 1.23 -9.00 -53.96
C TYR A 345 1.85 -7.60 -53.97
N PRO A 346 2.87 -7.40 -54.82
CA PRO A 346 3.59 -6.13 -54.90
C PRO A 346 2.73 -4.99 -55.41
N GLU A 347 1.61 -5.31 -56.05
CA GLU A 347 0.69 -4.31 -56.56
C GLU A 347 0.03 -3.57 -55.41
N LEU A 348 0.06 -4.17 -54.23
CA LEU A 348 -0.50 -3.56 -53.04
C LEU A 348 0.49 -2.64 -52.34
N GLY A 349 1.70 -2.56 -52.87
CA GLY A 349 2.72 -1.71 -52.29
C GLY A 349 3.92 -2.46 -51.75
N PRO A 350 5.07 -1.77 -51.64
CA PRO A 350 5.28 -0.35 -51.97
C PRO A 350 5.24 -0.05 -53.48
N ILE A 351 4.93 1.18 -53.83
CA ILE A 351 4.72 1.57 -55.22
C ILE A 351 5.82 2.49 -55.75
N LYS A 352 6.40 2.12 -56.89
CA LYS A 352 7.46 2.91 -57.50
C LYS A 352 6.93 4.21 -58.09
N ALA B 2 27.25 1.83 31.45
CA ALA B 2 27.07 0.70 30.54
C ALA B 2 25.69 0.06 30.75
N LEU B 3 25.18 0.18 31.98
CA LEU B 3 23.92 -0.44 32.38
C LEU B 3 22.88 0.60 32.81
N LEU B 4 21.60 0.33 32.55
CA LEU B 4 20.53 1.17 33.07
C LEU B 4 20.44 1.04 34.59
N SER B 5 19.81 2.02 35.24
CA SER B 5 19.72 2.04 36.71
C SER B 5 18.99 0.82 37.28
N PHE B 6 18.14 0.19 36.47
CA PHE B 6 17.37 -0.96 36.90
C PHE B 6 17.72 -2.22 36.11
N GLU B 7 18.89 -2.24 35.51
CA GLU B 7 19.21 -3.27 34.51
C GLU B 7 19.87 -4.53 35.05
N ARG B 8 20.92 -4.39 35.86
CA ARG B 8 21.72 -5.54 36.27
C ARG B 8 20.87 -6.60 36.99
N LYS B 9 19.73 -6.15 37.53
CA LYS B 9 18.71 -7.03 38.09
C LYS B 9 18.35 -8.21 37.17
N TYR B 10 18.43 -7.98 35.87
CA TYR B 10 17.91 -8.88 34.85
C TYR B 10 18.96 -9.70 34.12
N ARG B 11 20.18 -9.17 34.02
CA ARG B 11 21.22 -9.80 33.22
C ARG B 11 21.71 -11.14 33.79
N VAL B 12 20.80 -12.10 33.91
CA VAL B 12 21.14 -13.45 34.34
C VAL B 12 21.42 -14.34 33.13
N ARG B 13 22.04 -15.49 33.37
CA ARG B 13 22.29 -16.44 32.31
C ARG B 13 21.01 -17.16 31.94
N GLY B 14 20.99 -17.76 30.74
CA GLY B 14 19.88 -18.61 30.34
C GLY B 14 18.95 -18.04 29.28
N GLY B 15 18.00 -18.86 28.84
CA GLY B 15 17.06 -18.46 27.81
C GLY B 15 17.63 -18.66 26.42
N THR B 16 18.71 -19.43 26.33
CA THR B 16 19.33 -19.69 25.04
C THR B 16 18.52 -20.75 24.34
N LEU B 17 18.53 -20.71 23.02
CA LEU B 17 17.95 -21.75 22.18
C LEU B 17 19.04 -22.76 21.89
N ILE B 18 20.21 -22.25 21.51
CA ILE B 18 21.40 -23.06 21.28
C ILE B 18 22.63 -22.26 21.67
N GLY B 19 23.66 -22.95 22.16
CA GLY B 19 24.90 -22.29 22.56
C GLY B 19 25.18 -22.40 24.04
N GLY B 20 24.13 -22.41 24.84
CA GLY B 20 24.27 -22.52 26.28
C GLY B 20 24.96 -21.30 26.88
N ASP B 21 26.03 -21.54 27.62
CA ASP B 21 26.77 -20.44 28.26
C ASP B 21 27.81 -19.83 27.33
N LEU B 22 28.16 -20.55 26.27
CA LEU B 22 29.27 -20.18 25.39
C LEU B 22 29.13 -18.78 24.78
N PHE B 23 27.94 -18.48 24.27
CA PHE B 23 27.70 -17.17 23.67
C PHE B 23 26.77 -16.32 24.53
N ASP B 24 26.45 -16.82 25.72
CA ASP B 24 25.54 -16.13 26.63
C ASP B 24 26.26 -15.01 27.37
N PHE B 25 26.39 -13.86 26.71
CA PHE B 25 27.03 -12.69 27.32
C PHE B 25 26.66 -11.40 26.58
N TRP B 26 27.09 -10.27 27.11
CA TRP B 26 26.77 -8.97 26.51
C TRP B 26 27.99 -8.24 25.96
N VAL B 27 27.78 -7.51 24.87
CA VAL B 27 28.79 -6.59 24.34
C VAL B 27 28.23 -5.17 24.40
N GLY B 28 28.65 -4.44 25.43
CA GLY B 28 28.06 -3.14 25.71
C GLY B 28 26.63 -3.31 26.18
N PRO B 29 25.68 -2.70 25.44
CA PRO B 29 24.25 -2.87 25.69
C PRO B 29 23.64 -4.02 24.89
N TYR B 30 24.38 -4.51 23.90
CA TYR B 30 23.89 -5.56 23.02
C TYR B 30 24.05 -6.96 23.62
N PHE B 31 22.96 -7.73 23.58
CA PHE B 31 23.06 -9.15 23.87
C PHE B 31 23.62 -9.87 22.64
N VAL B 32 24.38 -10.92 22.86
CA VAL B 32 24.98 -11.65 21.75
C VAL B 32 24.20 -12.93 21.48
N GLY B 33 24.51 -13.98 22.23
CA GLY B 33 23.92 -15.29 21.97
C GLY B 33 24.44 -15.84 20.65
N PHE B 34 24.06 -17.07 20.33
CA PHE B 34 24.50 -17.69 19.09
C PHE B 34 24.00 -16.90 17.88
N PHE B 35 22.81 -16.34 17.98
CA PHE B 35 22.19 -15.66 16.85
C PHE B 35 22.69 -14.22 16.73
N GLY B 36 23.41 -13.77 17.74
CA GLY B 36 24.12 -12.51 17.63
C GLY B 36 25.37 -12.73 16.80
N VAL B 37 26.01 -13.87 17.01
CA VAL B 37 27.23 -14.22 16.30
C VAL B 37 26.96 -14.47 14.82
N SER B 38 25.89 -15.20 14.53
CA SER B 38 25.54 -15.55 13.15
C SER B 38 25.06 -14.32 12.38
N ALA B 39 24.38 -13.42 13.08
CA ALA B 39 23.92 -12.17 12.48
C ALA B 39 25.11 -11.36 11.95
N ILE B 40 26.08 -11.10 12.82
CA ILE B 40 27.29 -10.36 12.46
C ILE B 40 28.03 -11.02 11.30
N PHE B 41 28.03 -12.35 11.28
CA PHE B 41 28.67 -13.08 10.19
C PHE B 41 27.99 -12.76 8.85
N PHE B 42 26.67 -12.89 8.80
CA PHE B 42 25.90 -12.64 7.59
C PHE B 42 25.97 -11.17 7.18
N ILE B 43 25.97 -10.28 8.17
CA ILE B 43 26.02 -8.84 7.92
C ILE B 43 27.39 -8.43 7.36
N PHE B 44 28.46 -8.97 7.96
CA PHE B 44 29.80 -8.69 7.46
C PHE B 44 29.97 -9.16 6.02
N LEU B 45 29.61 -10.42 5.79
CA LEU B 45 29.69 -11.03 4.47
C LEU B 45 28.89 -10.25 3.45
N GLY B 46 27.63 -9.96 3.79
CA GLY B 46 26.74 -9.22 2.89
C GLY B 46 27.24 -7.84 2.52
N VAL B 47 27.63 -7.07 3.53
CA VAL B 47 28.12 -5.72 3.30
C VAL B 47 29.42 -5.74 2.50
N SER B 48 30.27 -6.73 2.78
CA SER B 48 31.51 -6.91 2.02
C SER B 48 31.23 -7.12 0.54
N LEU B 49 30.24 -7.97 0.24
CA LEU B 49 29.85 -8.26 -1.13
C LEU B 49 29.33 -7.03 -1.84
N ILE B 50 28.47 -6.28 -1.15
CA ILE B 50 27.98 -5.02 -1.67
C ILE B 50 29.15 -4.09 -1.94
N GLY B 51 30.09 -4.04 -1.00
CA GLY B 51 31.29 -3.23 -1.17
C GLY B 51 32.10 -3.61 -2.39
N TYR B 52 32.39 -4.90 -2.52
CA TYR B 52 33.18 -5.41 -3.64
C TYR B 52 32.44 -5.24 -4.96
N ALA B 53 31.11 -5.29 -4.89
CA ALA B 53 30.29 -5.11 -6.09
C ALA B 53 30.27 -3.64 -6.46
N ALA B 54 30.24 -2.79 -5.44
CA ALA B 54 30.27 -1.35 -5.66
C ALA B 54 31.65 -0.89 -6.11
N SER B 55 32.67 -1.64 -5.70
CA SER B 55 34.03 -1.49 -6.25
C SER B 55 33.98 -1.41 -7.77
N GLN B 56 33.10 -2.21 -8.36
CA GLN B 56 33.20 -2.60 -9.75
C GLN B 56 32.53 -1.69 -10.80
N GLY B 57 31.32 -1.20 -10.48
CA GLY B 57 30.63 -0.24 -11.34
C GLY B 57 31.32 1.11 -11.36
N PRO B 58 30.76 2.10 -12.09
CA PRO B 58 31.26 3.48 -12.09
C PRO B 58 30.76 4.26 -10.86
N THR B 59 30.38 3.49 -9.85
CA THR B 59 29.87 3.91 -8.54
C THR B 59 30.53 4.99 -7.69
N TRP B 60 29.77 5.46 -6.71
CA TRP B 60 30.16 5.57 -5.27
C TRP B 60 29.16 6.41 -4.44
N ASP B 61 28.49 7.35 -5.09
CA ASP B 61 27.45 8.15 -4.44
C ASP B 61 26.22 7.27 -4.21
N PRO B 62 25.78 7.12 -2.95
CA PRO B 62 24.70 6.22 -2.52
C PRO B 62 23.48 6.15 -3.45
N PHE B 63 22.95 7.30 -3.89
CA PHE B 63 21.74 7.35 -4.71
C PHE B 63 21.87 6.62 -6.05
N ALA B 64 23.09 6.48 -6.55
CA ALA B 64 23.31 5.88 -7.86
C ALA B 64 23.79 4.43 -7.75
N ILE B 65 24.15 4.00 -6.54
CA ILE B 65 24.65 2.65 -6.32
C ILE B 65 23.53 1.63 -6.42
N SER B 66 23.71 0.64 -7.29
CA SER B 66 22.71 -0.41 -7.48
C SER B 66 23.35 -1.77 -7.76
N ILE B 67 22.81 -2.80 -7.09
CA ILE B 67 23.24 -4.17 -7.32
C ILE B 67 22.07 -5.01 -7.83
N ASN B 68 22.13 -5.38 -9.10
CA ASN B 68 20.99 -5.95 -9.80
C ASN B 68 21.04 -7.47 -10.01
N PRO B 69 19.86 -8.11 -10.05
CA PRO B 69 19.70 -9.55 -10.31
C PRO B 69 20.15 -9.90 -11.74
N PRO B 70 20.09 -11.19 -12.13
CA PRO B 70 20.49 -11.51 -13.50
C PRO B 70 19.44 -11.18 -14.55
N ASP B 71 19.74 -11.47 -15.81
CA ASP B 71 18.75 -11.44 -16.87
C ASP B 71 17.74 -12.56 -16.62
N LEU B 72 16.60 -12.50 -17.28
CA LEU B 72 15.59 -13.55 -17.13
C LEU B 72 16.10 -14.87 -17.68
N LYS B 73 16.98 -14.78 -18.68
CA LYS B 73 17.44 -15.94 -19.43
C LYS B 73 18.27 -16.92 -18.60
N TYR B 74 18.79 -16.46 -17.46
CA TYR B 74 19.54 -17.33 -16.56
C TYR B 74 18.62 -18.20 -15.72
N GLY B 75 17.31 -17.95 -15.85
CA GLY B 75 16.31 -18.71 -15.13
C GLY B 75 16.51 -18.65 -13.63
N LEU B 76 16.49 -19.82 -12.99
CA LEU B 76 16.78 -19.90 -11.55
C LEU B 76 18.19 -20.41 -11.33
N GLY B 77 18.97 -20.47 -12.41
CA GLY B 77 20.32 -20.99 -12.33
C GLY B 77 21.30 -19.99 -11.76
N ALA B 78 22.56 -20.39 -11.66
CA ALA B 78 23.60 -19.50 -11.17
C ALA B 78 23.98 -18.50 -12.25
N ALA B 79 24.33 -17.29 -11.83
CA ALA B 79 24.67 -16.23 -12.78
C ALA B 79 26.11 -15.78 -12.57
N PRO B 80 26.73 -15.23 -13.63
CA PRO B 80 28.06 -14.60 -13.49
C PRO B 80 28.00 -13.53 -12.42
N LEU B 81 28.98 -13.54 -11.54
CA LEU B 81 28.92 -12.74 -10.31
C LEU B 81 28.71 -11.25 -10.60
N LEU B 82 29.22 -10.81 -11.75
CA LEU B 82 29.10 -9.41 -12.12
C LEU B 82 27.76 -9.16 -12.79
N GLU B 83 27.24 -10.20 -13.44
CA GLU B 83 26.00 -10.10 -14.19
CA GLU B 83 26.00 -10.08 -14.19
C GLU B 83 24.81 -10.65 -13.41
N GLY B 84 24.87 -10.52 -12.09
CA GLY B 84 23.75 -10.95 -11.26
C GLY B 84 24.13 -11.82 -10.08
N GLY B 85 25.30 -12.45 -10.15
CA GLY B 85 25.73 -13.34 -9.09
C GLY B 85 25.92 -12.65 -7.75
N PHE B 86 26.48 -11.44 -7.79
CA PHE B 86 26.65 -10.63 -6.58
C PHE B 86 25.31 -10.47 -5.88
N TRP B 87 24.28 -10.16 -6.64
CA TRP B 87 22.93 -10.05 -6.11
C TRP B 87 22.47 -11.34 -5.43
N GLN B 88 22.70 -12.48 -6.09
CA GLN B 88 22.31 -13.78 -5.56
C GLN B 88 22.89 -14.00 -4.17
N ALA B 89 24.19 -13.73 -4.02
CA ALA B 89 24.87 -13.94 -2.76
C ALA B 89 24.35 -13.00 -1.68
N ILE B 90 24.31 -11.71 -2.00
CA ILE B 90 23.82 -10.70 -1.08
C ILE B 90 22.42 -11.05 -0.60
N THR B 91 21.61 -11.59 -1.51
CA THR B 91 20.26 -12.04 -1.19
C THR B 91 20.30 -13.04 -0.05
N VAL B 92 21.14 -14.05 -0.21
CA VAL B 92 21.32 -15.11 0.78
C VAL B 92 21.75 -14.53 2.12
N CYS B 93 22.77 -13.68 2.10
CA CYS B 93 23.27 -13.04 3.31
C CYS B 93 22.16 -12.29 4.03
N ALA B 94 21.33 -11.59 3.26
CA ALA B 94 20.23 -10.81 3.81
C ALA B 94 19.24 -11.70 4.54
N LEU B 95 18.99 -12.89 3.99
CA LEU B 95 18.07 -13.84 4.62
C LEU B 95 18.66 -14.44 5.89
N GLY B 96 19.97 -14.66 5.87
CA GLY B 96 20.66 -15.15 7.04
C GLY B 96 20.60 -14.13 8.16
N ALA B 97 20.77 -12.86 7.80
CA ALA B 97 20.76 -11.78 8.78
C ALA B 97 19.39 -11.61 9.42
N PHE B 98 18.34 -11.64 8.59
CA PHE B 98 16.98 -11.40 9.07
C PHE B 98 16.53 -12.49 10.02
N ILE B 99 16.71 -13.74 9.61
CA ILE B 99 16.27 -14.88 10.42
C ILE B 99 17.08 -14.95 11.73
N SER B 100 18.38 -14.70 11.65
CA SER B 100 19.22 -14.65 12.85
C SER B 100 18.70 -13.61 13.82
N TRP B 101 18.49 -12.40 13.30
CA TRP B 101 17.99 -11.29 14.10
C TRP B 101 16.68 -11.65 14.80
N MET B 102 15.87 -12.46 14.13
CA MET B 102 14.58 -12.89 14.67
C MET B 102 14.76 -13.83 15.86
N LEU B 103 15.59 -14.86 15.68
CA LEU B 103 15.83 -15.86 16.71
C LEU B 103 16.62 -15.30 17.88
N ARG B 104 17.47 -14.30 17.60
CA ARG B 104 18.13 -13.57 18.66
C ARG B 104 17.09 -12.94 19.55
N GLU B 105 16.05 -12.38 18.95
CA GLU B 105 14.95 -11.76 19.69
C GLU B 105 14.19 -12.78 20.50
N VAL B 106 14.12 -14.00 19.99
CA VAL B 106 13.49 -15.09 20.72
C VAL B 106 14.30 -15.37 21.98
N GLU B 107 15.62 -15.37 21.84
CA GLU B 107 16.53 -15.60 22.95
C GLU B 107 16.41 -14.50 24.01
N ILE B 108 16.27 -13.26 23.56
CA ILE B 108 16.17 -12.12 24.47
C ILE B 108 14.82 -12.11 25.19
N SER B 109 13.76 -12.44 24.46
CA SER B 109 12.44 -12.58 25.07
C SER B 109 12.48 -13.64 26.16
N ARG B 110 13.15 -14.75 25.83
CA ARG B 110 13.26 -15.89 26.73
C ARG B 110 13.91 -15.52 28.07
N LYS B 111 15.02 -14.79 28.01
CA LYS B 111 15.76 -14.38 29.19
C LYS B 111 14.98 -13.37 30.03
N LEU B 112 14.08 -12.64 29.40
CA LEU B 112 13.33 -11.59 30.09
C LEU B 112 11.98 -12.09 30.61
N GLY B 113 11.61 -13.31 30.25
CA GLY B 113 10.37 -13.90 30.73
C GLY B 113 9.10 -13.26 30.17
N ILE B 114 9.15 -12.86 28.91
CA ILE B 114 8.00 -12.24 28.24
C ILE B 114 7.52 -13.10 27.09
N GLY B 115 6.39 -12.72 26.49
CA GLY B 115 5.87 -13.40 25.31
C GLY B 115 6.77 -13.18 24.11
N TRP B 116 6.61 -14.02 23.09
CA TRP B 116 7.48 -13.95 21.92
C TRP B 116 6.86 -13.11 20.80
N HIS B 117 6.03 -12.15 21.17
CA HIS B 117 5.21 -11.44 20.18
C HIS B 117 6.02 -10.61 19.20
N VAL B 118 7.12 -10.03 19.67
CA VAL B 118 7.92 -9.17 18.81
C VAL B 118 8.67 -9.93 17.72
N PRO B 119 9.40 -11.01 18.07
CA PRO B 119 10.06 -11.71 16.96
C PRO B 119 9.07 -12.45 16.07
N LEU B 120 7.87 -12.71 16.58
CA LEU B 120 6.82 -13.33 15.77
C LEU B 120 6.22 -12.29 14.84
N ALA B 121 6.15 -11.04 15.31
CA ALA B 121 5.72 -9.93 14.47
C ALA B 121 6.75 -9.70 13.36
N PHE B 122 8.02 -9.83 13.73
CA PHE B 122 9.13 -9.57 12.81
C PHE B 122 9.21 -10.58 11.67
N CYS B 123 8.48 -11.69 11.81
CA CYS B 123 8.45 -12.72 10.77
C CYS B 123 7.61 -12.26 9.60
N VAL B 124 6.71 -11.32 9.83
CA VAL B 124 5.85 -10.81 8.76
C VAL B 124 6.64 -10.03 7.69
N PRO B 125 7.49 -9.06 8.08
CA PRO B 125 8.26 -8.40 7.02
C PRO B 125 9.28 -9.32 6.38
N ILE B 126 9.85 -10.24 7.15
CA ILE B 126 10.77 -11.22 6.60
C ILE B 126 10.04 -12.06 5.56
N PHE B 127 8.80 -12.40 5.89
CA PHE B 127 7.97 -13.20 5.00
C PHE B 127 7.71 -12.50 3.68
N MET B 128 7.41 -11.20 3.74
CA MET B 128 7.09 -10.43 2.55
C MET B 128 8.31 -10.30 1.66
N PHE B 129 9.47 -10.16 2.30
CA PHE B 129 10.74 -10.09 1.57
C PHE B 129 10.94 -11.36 0.76
N CYS B 130 10.57 -12.49 1.35
CA CYS B 130 10.65 -13.77 0.65
C CYS B 130 9.68 -13.84 -0.52
N VAL B 131 8.50 -13.25 -0.35
CA VAL B 131 7.50 -13.21 -1.41
C VAL B 131 8.05 -12.44 -2.60
N LEU B 132 8.69 -11.31 -2.32
CA LEU B 132 9.26 -10.50 -3.39
C LEU B 132 10.48 -11.13 -4.04
N GLN B 133 11.39 -11.65 -3.23
CA GLN B 133 12.70 -12.04 -3.74
C GLN B 133 12.86 -13.52 -4.07
N VAL B 134 11.99 -14.37 -3.56
CA VAL B 134 12.12 -15.81 -3.78
C VAL B 134 10.87 -16.43 -4.37
N PHE B 135 9.76 -16.32 -3.64
CA PHE B 135 8.52 -16.97 -4.02
C PHE B 135 8.06 -16.58 -5.42
N ARG B 136 7.67 -15.32 -5.59
CA ARG B 136 7.21 -14.84 -6.88
C ARG B 136 8.22 -15.09 -8.01
N PRO B 137 9.53 -14.93 -7.73
CA PRO B 137 10.47 -15.37 -8.77
C PRO B 137 10.35 -16.85 -9.13
N LEU B 138 10.25 -17.71 -8.11
CA LEU B 138 10.20 -19.16 -8.35
C LEU B 138 9.00 -19.58 -9.18
N LEU B 139 7.87 -18.92 -8.97
CA LEU B 139 6.68 -19.18 -9.76
C LEU B 139 6.83 -18.67 -11.19
N LEU B 140 7.53 -17.57 -11.36
CA LEU B 140 7.69 -16.95 -12.68
C LEU B 140 8.86 -17.55 -13.43
N GLY B 141 9.68 -18.31 -12.70
CA GLY B 141 10.72 -19.13 -13.31
C GLY B 141 12.13 -18.59 -13.32
N SER B 142 12.29 -17.31 -13.02
CA SER B 142 13.62 -16.70 -13.04
CA SER B 142 13.62 -16.69 -13.04
C SER B 142 13.82 -15.75 -11.86
N TRP B 143 15.08 -15.58 -11.46
CA TRP B 143 15.40 -14.69 -10.37
C TRP B 143 15.36 -13.23 -10.84
N GLY B 144 15.48 -13.04 -12.15
CA GLY B 144 15.49 -11.71 -12.72
C GLY B 144 14.22 -10.91 -12.49
N HIS B 145 13.21 -11.56 -11.92
CA HIS B 145 11.94 -10.91 -11.63
C HIS B 145 11.96 -10.19 -10.27
N ALA B 146 13.06 -10.34 -9.55
CA ALA B 146 13.18 -9.79 -8.20
C ALA B 146 13.76 -8.38 -8.21
N PHE B 147 13.59 -7.64 -7.11
CA PHE B 147 14.01 -6.23 -7.05
C PHE B 147 15.49 -6.08 -6.70
N PRO B 148 16.14 -5.04 -7.27
CA PRO B 148 17.58 -4.78 -7.10
C PRO B 148 17.90 -4.01 -5.83
N TYR B 149 19.14 -4.11 -5.37
CA TYR B 149 19.55 -3.47 -4.14
C TYR B 149 20.22 -2.13 -4.42
N GLY B 150 19.40 -1.08 -4.47
CA GLY B 150 19.86 0.28 -4.70
C GLY B 150 18.84 1.29 -4.21
N ILE B 151 19.32 2.37 -3.60
CA ILE B 151 18.44 3.33 -2.92
C ILE B 151 17.39 3.93 -3.83
N LEU B 152 17.75 4.26 -5.05
CA LEU B 152 16.78 4.80 -5.99
C LEU B 152 16.36 3.75 -7.02
N SER B 153 17.27 2.87 -7.39
CA SER B 153 17.03 1.92 -8.46
C SER B 153 15.87 0.97 -8.18
N HIS B 154 15.69 0.61 -6.91
CA HIS B 154 14.66 -0.37 -6.57
C HIS B 154 13.27 0.26 -6.56
N LEU B 155 13.21 1.59 -6.59
CA LEU B 155 11.95 2.29 -6.74
C LEU B 155 11.44 2.12 -8.16
N ASP B 156 12.37 2.20 -9.10
CA ASP B 156 12.02 2.07 -10.51
C ASP B 156 11.61 0.65 -10.82
N TRP B 157 12.02 -0.29 -9.97
CA TRP B 157 11.59 -1.67 -10.11
C TRP B 157 10.11 -1.78 -9.77
N VAL B 158 9.74 -1.20 -8.62
CA VAL B 158 8.36 -1.20 -8.17
C VAL B 158 7.49 -0.46 -9.19
N ASN B 159 8.05 0.63 -9.71
CA ASN B 159 7.34 1.51 -10.62
C ASN B 159 6.93 0.76 -11.89
N ASN B 160 7.88 0.10 -12.54
CA ASN B 160 7.63 -0.63 -13.78
C ASN B 160 6.77 -1.86 -13.57
N PHE B 161 7.00 -2.54 -12.45
CA PHE B 161 6.27 -3.76 -12.10
C PHE B 161 4.79 -3.39 -11.99
N GLY B 162 4.49 -2.32 -11.27
CA GLY B 162 3.13 -1.88 -11.10
C GLY B 162 2.43 -1.57 -12.40
N TYR B 163 3.18 -1.01 -13.34
CA TYR B 163 2.61 -0.62 -14.63
C TYR B 163 2.52 -1.80 -15.58
N GLN B 164 3.26 -2.87 -15.29
CA GLN B 164 3.19 -4.08 -16.11
C GLN B 164 1.78 -4.65 -16.09
N TYR B 165 0.99 -4.20 -15.11
CA TYR B 165 -0.37 -4.65 -14.94
C TYR B 165 -1.28 -3.44 -15.05
N LEU B 166 -0.87 -2.54 -15.95
CA LEU B 166 -1.61 -1.34 -16.37
C LEU B 166 -1.87 -0.33 -15.26
N ASN B 167 -2.87 -0.58 -14.41
CA ASN B 167 -3.08 0.28 -13.24
C ASN B 167 -3.05 -0.56 -11.98
N TRP B 168 -1.88 -0.61 -11.35
CA TRP B 168 -1.66 -1.45 -10.17
C TRP B 168 -2.60 -1.08 -9.02
N HIS B 169 -3.21 0.10 -9.09
CA HIS B 169 -4.15 0.56 -8.07
C HIS B 169 -5.39 -0.33 -7.96
N TYR B 170 -5.79 -0.94 -9.06
CA TYR B 170 -7.00 -1.73 -9.09
C TYR B 170 -6.77 -3.15 -8.55
N ASN B 171 -5.51 -3.48 -8.26
CA ASN B 171 -5.15 -4.75 -7.64
C ASN B 171 -5.84 -4.90 -6.29
N PRO B 172 -6.82 -5.80 -6.19
CA PRO B 172 -7.60 -5.93 -4.95
C PRO B 172 -6.72 -6.27 -3.75
N GLY B 173 -5.64 -7.00 -4.00
CA GLY B 173 -4.68 -7.32 -2.94
C GLY B 173 -4.00 -6.05 -2.49
N HIS B 174 -3.75 -5.17 -3.44
CA HIS B 174 -3.10 -3.89 -3.15
C HIS B 174 -4.06 -2.97 -2.41
N MET B 175 -5.34 -3.02 -2.76
CA MET B 175 -6.35 -2.20 -2.10
C MET B 175 -6.47 -2.55 -0.63
N SER B 176 -6.39 -3.84 -0.32
CA SER B 176 -6.41 -4.28 1.08
C SER B 176 -5.16 -3.79 1.79
N SER B 177 -4.00 -4.02 1.17
CA SER B 177 -2.71 -3.66 1.74
C SER B 177 -2.65 -2.18 2.10
N VAL B 178 -3.02 -1.33 1.15
CA VAL B 178 -3.04 0.11 1.35
C VAL B 178 -3.99 0.49 2.47
N SER B 179 -5.18 -0.12 2.47
CA SER B 179 -6.18 0.12 3.49
C SER B 179 -5.59 -0.07 4.89
N PHE B 180 -4.76 -1.10 5.04
CA PHE B 180 -4.17 -1.38 6.35
C PHE B 180 -3.06 -0.41 6.70
N LEU B 181 -2.26 -0.02 5.71
CA LEU B 181 -1.19 0.95 5.93
C LEU B 181 -1.75 2.29 6.40
N PHE B 182 -2.87 2.68 5.81
CA PHE B 182 -3.53 3.93 6.15
C PHE B 182 -4.08 3.90 7.58
N VAL B 183 -4.96 2.95 7.84
CA VAL B 183 -5.63 2.84 9.12
C VAL B 183 -4.65 2.56 10.26
N ASN B 184 -3.52 1.94 9.94
CA ASN B 184 -2.48 1.70 10.93
C ASN B 184 -1.78 2.99 11.32
N ALA B 185 -1.49 3.82 10.33
CA ALA B 185 -0.90 5.14 10.59
C ALA B 185 -1.88 5.99 11.37
N MET B 186 -3.16 5.85 11.05
CA MET B 186 -4.22 6.57 11.75
C MET B 186 -4.27 6.17 13.23
N ALA B 187 -4.37 4.86 13.46
CA ALA B 187 -4.48 4.32 14.81
C ALA B 187 -3.26 4.65 15.66
N LEU B 188 -2.08 4.65 15.04
CA LEU B 188 -0.86 5.00 15.76
C LEU B 188 -0.92 6.44 16.23
N GLY B 189 -1.39 7.33 15.36
CA GLY B 189 -1.54 8.74 15.70
C GLY B 189 -2.56 8.96 16.81
N LEU B 190 -3.70 8.28 16.71
CA LEU B 190 -4.73 8.35 17.74
C LEU B 190 -4.20 7.87 19.07
N HIS B 191 -3.65 6.67 19.08
CA HIS B 191 -3.24 6.01 20.31
C HIS B 191 -2.15 6.77 21.05
N GLY B 192 -1.03 7.00 20.37
CA GLY B 192 0.05 7.79 20.93
C GLY B 192 -0.50 9.12 21.42
N GLY B 193 -1.34 9.75 20.61
CA GLY B 193 -1.93 11.03 20.96
C GLY B 193 -2.81 10.97 22.19
N LEU B 194 -3.53 9.86 22.37
CA LEU B 194 -4.39 9.67 23.53
C LEU B 194 -3.58 9.56 24.82
N ILE B 195 -2.61 8.64 24.80
CA ILE B 195 -1.76 8.39 25.96
C ILE B 195 -1.06 9.65 26.42
N LEU B 196 -0.59 10.45 25.47
CA LEU B 196 0.05 11.70 25.81
C LEU B 196 -0.96 12.68 26.41
N SER B 197 -2.18 12.66 25.88
CA SER B 197 -3.23 13.58 26.32
C SER B 197 -3.57 13.40 27.80
N VAL B 198 -3.45 12.16 28.27
CA VAL B 198 -3.80 11.82 29.64
C VAL B 198 -2.65 12.12 30.61
N ALA B 199 -1.43 11.87 30.16
CA ALA B 199 -0.26 12.13 30.99
C ALA B 199 0.22 13.58 30.87
N ASN B 200 -0.05 14.20 29.73
CA ASN B 200 0.41 15.57 29.47
C ASN B 200 -0.74 16.54 29.15
N PRO B 201 -1.66 16.76 30.11
CA PRO B 201 -2.89 17.50 29.80
C PRO B 201 -2.86 19.02 30.02
N GLY B 202 -1.76 19.57 30.50
CA GLY B 202 -1.55 21.00 30.41
C GLY B 202 -1.55 21.81 31.70
N ASP B 203 -0.88 22.95 31.65
CA ASP B 203 -0.78 23.89 32.77
C ASP B 203 -0.24 23.24 34.03
N GLY B 204 -1.06 23.27 35.08
CA GLY B 204 -0.75 22.72 36.37
C GLY B 204 -1.66 21.58 36.76
N ASP B 205 -2.39 21.09 35.76
CA ASP B 205 -2.91 19.72 35.62
C ASP B 205 -3.08 18.73 36.79
N LYS B 206 -4.07 17.82 36.63
CA LYS B 206 -4.05 16.49 37.26
C LYS B 206 -3.94 15.38 36.20
N VAL B 207 -2.92 14.53 36.25
CA VAL B 207 -2.83 13.41 35.30
C VAL B 207 -4.12 12.59 35.37
N LYS B 208 -4.76 12.38 34.22
CA LYS B 208 -6.05 11.71 34.19
C LYS B 208 -5.90 10.20 34.27
N THR B 209 -7.00 9.49 34.08
CA THR B 209 -7.06 8.06 34.38
C THR B 209 -7.44 7.18 33.19
N ALA B 210 -7.47 5.87 33.43
CA ALA B 210 -7.90 4.91 32.42
C ALA B 210 -9.38 5.03 32.13
N GLU B 211 -10.10 5.70 33.01
CA GLU B 211 -11.51 5.94 32.81
C GLU B 211 -11.71 7.13 31.88
N HIS B 212 -10.76 8.07 31.94
CA HIS B 212 -10.75 9.22 31.05
C HIS B 212 -10.41 8.80 29.62
N GLU B 213 -9.58 7.77 29.49
CA GLU B 213 -9.21 7.23 28.19
C GLU B 213 -10.45 6.78 27.46
N ASN B 214 -11.05 5.72 27.98
CA ASN B 214 -12.27 5.16 27.42
C ASN B 214 -13.32 6.25 27.22
N GLN B 215 -13.47 7.09 28.24
CA GLN B 215 -14.35 8.26 28.20
C GLN B 215 -14.25 9.00 26.88
N TYR B 216 -13.02 9.41 26.53
CA TYR B 216 -12.80 10.29 25.40
C TYR B 216 -13.38 9.71 24.11
N PHE B 217 -13.10 8.43 23.85
CA PHE B 217 -13.54 7.80 22.61
C PHE B 217 -14.98 7.30 22.66
N ARG B 218 -15.57 7.31 23.85
CA ARG B 218 -17.00 7.06 23.97
C ARG B 218 -17.78 8.24 23.47
N ASP B 219 -17.21 9.41 23.67
CA ASP B 219 -17.86 10.65 23.33
C ASP B 219 -17.71 10.96 21.84
N VAL B 220 -16.51 10.76 21.29
CA VAL B 220 -16.23 11.18 19.92
C VAL B 220 -16.82 10.24 18.87
N VAL B 221 -16.63 8.93 19.03
CA VAL B 221 -17.08 7.97 18.03
C VAL B 221 -18.08 6.94 18.59
N GLY B 222 -18.31 6.96 19.90
CA GLY B 222 -19.27 6.06 20.50
C GLY B 222 -18.75 4.69 20.88
N TYR B 223 -17.43 4.55 21.00
CA TYR B 223 -16.82 3.29 21.38
C TYR B 223 -15.33 3.46 21.71
N SER B 224 -14.87 2.75 22.73
CA SER B 224 -13.45 2.64 23.01
C SER B 224 -13.06 1.17 23.12
N ILE B 225 -12.09 0.75 22.32
CA ILE B 225 -11.73 -0.65 22.22
C ILE B 225 -11.05 -1.16 23.49
N GLY B 226 -10.42 -0.26 24.23
CA GLY B 226 -9.74 -0.64 25.47
C GLY B 226 -8.24 -0.45 25.43
N ALA B 227 -7.62 -0.52 26.60
CA ALA B 227 -6.17 -0.29 26.74
C ALA B 227 -5.35 -1.44 26.16
N LEU B 228 -5.67 -2.67 26.53
CA LEU B 228 -4.93 -3.83 26.05
C LEU B 228 -5.29 -4.13 24.60
N SER B 229 -6.56 -3.94 24.25
CA SER B 229 -7.05 -4.36 22.95
C SER B 229 -6.52 -3.52 21.79
N ILE B 230 -6.14 -2.28 22.07
CA ILE B 230 -5.60 -1.40 21.04
C ILE B 230 -4.24 -1.92 20.60
N HIS B 231 -3.56 -2.64 21.49
CA HIS B 231 -2.23 -3.15 21.19
C HIS B 231 -2.28 -4.44 20.40
N ARG B 232 -3.36 -5.22 20.54
CA ARG B 232 -3.53 -6.40 19.70
C ARG B 232 -4.15 -5.98 18.37
N LEU B 233 -5.07 -5.02 18.43
CA LEU B 233 -5.60 -4.40 17.22
C LEU B 233 -4.49 -3.79 16.38
N GLY B 234 -3.55 -3.14 17.05
CA GLY B 234 -2.43 -2.49 16.40
C GLY B 234 -1.49 -3.46 15.71
N LEU B 235 -1.14 -4.54 16.40
CA LEU B 235 -0.30 -5.58 15.79
C LEU B 235 -1.06 -6.22 14.63
N PHE B 236 -2.38 -6.21 14.73
CA PHE B 236 -3.23 -6.82 13.71
C PHE B 236 -3.25 -6.02 12.42
N LEU B 237 -3.44 -4.71 12.54
CA LEU B 237 -3.46 -3.83 11.38
C LEU B 237 -2.09 -3.75 10.70
N ALA B 238 -1.05 -3.56 11.52
CA ALA B 238 0.32 -3.43 11.01
C ALA B 238 0.79 -4.68 10.29
N SER B 239 0.42 -5.85 10.82
CA SER B 239 0.83 -7.11 10.21
C SER B 239 0.10 -7.38 8.90
N ASN B 240 -1.17 -6.99 8.83
CA ASN B 240 -2.00 -7.28 7.67
C ASN B 240 -1.63 -6.46 6.44
N ILE B 241 -0.72 -5.51 6.61
CA ILE B 241 -0.19 -4.79 5.46
C ILE B 241 0.51 -5.78 4.54
N PHE B 242 1.42 -6.55 5.11
CA PHE B 242 2.19 -7.50 4.32
C PHE B 242 1.50 -8.86 4.25
N LEU B 243 0.56 -9.11 5.16
CA LEU B 243 -0.18 -10.36 5.12
C LEU B 243 -1.18 -10.36 3.97
N THR B 244 -1.90 -9.26 3.80
CA THR B 244 -2.86 -9.14 2.70
C THR B 244 -2.17 -8.78 1.39
N GLY B 245 -1.22 -7.85 1.47
CA GLY B 245 -0.47 -7.41 0.30
C GLY B 245 0.28 -8.50 -0.45
N ALA B 246 0.70 -9.55 0.26
CA ALA B 246 1.42 -10.65 -0.36
C ALA B 246 0.55 -11.36 -1.40
N PHE B 247 -0.75 -11.39 -1.16
CA PHE B 247 -1.69 -12.00 -2.10
C PHE B 247 -1.71 -11.26 -3.44
N GLY B 248 -1.76 -9.93 -3.39
CA GLY B 248 -1.78 -9.11 -4.59
C GLY B 248 -0.45 -9.16 -5.34
N THR B 249 0.62 -9.46 -4.62
CA THR B 249 1.94 -9.53 -5.24
C THR B 249 2.14 -10.86 -5.96
N ILE B 250 1.80 -11.96 -5.30
CA ILE B 250 2.01 -13.27 -5.87
C ILE B 250 0.97 -13.57 -6.97
N ALA B 251 -0.12 -12.82 -6.94
CA ALA B 251 -1.17 -13.02 -7.94
C ALA B 251 -0.78 -12.37 -9.25
N SER B 252 0.08 -11.37 -9.17
CA SER B 252 0.50 -10.62 -10.34
C SER B 252 1.59 -11.34 -11.13
N GLY B 253 1.17 -11.99 -12.21
CA GLY B 253 2.07 -12.76 -13.04
C GLY B 253 1.69 -14.23 -13.06
N PRO B 254 1.97 -14.94 -11.94
CA PRO B 254 1.63 -16.35 -11.79
C PRO B 254 0.14 -16.64 -11.98
N PHE B 255 -0.71 -15.73 -11.51
CA PHE B 255 -2.15 -15.99 -11.53
C PHE B 255 -2.97 -14.93 -12.23
N TRP B 256 -2.29 -13.97 -12.86
CA TRP B 256 -2.97 -12.94 -13.64
C TRP B 256 -1.98 -12.19 -14.52
N THR B 257 -2.32 -12.05 -15.80
CA THR B 257 -1.39 -11.47 -16.76
C THR B 257 -1.92 -10.21 -17.43
N ARG B 258 -3.20 -9.93 -17.24
CA ARG B 258 -3.79 -8.73 -17.82
C ARG B 258 -3.63 -7.54 -16.88
N GLY B 259 -4.31 -6.44 -17.21
CA GLY B 259 -4.34 -5.29 -16.32
C GLY B 259 -5.28 -5.58 -15.18
N TRP B 260 -4.97 -5.03 -14.01
CA TRP B 260 -5.82 -5.25 -12.84
C TRP B 260 -7.21 -4.59 -12.89
N PRO B 261 -7.37 -3.44 -13.61
CA PRO B 261 -8.74 -2.97 -13.74
C PRO B 261 -9.68 -4.00 -14.38
N GLU B 262 -9.16 -4.77 -15.33
CA GLU B 262 -9.96 -5.76 -16.04
C GLU B 262 -10.35 -6.94 -15.14
N TRP B 263 -9.56 -7.18 -14.10
CA TRP B 263 -9.82 -8.27 -13.15
C TRP B 263 -11.21 -8.17 -12.54
N TRP B 264 -11.71 -6.94 -12.45
CA TRP B 264 -13.04 -6.71 -11.87
C TRP B 264 -14.14 -6.97 -12.90
N GLY B 265 -13.78 -7.64 -13.98
CA GLY B 265 -14.76 -8.11 -14.93
C GLY B 265 -15.67 -9.14 -14.31
N TRP B 266 -15.19 -9.82 -13.27
CA TRP B 266 -15.98 -10.85 -12.63
C TRP B 266 -17.27 -10.27 -12.07
N TRP B 267 -17.20 -9.03 -11.61
CA TRP B 267 -18.35 -8.32 -11.06
C TRP B 267 -19.12 -7.58 -12.16
N LEU B 268 -18.37 -6.91 -13.03
CA LEU B 268 -18.96 -6.04 -14.03
C LEU B 268 -19.66 -6.81 -15.16
N ASP B 269 -19.07 -7.93 -15.57
CA ASP B 269 -19.52 -8.64 -16.77
C ASP B 269 -20.56 -9.74 -16.50
N ILE B 270 -21.06 -9.82 -15.28
CA ILE B 270 -22.07 -10.81 -14.95
C ILE B 270 -23.30 -10.64 -15.83
N PRO B 271 -23.68 -11.70 -16.56
CA PRO B 271 -24.72 -11.73 -17.59
C PRO B 271 -25.98 -10.92 -17.31
N PHE B 272 -26.50 -10.92 -16.09
CA PHE B 272 -27.76 -10.24 -15.86
C PHE B 272 -27.61 -8.75 -15.48
N TRP B 273 -26.37 -8.25 -15.47
CA TRP B 273 -26.10 -6.81 -15.34
C TRP B 273 -25.58 -6.20 -16.63
N SER B 274 -25.19 -7.05 -17.56
CA SER B 274 -24.45 -6.63 -18.74
C SER B 274 -25.35 -6.07 -19.84
N ALA C 2 2.36 -19.58 26.89
CA ALA C 2 1.67 -18.72 25.94
C ALA C 2 0.63 -17.85 26.64
N ASP C 3 0.44 -16.64 26.17
CA ASP C 3 -0.55 -15.76 26.77
C ASP C 3 -1.84 -15.87 25.99
N TYR C 4 -2.84 -16.50 26.60
CA TYR C 4 -4.13 -16.67 25.94
C TYR C 4 -4.93 -15.39 26.04
N GLN C 5 -4.49 -14.46 26.90
CA GLN C 5 -5.16 -13.17 27.08
C GLN C 5 -4.82 -12.21 25.94
N THR C 6 -3.65 -12.40 25.34
CA THR C 6 -3.20 -11.54 24.24
C THR C 6 -3.92 -11.89 22.94
N ILE C 7 -4.43 -13.12 22.87
CA ILE C 7 -5.21 -13.56 21.72
C ILE C 7 -6.67 -13.17 21.88
N TYR C 8 -7.24 -13.49 23.03
CA TYR C 8 -8.61 -13.12 23.35
C TYR C 8 -8.80 -13.12 24.87
N THR C 9 -9.82 -12.43 25.36
CA THR C 9 -10.06 -12.41 26.79
C THR C 9 -10.94 -13.60 27.20
N GLN C 10 -10.31 -14.59 27.83
CA GLN C 10 -10.95 -15.86 28.17
C GLN C 10 -12.12 -15.68 29.10
N ILE C 11 -11.93 -14.88 30.14
CA ILE C 11 -13.03 -14.56 31.03
C ILE C 11 -13.34 -13.08 30.95
N GLN C 12 -14.59 -12.82 30.63
CA GLN C 12 -15.12 -11.46 30.50
C GLN C 12 -15.92 -10.92 31.64
N ALA C 13 -15.76 -9.61 31.83
CA ALA C 13 -16.26 -8.92 33.00
C ALA C 13 -17.38 -7.91 32.69
N ARG C 14 -18.39 -7.87 33.56
CA ARG C 14 -19.51 -6.96 33.39
C ARG C 14 -19.77 -6.14 34.64
N GLY C 15 -20.18 -4.89 34.46
CA GLY C 15 -20.43 -4.04 35.61
C GLY C 15 -21.18 -2.77 35.27
N PRO C 16 -21.43 -1.92 36.28
CA PRO C 16 -22.13 -0.67 36.07
C PRO C 16 -21.32 0.33 35.28
N HIS C 17 -22.03 0.90 34.33
CA HIS C 17 -21.57 1.91 33.38
C HIS C 17 -20.63 2.93 33.95
N ILE C 18 -19.50 3.11 33.29
CA ILE C 18 -18.65 4.25 33.50
C ILE C 18 -19.38 5.53 33.11
N THR C 19 -19.11 6.61 33.83
CA THR C 19 -19.42 7.95 33.34
C THR C 19 -18.60 9.02 34.05
N VAL C 20 -17.59 9.53 33.36
CA VAL C 20 -16.77 10.64 33.87
C VAL C 20 -17.32 11.97 33.35
N SER C 21 -17.61 12.89 34.26
CA SER C 21 -18.19 14.18 33.88
C SER C 21 -17.21 15.03 33.09
N GLY C 22 -17.71 15.70 32.05
CA GLY C 22 -16.93 16.69 31.32
C GLY C 22 -17.35 18.08 31.76
N GLU C 23 -16.54 19.09 31.44
CA GLU C 23 -16.82 20.46 31.87
C GLU C 23 -18.18 20.93 31.36
N TRP C 24 -18.60 20.35 30.23
CA TRP C 24 -19.91 20.65 29.67
C TRP C 24 -20.44 19.47 28.89
N GLY C 25 -21.74 19.51 28.58
CA GLY C 25 -22.35 18.55 27.68
C GLY C 25 -22.51 17.14 28.21
N ASP C 26 -22.60 17.00 29.53
CA ASP C 26 -22.82 15.68 30.14
C ASP C 26 -24.18 15.12 29.77
N ASN C 27 -25.12 16.01 29.50
CA ASN C 27 -26.51 15.64 29.24
C ASN C 27 -26.74 15.30 27.76
N ASP C 28 -25.89 15.85 26.88
CA ASP C 28 -26.02 15.59 25.46
C ASP C 28 -25.36 14.29 25.03
N ARG C 29 -25.10 13.40 25.98
CA ARG C 29 -24.71 12.02 25.67
C ARG C 29 -25.96 11.22 25.40
N VAL C 30 -25.94 10.42 24.34
CA VAL C 30 -27.15 9.73 23.89
C VAL C 30 -26.88 8.27 23.59
N GLY C 31 -27.78 7.41 24.05
CA GLY C 31 -27.69 6.00 23.71
C GLY C 31 -27.68 5.11 24.94
N LYS C 32 -28.46 4.04 24.90
CA LYS C 32 -28.37 3.01 25.92
C LYS C 32 -27.33 1.99 25.50
N PRO C 33 -26.27 1.83 26.28
CA PRO C 33 -25.09 0.98 26.06
C PRO C 33 -25.42 -0.52 26.05
N PHE C 34 -24.92 -1.13 24.98
CA PHE C 34 -25.23 -2.49 24.55
C PHE C 34 -23.98 -3.37 24.71
N TYR C 35 -24.18 -4.63 25.09
CA TYR C 35 -23.05 -5.53 25.32
C TYR C 35 -23.02 -6.66 24.29
N SER C 36 -21.90 -6.75 23.57
CA SER C 36 -21.69 -7.82 22.59
C SER C 36 -20.62 -8.79 23.10
N TYR C 37 -20.99 -10.06 23.25
CA TYR C 37 -20.07 -11.07 23.75
C TYR C 37 -18.92 -11.27 22.75
N TRP C 38 -19.24 -11.38 21.46
CA TRP C 38 -18.20 -11.66 20.47
C TRP C 38 -17.29 -10.46 20.25
N LEU C 39 -17.80 -9.25 20.49
CA LEU C 39 -16.94 -8.07 20.41
C LEU C 39 -16.01 -8.10 21.61
N GLY C 40 -16.53 -8.52 22.74
CA GLY C 40 -15.71 -8.41 23.93
C GLY C 40 -14.62 -9.46 24.04
N LYS C 41 -14.45 -10.28 23.01
CA LYS C 41 -13.37 -11.24 23.01
C LYS C 41 -12.06 -10.56 22.59
N ILE C 42 -12.19 -9.44 21.87
CA ILE C 42 -11.02 -8.75 21.34
C ILE C 42 -11.05 -7.24 21.61
N GLY C 43 -11.99 -6.83 22.45
CA GLY C 43 -12.16 -5.44 22.86
C GLY C 43 -13.16 -5.39 23.99
N ASP C 44 -13.55 -4.19 24.42
CA ASP C 44 -14.58 -4.06 25.45
C ASP C 44 -15.95 -4.23 24.80
N ALA C 45 -16.82 -4.95 25.48
CA ALA C 45 -18.11 -5.36 24.94
C ALA C 45 -19.12 -4.23 24.86
N GLN C 46 -18.90 -3.13 25.58
CA GLN C 46 -19.94 -2.11 25.64
C GLN C 46 -19.83 -1.11 24.50
N ILE C 47 -20.92 -1.01 23.76
CA ILE C 47 -21.04 -0.15 22.60
C ILE C 47 -21.97 1.01 22.91
N GLY C 48 -21.45 2.23 22.82
CA GLY C 48 -22.20 3.40 23.20
C GLY C 48 -22.01 3.68 24.68
N PRO C 49 -22.56 4.79 25.17
CA PRO C 49 -23.30 5.79 24.38
C PRO C 49 -22.36 6.71 23.59
N ILE C 50 -22.91 7.70 22.90
CA ILE C 50 -22.11 8.63 22.09
C ILE C 50 -22.53 10.08 22.32
N TYR C 51 -21.55 10.99 22.29
CA TYR C 51 -21.80 12.40 22.53
C TYR C 51 -22.21 13.14 21.26
N LEU C 52 -23.31 13.88 21.35
CA LEU C 52 -23.77 14.69 20.23
C LEU C 52 -23.01 16.01 20.20
N GLY C 53 -23.61 17.07 20.74
CA GLY C 53 -22.96 18.36 20.80
C GLY C 53 -22.84 19.05 19.46
N ALA C 54 -23.10 20.36 19.48
CA ALA C 54 -23.23 21.20 18.27
C ALA C 54 -22.23 20.93 17.14
N SER C 55 -20.96 20.79 17.48
CA SER C 55 -19.92 20.54 16.47
C SER C 55 -20.14 19.20 15.78
N GLY C 56 -20.48 18.20 16.57
CA GLY C 56 -20.75 16.86 16.07
C GLY C 56 -21.90 16.84 15.08
N ILE C 57 -22.99 17.55 15.39
CA ILE C 57 -24.16 17.51 14.52
C ILE C 57 -23.97 18.38 13.27
N ALA C 58 -23.18 19.44 13.41
CA ALA C 58 -22.82 20.27 12.26
C ALA C 58 -22.03 19.43 11.26
N ALA C 59 -21.20 18.55 11.79
CA ALA C 59 -20.40 17.64 10.98
C ALA C 59 -21.29 16.74 10.13
N PHE C 60 -22.29 16.12 10.74
CA PHE C 60 -23.19 15.24 10.00
C PHE C 60 -24.05 16.02 9.01
N ALA C 61 -24.38 17.26 9.35
CA ALA C 61 -25.19 18.09 8.47
C ALA C 61 -24.44 18.47 7.20
N PHE C 62 -23.28 19.12 7.37
CA PHE C 62 -22.42 19.48 6.26
C PHE C 62 -21.99 18.24 5.49
N GLY C 63 -21.56 17.23 6.23
CA GLY C 63 -21.08 15.98 5.65
C GLY C 63 -22.11 15.30 4.77
N SER C 64 -23.32 15.11 5.31
CA SER C 64 -24.39 14.47 4.55
C SER C 64 -24.74 15.27 3.30
N THR C 65 -24.76 16.59 3.45
CA THR C 65 -25.01 17.48 2.33
C THR C 65 -24.08 17.20 1.17
N ALA C 66 -22.79 17.09 1.45
CA ALA C 66 -21.80 16.81 0.43
C ALA C 66 -22.03 15.43 -0.20
N ILE C 67 -22.22 14.43 0.64
CA ILE C 67 -22.46 13.06 0.18
C ILE C 67 -23.67 13.00 -0.73
N LEU C 68 -24.74 13.69 -0.32
CA LEU C 68 -25.95 13.78 -1.13
C LEU C 68 -25.66 14.35 -2.53
N ILE C 69 -24.90 15.44 -2.57
CA ILE C 69 -24.47 16.03 -3.82
C ILE C 69 -23.75 15.01 -4.68
N ILE C 70 -22.80 14.30 -4.07
CA ILE C 70 -21.99 13.32 -4.77
C ILE C 70 -22.82 12.14 -5.27
N LEU C 71 -23.62 11.55 -4.38
CA LEU C 71 -24.42 10.39 -4.74
C LEU C 71 -25.45 10.72 -5.80
N PHE C 72 -26.03 11.91 -5.71
CA PHE C 72 -26.99 12.36 -6.72
C PHE C 72 -26.30 12.54 -8.08
N ASN C 73 -25.13 13.15 -8.10
CA ASN C 73 -24.39 13.30 -9.35
C ASN C 73 -23.92 11.96 -9.91
N MET C 74 -23.65 11.00 -9.01
CA MET C 74 -23.34 9.65 -9.44
C MET C 74 -24.54 8.99 -10.09
N ALA C 75 -25.70 9.15 -9.47
CA ALA C 75 -26.93 8.55 -9.96
C ALA C 75 -27.28 9.03 -11.37
N ALA C 76 -26.92 10.26 -11.71
CA ALA C 76 -27.25 10.82 -13.02
C ALA C 76 -26.34 10.27 -14.11
N GLU C 77 -25.19 9.76 -13.71
CA GLU C 77 -24.22 9.24 -14.67
C GLU C 77 -24.70 7.93 -15.29
N VAL C 78 -25.71 7.32 -14.68
CA VAL C 78 -26.27 6.08 -15.22
C VAL C 78 -27.75 6.21 -15.57
N HIS C 79 -28.14 7.37 -16.08
CA HIS C 79 -29.54 7.80 -16.15
C HIS C 79 -30.40 7.55 -14.88
N PHE C 80 -29.86 7.56 -13.67
CA PHE C 80 -30.70 7.14 -12.53
C PHE C 80 -31.28 5.72 -12.69
N ASP C 81 -30.56 4.82 -13.35
CA ASP C 81 -30.94 3.41 -13.37
C ASP C 81 -30.43 2.73 -12.11
N PRO C 82 -31.34 2.17 -11.30
CA PRO C 82 -30.97 1.61 -9.98
C PRO C 82 -30.08 0.38 -10.12
N LEU C 83 -30.30 -0.40 -11.17
CA LEU C 83 -29.49 -1.59 -11.41
C LEU C 83 -28.06 -1.20 -11.75
N GLN C 84 -27.90 -0.38 -12.79
CA GLN C 84 -26.59 0.02 -13.28
C GLN C 84 -25.79 0.78 -12.23
N PHE C 85 -26.48 1.56 -11.39
CA PHE C 85 -25.84 2.31 -10.31
C PHE C 85 -25.16 1.39 -9.33
N PHE C 86 -25.87 0.34 -8.92
CA PHE C 86 -25.33 -0.62 -7.98
C PHE C 86 -24.22 -1.42 -8.67
N ARG C 87 -24.36 -1.58 -9.97
CA ARG C 87 -23.35 -2.25 -10.79
C ARG C 87 -22.09 -1.41 -10.93
N GLN C 88 -22.23 -0.28 -11.63
CA GLN C 88 -21.09 0.55 -12.03
C GLN C 88 -20.58 1.48 -10.92
N PHE C 89 -21.04 1.27 -9.69
CA PHE C 89 -20.79 2.21 -8.59
C PHE C 89 -19.35 2.66 -8.45
N PHE C 90 -18.41 1.72 -8.55
CA PHE C 90 -17.00 2.03 -8.36
C PHE C 90 -16.47 2.94 -9.48
N TRP C 91 -17.06 2.82 -10.67
CA TRP C 91 -16.63 3.64 -11.80
C TRP C 91 -17.29 5.02 -11.82
N LEU C 92 -18.30 5.19 -10.98
CA LEU C 92 -19.03 6.45 -10.90
C LEU C 92 -18.28 7.48 -10.06
N GLY C 93 -18.47 8.75 -10.38
CA GLY C 93 -17.80 9.82 -9.67
C GLY C 93 -18.25 11.23 -9.97
N LEU C 94 -17.78 12.18 -9.15
CA LEU C 94 -18.02 13.60 -9.37
C LEU C 94 -16.70 14.29 -9.69
N TYR C 95 -16.61 14.89 -10.86
CA TYR C 95 -15.32 15.39 -11.36
C TYR C 95 -15.16 16.90 -11.32
N PRO C 96 -13.95 17.35 -10.97
CA PRO C 96 -13.53 18.75 -11.08
C PRO C 96 -13.58 19.20 -12.54
N PRO C 97 -13.58 20.52 -12.80
CA PRO C 97 -13.73 21.01 -14.17
C PRO C 97 -12.71 20.41 -15.14
N LYS C 98 -13.18 20.01 -16.32
CA LYS C 98 -12.30 19.42 -17.34
C LYS C 98 -11.72 20.49 -18.26
N ALA C 99 -12.46 21.57 -18.48
CA ALA C 99 -11.94 22.72 -19.21
C ALA C 99 -11.21 23.65 -18.24
N GLN C 100 -10.34 24.48 -18.78
CA GLN C 100 -9.52 25.36 -17.93
C GLN C 100 -10.19 26.71 -17.66
N TYR C 101 -10.89 26.80 -16.53
CA TYR C 101 -11.55 28.05 -16.16
C TYR C 101 -10.70 28.88 -15.21
N GLY C 102 -9.49 28.40 -14.95
CA GLY C 102 -8.62 29.03 -13.96
C GLY C 102 -9.17 28.85 -12.57
N MET C 103 -9.27 29.96 -11.83
CA MET C 103 -9.83 29.93 -10.49
C MET C 103 -11.29 30.35 -10.49
N GLY C 104 -11.81 30.70 -11.67
CA GLY C 104 -13.20 31.08 -11.81
C GLY C 104 -14.11 29.91 -11.47
N ILE C 105 -15.22 30.20 -10.81
CA ILE C 105 -16.13 29.16 -10.36
C ILE C 105 -16.81 28.43 -11.52
N PRO C 106 -16.43 27.16 -11.75
CA PRO C 106 -16.81 26.37 -12.93
C PRO C 106 -18.31 26.13 -13.04
N PRO C 107 -18.81 25.86 -14.27
CA PRO C 107 -20.23 25.58 -14.50
C PRO C 107 -20.67 24.35 -13.74
N LEU C 108 -21.96 24.28 -13.40
CA LEU C 108 -22.47 23.18 -12.57
C LEU C 108 -22.22 21.82 -13.21
N HIS C 109 -22.33 21.75 -14.53
CA HIS C 109 -22.16 20.49 -15.24
C HIS C 109 -20.68 20.16 -15.45
N ASP C 110 -19.81 21.14 -15.22
CA ASP C 110 -18.37 20.92 -15.42
C ASP C 110 -17.55 21.48 -14.25
N GLY C 111 -17.63 20.82 -13.10
CA GLY C 111 -16.83 21.20 -11.95
C GLY C 111 -17.60 21.89 -10.83
N GLY C 112 -18.73 22.51 -11.17
CA GLY C 112 -19.51 23.26 -10.21
C GLY C 112 -19.95 22.47 -8.98
N TRP C 113 -20.66 21.37 -9.22
CA TRP C 113 -21.11 20.50 -8.14
C TRP C 113 -19.95 19.92 -7.33
N TRP C 114 -18.82 19.66 -7.99
CA TRP C 114 -17.63 19.17 -7.30
C TRP C 114 -17.13 20.19 -6.29
N LEU C 115 -17.00 21.44 -6.72
CA LEU C 115 -16.49 22.49 -5.87
C LEU C 115 -17.37 22.68 -4.64
N MET C 116 -18.69 22.60 -4.87
CA MET C 116 -19.66 22.75 -3.80
C MET C 116 -19.62 21.57 -2.83
N ALA C 117 -19.48 20.36 -3.36
CA ALA C 117 -19.35 19.17 -2.54
C ALA C 117 -18.02 19.24 -1.79
N GLY C 118 -17.02 19.84 -2.43
CA GLY C 118 -15.74 20.05 -1.78
C GLY C 118 -15.86 21.01 -0.62
N LEU C 119 -16.64 22.07 -0.83
CA LEU C 119 -16.86 23.10 0.18
C LEU C 119 -17.55 22.54 1.43
N PHE C 120 -18.65 21.81 1.22
CA PHE C 120 -19.39 21.22 2.33
C PHE C 120 -18.58 20.16 3.05
N MET C 121 -17.73 19.48 2.31
CA MET C 121 -16.86 18.49 2.92
C MET C 121 -15.86 19.17 3.86
N THR C 122 -15.38 20.33 3.44
CA THR C 122 -14.43 21.10 4.25
C THR C 122 -15.08 21.54 5.56
N LEU C 123 -16.28 22.08 5.46
CA LEU C 123 -17.06 22.46 6.63
C LEU C 123 -17.26 21.27 7.55
N SER C 124 -17.47 20.10 6.94
CA SER C 124 -17.67 18.87 7.68
C SER C 124 -16.43 18.47 8.48
N LEU C 125 -15.26 18.60 7.86
CA LEU C 125 -14.01 18.25 8.52
C LEU C 125 -13.68 19.22 9.63
N GLY C 126 -14.00 20.49 9.40
CA GLY C 126 -13.72 21.55 10.36
C GLY C 126 -14.61 21.43 11.58
N SER C 127 -15.84 20.98 11.35
CA SER C 127 -16.78 20.76 12.43
C SER C 127 -16.31 19.61 13.33
N TRP C 128 -15.83 18.54 12.71
CA TRP C 128 -15.38 17.39 13.46
C TRP C 128 -14.11 17.68 14.23
N TRP C 129 -13.29 18.59 13.70
CA TRP C 129 -12.05 18.95 14.37
C TRP C 129 -12.34 19.58 15.73
N ILE C 130 -13.27 20.54 15.74
CA ILE C 130 -13.72 21.18 16.98
C ILE C 130 -14.17 20.13 17.98
N ARG C 131 -14.91 19.15 17.50
CA ARG C 131 -15.35 18.03 18.33
C ARG C 131 -14.15 17.32 18.96
N VAL C 132 -13.17 16.98 18.13
CA VAL C 132 -11.97 16.32 18.61
C VAL C 132 -11.21 17.19 19.62
N TYR C 133 -11.12 18.49 19.32
CA TYR C 133 -10.41 19.42 20.19
C TYR C 133 -11.15 19.67 21.50
N SER C 134 -12.42 20.06 21.39
CA SER C 134 -13.19 20.47 22.55
C SER C 134 -13.39 19.32 23.54
N ARG C 135 -13.66 18.13 23.02
CA ARG C 135 -13.86 16.96 23.88
C ARG C 135 -12.63 16.66 24.71
N ALA C 136 -11.46 16.93 24.14
CA ALA C 136 -10.20 16.74 24.85
C ALA C 136 -10.14 17.59 26.11
N ARG C 137 -10.32 18.90 25.96
CA ARG C 137 -10.20 19.80 27.10
C ARG C 137 -11.51 19.89 27.88
N ALA C 138 -12.56 19.28 27.36
CA ALA C 138 -13.80 19.09 28.12
C ALA C 138 -13.58 18.01 29.18
N LEU C 139 -12.67 17.09 28.86
CA LEU C 139 -12.32 16.02 29.78
C LEU C 139 -10.96 16.28 30.44
N GLY C 140 -10.47 17.51 30.29
CA GLY C 140 -9.20 17.89 30.87
C GLY C 140 -8.03 17.08 30.33
N LEU C 141 -8.05 16.81 29.03
CA LEU C 141 -7.00 16.04 28.37
C LEU C 141 -6.22 16.90 27.39
N GLY C 142 -4.99 16.50 27.09
CA GLY C 142 -4.17 17.21 26.12
C GLY C 142 -4.80 17.17 24.75
N THR C 143 -4.38 18.09 23.88
CA THR C 143 -4.96 18.17 22.55
C THR C 143 -4.08 17.48 21.51
N HIS C 144 -3.31 16.48 21.96
CA HIS C 144 -2.37 15.78 21.09
C HIS C 144 -3.08 15.15 19.88
N ILE C 145 -4.29 14.65 20.13
CA ILE C 145 -5.08 14.04 19.07
C ILE C 145 -5.58 15.10 18.10
N ALA C 146 -6.07 16.21 18.64
CA ALA C 146 -6.61 17.29 17.81
C ALA C 146 -5.56 17.83 16.84
N TRP C 147 -4.30 17.89 17.25
CA TRP C 147 -3.26 18.46 16.41
C TRP C 147 -2.73 17.45 15.38
N ASN C 148 -2.77 16.16 15.71
CA ASN C 148 -2.46 15.13 14.72
C ASN C 148 -3.50 15.15 13.61
N PHE C 149 -4.77 15.18 14.01
CA PHE C 149 -5.92 15.20 13.10
C PHE C 149 -5.92 16.44 12.21
N ALA C 150 -5.27 17.50 12.68
CA ALA C 150 -5.16 18.73 11.92
C ALA C 150 -4.26 18.55 10.70
N ALA C 151 -3.12 17.90 10.93
CA ALA C 151 -2.15 17.64 9.85
C ALA C 151 -2.79 16.87 8.70
N ALA C 152 -3.66 15.92 9.04
CA ALA C 152 -4.38 15.16 8.02
C ALA C 152 -5.39 16.04 7.32
N ILE C 153 -6.06 16.89 8.08
CA ILE C 153 -7.02 17.82 7.51
C ILE C 153 -6.29 18.81 6.61
N PHE C 154 -5.12 19.25 7.04
CA PHE C 154 -4.36 20.22 6.26
C PHE C 154 -3.94 19.66 4.92
N PHE C 155 -3.48 18.42 4.92
CA PHE C 155 -3.04 17.77 3.68
C PHE C 155 -4.18 17.63 2.66
N VAL C 156 -5.35 17.23 3.13
CA VAL C 156 -6.52 17.11 2.27
C VAL C 156 -6.84 18.45 1.62
N LEU C 157 -6.62 19.53 2.37
CA LEU C 157 -6.84 20.86 1.84
C LEU C 157 -5.84 21.18 0.73
N CYS C 158 -4.62 20.63 0.86
CA CYS C 158 -3.58 20.87 -0.14
C CYS C 158 -3.98 20.30 -1.49
N ILE C 159 -4.30 19.01 -1.52
CA ILE C 159 -4.71 18.36 -2.77
C ILE C 159 -6.12 18.74 -3.18
N GLY C 160 -6.84 19.38 -2.26
CA GLY C 160 -8.24 19.70 -2.50
C GLY C 160 -8.44 21.10 -3.06
N CYS C 161 -7.67 22.06 -2.58
CA CYS C 161 -7.88 23.45 -3.00
C CYS C 161 -6.63 24.32 -2.94
N ILE C 162 -5.74 24.04 -1.99
CA ILE C 162 -4.56 24.89 -1.82
C ILE C 162 -3.64 24.81 -3.03
N HIS C 163 -3.18 23.61 -3.37
CA HIS C 163 -2.36 23.41 -4.56
C HIS C 163 -3.09 23.85 -5.84
N PRO C 164 -4.40 23.54 -5.98
CA PRO C 164 -5.13 24.16 -7.09
C PRO C 164 -5.03 25.68 -7.12
N THR C 165 -5.18 26.34 -5.96
CA THR C 165 -5.12 27.80 -5.90
C THR C 165 -3.73 28.31 -6.23
N LEU C 166 -2.72 27.59 -5.76
CA LEU C 166 -1.33 27.96 -6.00
C LEU C 166 -0.91 27.86 -7.46
N VAL C 167 -1.41 26.85 -8.17
CA VAL C 167 -1.14 26.74 -9.60
C VAL C 167 -2.20 27.50 -10.39
N GLY C 168 -3.35 27.73 -9.77
CA GLY C 168 -4.39 28.55 -10.36
C GLY C 168 -5.36 27.81 -11.26
N SER C 169 -5.73 26.59 -10.88
CA SER C 169 -6.69 25.82 -11.67
C SER C 169 -7.45 24.82 -10.80
N TRP C 170 -8.77 24.85 -10.93
CA TRP C 170 -9.63 23.90 -10.23
C TRP C 170 -9.60 22.52 -10.87
N SER C 171 -9.04 22.44 -12.08
CA SER C 171 -8.97 21.17 -12.80
C SER C 171 -8.05 20.16 -12.12
N GLU C 172 -7.20 20.66 -11.23
CA GLU C 172 -6.20 19.83 -10.56
C GLU C 172 -6.70 19.23 -9.25
N GLY C 173 -8.00 19.40 -9.00
CA GLY C 173 -8.60 18.88 -7.80
C GLY C 173 -8.81 17.38 -7.87
N VAL C 174 -9.00 16.77 -6.71
CA VAL C 174 -9.24 15.33 -6.60
C VAL C 174 -10.73 15.04 -6.67
N PRO C 175 -11.14 14.18 -7.61
CA PRO C 175 -12.56 13.84 -7.81
C PRO C 175 -13.12 13.00 -6.67
N PHE C 176 -14.44 12.98 -6.54
CA PHE C 176 -15.09 12.09 -5.60
C PHE C 176 -15.49 10.80 -6.33
N GLY C 177 -15.19 9.66 -5.72
CA GLY C 177 -15.50 8.38 -6.32
C GLY C 177 -14.49 7.33 -5.90
N ILE C 178 -14.85 6.05 -6.06
CA ILE C 178 -13.95 4.97 -5.68
C ILE C 178 -12.78 4.85 -6.65
N TRP C 179 -13.08 4.52 -7.90
CA TRP C 179 -12.06 4.53 -8.93
C TRP C 179 -11.64 5.94 -9.36
N PRO C 180 -12.60 6.89 -9.55
CA PRO C 180 -12.20 8.19 -10.09
C PRO C 180 -11.15 8.95 -9.28
N HIS C 181 -11.21 8.86 -7.95
CA HIS C 181 -10.23 9.53 -7.12
C HIS C 181 -8.92 8.75 -7.12
N ILE C 182 -9.00 7.46 -7.45
CA ILE C 182 -7.82 6.63 -7.65
C ILE C 182 -7.14 7.00 -8.97
N ASP C 183 -7.94 7.25 -10.01
CA ASP C 183 -7.42 7.67 -11.31
C ASP C 183 -6.59 8.94 -11.22
N TRP C 184 -7.00 9.85 -10.33
CA TRP C 184 -6.32 11.13 -10.14
C TRP C 184 -4.87 10.93 -9.76
N LEU C 185 -4.61 9.91 -8.94
CA LEU C 185 -3.27 9.66 -8.42
C LEU C 185 -2.23 9.58 -9.52
N THR C 186 -2.57 8.87 -10.59
CA THR C 186 -1.64 8.66 -11.69
C THR C 186 -1.59 9.89 -12.60
N ALA C 187 -2.74 10.53 -12.84
CA ALA C 187 -2.80 11.74 -13.67
C ALA C 187 -1.92 12.83 -13.09
N PHE C 188 -1.90 12.89 -11.75
CA PHE C 188 -1.12 13.87 -11.00
C PHE C 188 0.36 13.51 -11.01
N SER C 189 0.67 12.22 -10.87
CA SER C 189 2.05 11.78 -10.89
C SER C 189 2.65 11.92 -12.28
N ILE C 190 1.90 11.50 -13.30
CA ILE C 190 2.31 11.66 -14.70
C ILE C 190 2.64 13.12 -15.01
N ARG C 191 1.70 14.00 -14.67
CA ARG C 191 1.81 15.43 -14.94
C ARG C 191 3.05 16.05 -14.32
N TYR C 192 3.50 15.51 -13.19
CA TYR C 192 4.59 16.14 -12.48
C TYR C 192 5.84 15.27 -12.39
N GLY C 193 6.03 14.42 -13.39
CA GLY C 193 7.28 13.72 -13.60
C GLY C 193 7.68 12.61 -12.64
N ASN C 194 6.77 11.67 -12.43
CA ASN C 194 7.02 10.50 -11.57
C ASN C 194 7.25 10.90 -10.13
N PHE C 195 6.23 10.73 -9.29
CA PHE C 195 6.31 11.19 -7.90
C PHE C 195 7.23 10.34 -7.04
N TYR C 196 7.79 9.28 -7.61
CA TYR C 196 8.83 8.52 -6.91
C TYR C 196 10.07 9.39 -6.73
N TYR C 197 10.17 10.48 -7.49
CA TYR C 197 11.36 11.31 -7.47
C TYR C 197 11.13 12.62 -6.73
N CYS C 198 10.03 12.68 -5.98
CA CYS C 198 9.79 13.78 -5.04
C CYS C 198 10.27 13.38 -3.64
N PRO C 199 11.27 14.09 -3.11
CA PRO C 199 11.88 13.69 -1.84
C PRO C 199 10.89 13.65 -0.67
N TRP C 200 9.91 14.53 -0.67
CA TRP C 200 8.92 14.57 0.41
C TRP C 200 7.96 13.41 0.26
N HIS C 201 7.93 12.84 -0.93
CA HIS C 201 7.19 11.61 -1.18
C HIS C 201 7.88 10.42 -0.52
N GLY C 202 9.21 10.36 -0.68
CA GLY C 202 10.01 9.36 0.00
C GLY C 202 9.94 9.51 1.50
N PHE C 203 9.98 10.76 1.97
CA PHE C 203 9.87 11.06 3.39
C PHE C 203 8.54 10.57 3.95
N SER C 204 7.45 10.97 3.30
CA SER C 204 6.12 10.57 3.71
C SER C 204 5.97 9.06 3.75
N ILE C 205 6.57 8.39 2.77
CA ILE C 205 6.53 6.92 2.72
C ILE C 205 7.35 6.34 3.86
N GLY C 206 8.52 6.94 4.12
CA GLY C 206 9.39 6.49 5.18
C GLY C 206 8.70 6.57 6.53
N PHE C 207 7.83 7.56 6.69
CA PHE C 207 7.12 7.74 7.94
C PHE C 207 5.93 6.82 8.05
N ALA C 208 5.28 6.55 6.91
CA ALA C 208 4.11 5.67 6.89
C ALA C 208 4.53 4.23 7.18
N TYR C 209 5.55 3.76 6.48
CA TYR C 209 6.14 2.46 6.76
C TYR C 209 6.52 2.35 8.23
N GLY C 210 7.20 3.38 8.74
CA GLY C 210 7.61 3.41 10.12
C GLY C 210 6.43 3.35 11.07
N CYS C 211 5.27 3.79 10.62
CA CYS C 211 4.07 3.69 11.43
C CYS C 211 3.66 2.23 11.51
N GLY C 212 3.95 1.49 10.44
CA GLY C 212 3.72 0.07 10.41
C GLY C 212 4.68 -0.65 11.34
N LEU C 213 5.97 -0.41 11.16
CA LEU C 213 7.02 -0.99 12.00
C LEU C 213 6.77 -0.70 13.49
N LEU C 214 6.58 0.57 13.83
CA LEU C 214 6.48 0.98 15.22
C LEU C 214 5.35 0.29 15.96
N PHE C 215 4.14 0.33 15.42
CA PHE C 215 3.03 -0.26 16.17
C PHE C 215 2.93 -1.77 15.94
N ALA C 216 3.78 -2.31 15.06
CA ALA C 216 3.97 -3.75 15.01
C ALA C 216 4.87 -4.15 16.16
N ALA C 217 5.93 -3.38 16.37
CA ALA C 217 6.88 -3.63 17.45
C ALA C 217 6.28 -3.28 18.81
N HIS C 218 5.69 -2.08 18.90
CA HIS C 218 5.11 -1.60 20.14
C HIS C 218 3.89 -2.42 20.52
N GLY C 219 3.04 -2.68 19.54
CA GLY C 219 1.88 -3.53 19.72
C GLY C 219 2.27 -4.90 20.26
N ALA C 220 3.32 -5.48 19.69
CA ALA C 220 3.82 -6.77 20.13
C ALA C 220 4.55 -6.66 21.47
N THR C 221 5.22 -5.53 21.70
CA THR C 221 5.92 -5.31 22.94
C THR C 221 4.97 -5.36 24.12
N ILE C 222 3.89 -4.61 24.04
CA ILE C 222 2.93 -4.52 25.13
C ILE C 222 2.20 -5.85 25.34
N LEU C 223 1.97 -6.59 24.26
CA LEU C 223 1.39 -7.93 24.38
C LEU C 223 2.34 -8.87 25.12
N ALA C 224 3.63 -8.70 24.89
CA ALA C 224 4.65 -9.55 25.49
C ALA C 224 4.76 -9.33 27.00
N VAL C 225 4.59 -8.08 27.41
CA VAL C 225 4.63 -7.74 28.83
C VAL C 225 3.22 -7.53 29.38
N ALA C 226 2.25 -8.19 28.76
CA ALA C 226 0.86 -8.08 29.19
C ALA C 226 0.62 -8.86 30.48
N ARG C 227 1.52 -9.81 30.77
CA ARG C 227 1.44 -10.56 32.03
C ARG C 227 1.86 -9.71 33.22
N PHE C 228 2.47 -8.58 32.94
CA PHE C 228 2.94 -7.68 33.99
C PHE C 228 2.11 -6.41 34.00
N GLY C 229 0.96 -6.46 33.34
CA GLY C 229 0.05 -5.33 33.27
C GLY C 229 0.66 -4.14 32.55
N GLY C 230 1.26 -4.40 31.40
CA GLY C 230 1.90 -3.35 30.63
C GLY C 230 0.91 -2.45 29.94
N ASP C 231 -0.24 -3.00 29.60
CA ASP C 231 -1.28 -2.26 28.88
C ASP C 231 -1.79 -1.10 29.72
N ARG C 232 -1.47 -1.14 30.99
CA ARG C 232 -1.79 -0.05 31.92
C ARG C 232 -0.63 0.94 31.88
N GLU C 233 -0.68 1.86 30.92
CA GLU C 233 0.50 2.63 30.56
C GLU C 233 0.57 3.97 31.27
N ILE C 234 -0.58 4.59 31.49
CA ILE C 234 -0.63 5.86 32.23
C ILE C 234 0.03 5.67 33.58
N GLU C 235 -0.34 4.58 34.25
CA GLU C 235 0.26 4.21 35.53
C GLU C 235 1.46 3.30 35.35
N GLN C 236 2.14 3.46 34.22
CA GLN C 236 3.48 2.90 34.00
C GLN C 236 4.44 4.04 33.61
N ILE C 237 3.86 5.19 33.25
CA ILE C 237 4.63 6.40 33.01
C ILE C 237 4.99 7.10 34.32
N THR C 238 3.97 7.56 35.03
CA THR C 238 4.16 8.25 36.29
C THR C 238 4.78 7.36 37.37
N ASP C 239 5.00 6.09 37.04
CA ASP C 239 5.32 5.07 38.03
C ASP C 239 5.74 3.75 37.37
N ARG C 240 7.06 3.54 37.28
CA ARG C 240 7.66 2.43 36.53
C ARG C 240 7.59 1.08 37.27
N GLY C 241 6.96 0.12 36.62
CA GLY C 241 6.84 -1.24 37.11
C GLY C 241 7.52 -2.23 36.17
N THR C 242 7.44 -3.51 36.50
CA THR C 242 8.21 -4.55 35.82
C THR C 242 7.84 -4.77 34.35
N ALA C 243 6.72 -4.19 33.93
CA ALA C 243 6.29 -4.37 32.54
C ALA C 243 7.25 -3.68 31.56
N VAL C 244 7.43 -2.37 31.71
CA VAL C 244 8.30 -1.61 30.81
C VAL C 244 9.74 -1.63 31.29
N GLU C 245 9.99 -2.39 32.36
CA GLU C 245 11.35 -2.70 32.74
C GLU C 245 11.95 -3.58 31.66
N ARG C 246 11.24 -4.66 31.38
CA ARG C 246 11.66 -5.67 30.42
C ARG C 246 11.47 -5.18 28.98
N ALA C 247 10.47 -4.32 28.79
CA ALA C 247 10.20 -3.76 27.48
C ALA C 247 11.35 -2.86 27.07
N ALA C 248 11.77 -1.96 27.96
CA ALA C 248 12.91 -1.09 27.71
C ALA C 248 14.19 -1.89 27.51
N LEU C 249 14.28 -3.03 28.19
CA LEU C 249 15.50 -3.84 28.14
C LEU C 249 15.55 -4.76 26.92
N PHE C 250 14.39 -5.21 26.44
CA PHE C 250 14.35 -6.04 25.25
C PHE C 250 14.96 -5.30 24.07
N TRP C 251 14.61 -4.02 23.97
CA TRP C 251 15.05 -3.22 22.85
C TRP C 251 16.48 -2.73 23.06
N ARG C 252 16.86 -2.52 24.31
CA ARG C 252 18.21 -2.07 24.62
C ARG C 252 19.22 -3.19 24.34
N TRP C 253 18.78 -4.43 24.54
CA TRP C 253 19.64 -5.59 24.29
C TRP C 253 19.59 -5.98 22.81
N THR C 254 18.61 -5.46 22.09
CA THR C 254 18.42 -5.80 20.68
C THR C 254 19.12 -4.81 19.74
N ILE C 255 18.79 -3.52 19.89
CA ILE C 255 19.27 -2.51 18.95
C ILE C 255 20.24 -1.52 19.60
N GLY C 256 20.51 -1.69 20.90
CA GLY C 256 21.51 -0.89 21.58
C GLY C 256 21.00 0.38 22.26
N PHE C 257 19.71 0.65 22.10
CA PHE C 257 19.09 1.81 22.74
C PHE C 257 17.59 1.60 22.86
N ASN C 258 16.96 2.35 23.76
CA ASN C 258 15.55 2.18 24.04
C ASN C 258 14.84 3.49 24.37
N ALA C 259 13.52 3.41 24.46
CA ALA C 259 12.70 4.56 24.82
C ALA C 259 12.10 4.32 26.21
N THR C 260 11.19 5.19 26.62
CA THR C 260 10.42 4.93 27.83
C THR C 260 9.03 4.53 27.40
N ILE C 261 8.19 4.15 28.36
CA ILE C 261 6.82 3.80 28.03
C ILE C 261 6.09 5.06 27.56
N GLU C 262 6.50 6.21 28.07
CA GLU C 262 5.90 7.46 27.60
C GLU C 262 6.46 7.85 26.24
N SER C 263 7.79 7.89 26.14
CA SER C 263 8.44 8.48 24.97
C SER C 263 8.19 7.71 23.68
N VAL C 264 7.89 6.42 23.78
CA VAL C 264 7.60 5.63 22.59
C VAL C 264 6.30 6.13 21.94
N HIS C 265 5.44 6.76 22.73
CA HIS C 265 4.19 7.30 22.22
C HIS C 265 4.44 8.63 21.50
N ARG C 266 5.52 9.31 21.87
CA ARG C 266 5.91 10.52 21.17
C ARG C 266 6.54 10.15 19.83
N TRP C 267 7.17 8.99 19.78
CA TRP C 267 7.77 8.48 18.55
C TRP C 267 6.72 8.12 17.51
N GLY C 268 5.64 7.49 17.97
CA GLY C 268 4.56 7.07 17.09
C GLY C 268 3.66 8.21 16.66
N TRP C 269 3.45 9.16 17.57
CA TRP C 269 2.65 10.35 17.27
C TRP C 269 3.38 11.23 16.26
N PHE C 270 4.69 11.32 16.40
CA PHE C 270 5.53 12.12 15.50
C PHE C 270 5.56 11.52 14.10
N PHE C 271 5.84 10.22 14.01
CA PHE C 271 5.88 9.51 12.73
C PHE C 271 4.58 9.67 11.96
N SER C 272 3.46 9.44 12.65
CA SER C 272 2.14 9.64 12.07
C SER C 272 1.95 11.07 11.59
N LEU C 273 2.33 12.02 12.45
CA LEU C 273 2.25 13.44 12.10
C LEU C 273 3.05 13.73 10.84
N MET C 274 4.24 13.16 10.77
CA MET C 274 5.18 13.42 9.70
C MET C 274 4.78 12.78 8.38
N VAL C 275 3.91 11.78 8.43
CA VAL C 275 3.33 11.25 7.20
C VAL C 275 2.60 12.39 6.49
N MET C 276 1.84 13.15 7.28
CA MET C 276 1.05 14.25 6.74
C MET C 276 1.86 15.51 6.49
N VAL C 277 2.78 15.82 7.40
CA VAL C 277 3.60 17.02 7.28
C VAL C 277 4.47 16.94 6.03
N SER C 278 5.11 15.79 5.83
CA SER C 278 5.97 15.62 4.66
C SER C 278 5.15 15.66 3.38
N ALA C 279 3.99 15.00 3.39
CA ALA C 279 3.13 14.93 2.23
C ALA C 279 2.67 16.31 1.77
N SER C 280 2.12 17.08 2.71
CA SER C 280 1.64 18.44 2.44
C SER C 280 2.72 19.31 1.80
N VAL C 281 3.96 19.23 2.31
CA VAL C 281 5.07 20.01 1.77
C VAL C 281 5.38 19.58 0.34
N GLY C 282 5.29 18.28 0.09
CA GLY C 282 5.46 17.74 -1.26
C GLY C 282 4.47 18.31 -2.25
N ILE C 283 3.18 18.29 -1.89
CA ILE C 283 2.12 18.80 -2.75
C ILE C 283 2.27 20.30 -3.01
N LEU C 284 2.66 21.03 -1.97
CA LEU C 284 2.78 22.47 -2.11
C LEU C 284 3.90 22.83 -3.06
N LEU C 285 5.06 22.23 -2.85
CA LEU C 285 6.19 22.41 -3.76
C LEU C 285 5.81 22.04 -5.19
N THR C 286 5.01 20.99 -5.34
CA THR C 286 4.61 20.45 -6.65
C THR C 286 3.72 21.38 -7.46
N GLY C 287 4.12 21.64 -8.71
CA GLY C 287 3.40 22.57 -9.54
C GLY C 287 3.91 23.99 -9.33
N THR C 288 4.04 24.38 -8.06
CA THR C 288 4.49 25.72 -7.71
C THR C 288 5.92 25.97 -8.14
N PHE C 289 6.83 25.15 -7.63
CA PHE C 289 8.26 25.41 -7.80
C PHE C 289 9.01 24.22 -8.42
N VAL C 290 8.31 23.11 -8.62
CA VAL C 290 8.85 21.96 -9.35
C VAL C 290 7.81 21.45 -10.35
N ASP C 291 8.26 21.21 -11.58
CA ASP C 291 7.36 20.92 -12.67
C ASP C 291 7.58 19.51 -13.19
N ASN C 292 8.72 18.93 -12.80
CA ASN C 292 9.01 17.53 -13.12
C ASN C 292 10.03 16.97 -12.14
N TRP C 293 9.55 16.16 -11.19
CA TRP C 293 10.40 15.68 -10.12
C TRP C 293 11.55 14.81 -10.61
N TYR C 294 11.32 14.06 -11.68
CA TYR C 294 12.39 13.26 -12.25
C TYR C 294 13.50 14.16 -12.79
N LEU C 295 13.11 15.13 -13.63
CA LEU C 295 14.07 16.06 -14.21
C LEU C 295 14.71 16.92 -13.13
N TRP C 296 13.97 17.19 -12.07
CA TRP C 296 14.50 17.92 -10.92
C TRP C 296 15.64 17.11 -10.32
N CYS C 297 15.46 15.80 -10.22
CA CYS C 297 16.49 14.93 -9.67
C CYS C 297 17.67 14.84 -10.62
N VAL C 298 17.39 14.84 -11.92
CA VAL C 298 18.43 14.75 -12.92
C VAL C 298 19.32 15.97 -12.83
N LYS C 299 18.67 17.13 -12.67
CA LYS C 299 19.37 18.42 -12.56
C LYS C 299 20.36 18.41 -11.40
N HIS C 300 19.98 17.76 -10.31
CA HIS C 300 20.82 17.68 -9.11
C HIS C 300 21.68 16.41 -9.10
N GLY C 301 21.62 15.66 -10.19
CA GLY C 301 22.46 14.49 -10.37
C GLY C 301 22.15 13.36 -9.41
N ALA C 302 20.87 13.19 -9.09
CA ALA C 302 20.46 12.17 -8.14
C ALA C 302 19.84 10.96 -8.83
N ALA C 303 19.28 11.18 -10.02
CA ALA C 303 18.62 10.12 -10.76
C ALA C 303 19.60 9.06 -11.26
N PRO C 304 19.24 7.77 -11.10
CA PRO C 304 20.04 6.66 -11.62
C PRO C 304 19.88 6.48 -13.13
N ASP C 305 20.92 5.96 -13.77
CA ASP C 305 20.88 5.68 -15.20
C ASP C 305 21.32 4.25 -15.48
N TYR C 306 20.69 3.62 -16.48
CA TYR C 306 20.96 2.22 -16.77
C TYR C 306 21.42 2.01 -18.20
N PRO C 307 22.26 0.99 -18.40
CA PRO C 307 22.73 0.65 -19.75
C PRO C 307 21.57 0.21 -20.62
N ALA C 308 21.72 0.36 -21.93
CA ALA C 308 20.68 -0.07 -22.84
C ALA C 308 20.52 -1.58 -22.78
N TYR C 309 19.27 -2.03 -22.85
CA TYR C 309 18.99 -3.44 -23.08
C TYR C 309 18.58 -3.57 -24.53
N LEU C 310 17.38 -3.09 -24.84
CA LEU C 310 17.00 -2.82 -26.23
C LEU C 310 17.64 -1.50 -26.61
N PRO C 311 17.98 -1.33 -27.91
CA PRO C 311 18.70 -0.15 -28.42
C PRO C 311 18.10 1.18 -27.99
N ALA C 312 18.94 2.21 -27.95
CA ALA C 312 18.48 3.56 -27.64
C ALA C 312 17.48 4.01 -28.69
N THR C 313 16.40 4.65 -28.26
CA THR C 313 15.33 5.07 -29.18
C THR C 313 15.24 6.59 -29.30
N PRO C 314 15.66 7.13 -30.44
CA PRO C 314 15.59 8.57 -30.72
C PRO C 314 14.15 9.08 -30.80
N ASP C 315 13.89 10.24 -30.24
CA ASP C 315 12.56 10.87 -30.29
C ASP C 315 12.19 11.16 -31.74
N PRO C 316 11.23 10.40 -32.30
CA PRO C 316 10.88 10.53 -33.71
C PRO C 316 10.32 11.91 -34.08
N ALA C 317 9.79 12.64 -33.11
CA ALA C 317 9.24 13.97 -33.38
C ALA C 317 10.32 14.96 -33.76
N SER C 318 11.58 14.63 -33.44
CA SER C 318 12.69 15.52 -33.69
C SER C 318 13.44 15.15 -34.96
N LEU C 319 12.98 14.10 -35.62
CA LEU C 319 13.57 13.66 -36.87
C LEU C 319 13.28 14.67 -37.98
N PRO C 320 14.24 14.81 -38.92
CA PRO C 320 14.03 15.68 -40.09
C PRO C 320 12.94 15.14 -41.00
N GLY C 321 11.92 15.97 -41.25
CA GLY C 321 10.84 15.63 -42.15
C GLY C 321 9.66 15.00 -41.43
N ALA C 322 9.85 14.73 -40.14
CA ALA C 322 8.84 14.06 -39.32
C ALA C 322 7.64 14.96 -39.05
N PRO C 323 6.43 14.38 -39.13
CA PRO C 323 5.18 15.13 -38.96
C PRO C 323 5.07 15.87 -37.63
N LYS C 324 4.10 16.76 -37.53
CA LYS C 324 3.87 17.52 -36.31
C LYS C 324 3.24 16.64 -35.22
N FME D 1 12.19 32.41 -18.29
CN FME D 1 13.29 32.02 -19.03
O1 FME D 1 14.37 31.70 -18.54
CA FME D 1 12.14 32.48 -16.86
CB FME D 1 11.45 33.75 -16.34
CG FME D 1 12.33 34.55 -15.44
SD FME D 1 11.62 36.16 -15.22
CE FME D 1 10.03 36.04 -15.94
C FME D 1 11.37 31.31 -16.25
O FME D 1 10.41 30.78 -16.81
N TYR D 2 11.80 30.89 -15.06
CA TYR D 2 11.18 29.75 -14.39
C TYR D 2 10.72 30.06 -12.96
N HIS D 3 9.58 29.49 -12.58
CA HIS D 3 9.11 29.58 -11.21
C HIS D 3 10.03 28.81 -10.28
N GLY D 4 10.37 29.41 -9.15
CA GLY D 4 11.15 28.73 -8.13
C GLY D 4 12.65 28.83 -8.33
N ALA D 5 13.06 29.44 -9.44
CA ALA D 5 14.48 29.58 -9.74
C ALA D 5 15.14 30.66 -8.89
N LEU D 6 16.37 30.39 -8.46
CA LEU D 6 17.14 31.34 -7.66
C LEU D 6 18.52 31.57 -8.28
N ALA D 7 19.40 32.17 -7.49
CA ALA D 7 20.79 32.40 -7.89
C ALA D 7 21.46 31.10 -8.32
N GLN D 8 22.52 31.22 -9.11
CA GLN D 8 23.26 30.06 -9.60
C GLN D 8 22.31 29.01 -10.20
N HIS D 9 22.56 27.73 -9.92
CA HIS D 9 21.72 26.64 -10.37
C HIS D 9 20.74 26.24 -9.27
N LEU D 10 20.61 27.12 -8.28
CA LEU D 10 19.83 26.85 -7.08
C LEU D 10 18.34 27.11 -7.28
N ASP D 11 17.50 26.37 -6.56
CA ASP D 11 16.06 26.61 -6.59
C ASP D 11 15.44 26.43 -5.21
N ILE D 12 14.17 26.80 -5.09
CA ILE D 12 13.46 26.80 -3.81
C ILE D 12 13.35 25.41 -3.19
N ALA D 13 12.81 24.46 -3.95
CA ALA D 13 12.61 23.09 -3.46
C ALA D 13 13.92 22.45 -3.03
N GLN D 14 15.02 22.88 -3.64
CA GLN D 14 16.33 22.40 -3.25
C GLN D 14 16.67 22.85 -1.83
N LEU D 15 16.32 24.08 -1.51
CA LEU D 15 16.59 24.63 -0.19
C LEU D 15 15.75 23.91 0.86
N VAL D 16 14.46 23.77 0.60
CA VAL D 16 13.55 23.12 1.53
C VAL D 16 14.02 21.71 1.86
N TRP D 17 14.68 21.07 0.89
CA TRP D 17 15.19 19.71 1.07
C TRP D 17 16.15 19.65 2.25
N TYR D 18 17.03 20.64 2.35
CA TYR D 18 17.96 20.71 3.47
C TYR D 18 17.23 21.03 4.77
N ALA D 19 16.29 21.97 4.70
CA ALA D 19 15.50 22.37 5.87
C ALA D 19 14.74 21.18 6.45
N GLN D 20 14.25 20.31 5.57
CA GLN D 20 13.50 19.13 5.99
C GLN D 20 14.37 18.17 6.79
N TRP D 21 15.60 17.95 6.34
CA TRP D 21 16.53 17.09 7.05
C TRP D 21 16.91 17.70 8.40
N LEU D 22 17.15 19.01 8.39
CA LEU D 22 17.53 19.73 9.60
C LEU D 22 16.48 19.64 10.69
N VAL D 23 15.23 19.86 10.32
CA VAL D 23 14.12 19.78 11.27
C VAL D 23 13.96 18.37 11.83
N ILE D 24 14.01 17.38 10.94
CA ILE D 24 13.81 15.99 11.32
C ILE D 24 14.86 15.48 12.31
N TRP D 25 16.12 15.75 12.02
CA TRP D 25 17.20 15.30 12.90
C TRP D 25 17.22 16.10 14.19
N THR D 26 16.79 17.36 14.13
CA THR D 26 16.69 18.18 15.32
C THR D 26 15.68 17.56 16.28
N VAL D 27 14.51 17.22 15.75
CA VAL D 27 13.45 16.60 16.54
C VAL D 27 13.88 15.24 17.12
N VAL D 28 14.54 14.44 16.29
CA VAL D 28 14.92 13.09 16.69
C VAL D 28 16.03 13.08 17.75
N LEU D 29 17.10 13.83 17.48
CA LEU D 29 18.27 13.83 18.36
C LEU D 29 18.12 14.76 19.57
N LEU D 30 17.60 15.96 19.34
CA LEU D 30 17.52 16.98 20.38
C LEU D 30 16.16 17.02 21.08
N TYR D 31 15.36 15.98 20.89
CA TYR D 31 14.08 15.91 21.61
C TYR D 31 13.69 14.47 21.90
N LEU D 32 13.36 13.72 20.85
CA LEU D 32 12.86 12.36 21.02
C LEU D 32 13.87 11.44 21.70
N ARG D 33 15.15 11.57 21.32
CA ARG D 33 16.19 10.77 21.93
C ARG D 33 16.42 11.18 23.38
N ARG D 34 16.13 12.43 23.73
CA ARG D 34 16.29 12.88 25.10
C ARG D 34 15.05 12.54 25.93
N GLU D 35 13.89 12.55 25.28
CA GLU D 35 12.65 12.12 25.93
C GLU D 35 12.72 10.64 26.26
N ASP D 36 13.56 9.91 25.52
CA ASP D 36 13.77 8.49 25.74
C ASP D 36 14.54 8.22 27.02
N ARG D 37 15.31 9.21 27.48
CA ARG D 37 16.18 9.01 28.64
C ARG D 37 15.60 9.59 29.92
N ARG D 38 14.28 9.48 30.10
CA ARG D 38 13.66 9.98 31.31
C ARG D 38 13.76 8.95 32.45
N GLU D 39 13.83 7.66 32.14
CA GLU D 39 14.11 6.72 33.21
C GLU D 39 15.12 5.68 32.79
N GLY D 40 15.91 5.21 33.75
CA GLY D 40 16.97 4.26 33.48
C GLY D 40 18.31 4.97 33.52
N TYR D 41 18.24 6.29 33.62
CA TYR D 41 19.43 7.14 33.55
C TYR D 41 19.62 7.93 34.85
N PRO D 42 20.87 8.26 35.19
CA PRO D 42 22.09 7.97 34.41
C PRO D 42 22.54 6.52 34.53
N LEU D 43 23.37 6.07 33.59
CA LEU D 43 23.87 4.70 33.57
C LEU D 43 24.84 4.44 34.72
N VAL D 44 25.07 3.17 35.05
CA VAL D 44 25.96 2.79 36.14
C VAL D 44 27.00 1.74 35.71
N GLU D 45 27.88 1.37 36.64
CA GLU D 45 28.88 0.32 36.41
C GLU D 45 29.68 0.51 35.13
N GLU D 61 23.35 15.49 28.15
CA GLU D 61 22.51 14.78 27.20
C GLU D 61 21.13 14.48 27.78
N LEU D 62 21.06 14.39 29.11
CA LEU D 62 19.81 14.11 29.80
C LEU D 62 18.93 15.35 29.83
N PRO D 63 17.60 15.15 29.79
CA PRO D 63 16.68 16.30 29.78
C PRO D 63 16.34 16.87 31.17
N TYR D 64 15.73 18.05 31.13
CA TYR D 64 15.16 18.75 32.29
C TYR D 64 14.25 17.86 33.15
N PRO D 65 13.90 18.30 34.37
CA PRO D 65 12.98 17.45 35.14
C PRO D 65 11.57 17.61 34.62
N LYS D 66 10.67 16.70 35.00
CA LYS D 66 9.26 16.95 34.79
C LYS D 66 8.48 16.38 35.97
N THR D 67 7.39 17.06 36.29
CA THR D 67 6.62 16.77 37.48
C THR D 67 5.19 16.43 37.12
N PHE D 68 4.81 15.17 37.29
CA PHE D 68 3.40 14.82 37.08
C PHE D 68 2.60 15.12 38.33
N VAL D 69 1.43 15.70 38.17
CA VAL D 69 0.52 15.91 39.30
C VAL D 69 -0.51 14.79 39.25
N LEU D 70 -0.44 13.89 40.23
CA LEU D 70 -1.18 12.63 40.19
C LEU D 70 -2.65 12.78 40.61
N PRO D 71 -3.55 11.96 40.03
CA PRO D 71 -5.00 12.15 40.06
C PRO D 71 -5.64 12.41 41.43
N HIS D 72 -5.15 11.80 42.51
CA HIS D 72 -5.73 12.08 43.81
C HIS D 72 -4.68 12.36 44.89
N GLY D 73 -3.99 13.49 44.74
CA GLY D 73 -3.03 13.92 45.75
C GLY D 73 -1.61 13.49 45.49
N GLY D 74 -0.68 14.42 45.70
CA GLY D 74 0.73 14.12 45.57
C GLY D 74 1.30 14.29 44.18
N THR D 75 2.63 14.38 44.10
CA THR D 75 3.34 14.44 42.83
C THR D 75 4.47 13.42 42.77
N VAL D 76 4.88 13.11 41.53
CA VAL D 76 5.99 12.21 41.20
C VAL D 76 6.77 12.84 40.01
N THR D 77 8.09 12.85 40.08
CA THR D 77 8.90 13.58 39.09
C THR D 77 10.08 12.75 38.56
N VAL D 78 10.28 12.68 37.23
CA VAL D 78 11.47 12.08 36.61
C VAL D 78 12.83 12.64 37.12
N PRO D 79 13.83 11.79 37.51
CA PRO D 79 14.15 10.39 37.85
C PRO D 79 13.31 9.78 38.95
N ARG D 80 13.64 8.57 39.34
CA ARG D 80 13.05 8.03 40.56
C ARG D 80 14.15 7.89 41.60
N ARG D 81 14.11 8.74 42.62
CA ARG D 81 15.10 8.71 43.68
C ARG D 81 14.51 7.97 44.92
N ARG D 82 15.02 6.75 45.08
CA ARG D 82 14.31 5.66 45.69
C ARG D 82 14.70 5.33 47.15
N PRO D 83 13.75 4.68 47.93
CA PRO D 83 13.65 4.43 49.39
C PRO D 83 14.90 4.07 50.12
N GLU D 84 15.61 3.22 49.37
CA GLU D 84 16.58 2.26 49.88
C GLU D 84 16.65 1.35 48.66
N THR D 85 17.77 0.69 48.45
CA THR D 85 17.86 -0.16 47.25
C THR D 85 18.07 -1.60 47.66
N ARG D 86 17.46 -2.52 46.90
CA ARG D 86 17.50 -3.93 47.25
C ARG D 86 18.92 -4.48 47.18
N GLU D 87 19.16 -5.56 47.92
CA GLU D 87 20.46 -6.23 47.86
C GLU D 87 20.40 -7.45 46.97
N LEU D 88 21.21 -7.43 45.92
CA LEU D 88 21.43 -8.58 45.06
C LEU D 88 21.62 -9.91 45.78
N LYS D 89 21.07 -10.96 45.18
CA LYS D 89 21.25 -12.34 45.60
C LYS D 89 21.80 -13.11 44.39
N LEU D 90 22.79 -12.54 43.70
CA LEU D 90 23.40 -13.15 42.50
C LEU D 90 24.92 -13.01 42.50
N ALA D 91 25.61 -13.99 41.91
CA ALA D 91 27.05 -13.89 41.73
C ALA D 91 27.42 -13.80 40.26
N GLN D 92 28.44 -12.99 39.95
CA GLN D 92 28.93 -12.88 38.59
C GLN D 92 29.56 -14.19 38.15
N THR D 93 29.57 -14.44 36.85
CA THR D 93 30.08 -15.70 36.31
C THR D 93 31.52 -15.57 35.83
N ASP D 94 31.94 -14.33 35.54
CA ASP D 94 33.32 -14.01 35.20
C ASP D 94 33.53 -12.50 35.27
N GLY D 95 34.79 -12.07 35.24
CA GLY D 95 35.15 -10.68 35.51
C GLY D 95 35.10 -9.66 34.39
N PHE D 96 34.83 -10.08 33.15
CA PHE D 96 34.75 -9.10 32.07
C PHE D 96 33.38 -8.43 32.06
N GLU D 97 33.40 -7.10 32.05
CA GLU D 97 32.25 -6.19 31.95
C GLU D 97 30.88 -6.75 31.51
N GLY D 98 30.87 -7.62 30.49
CA GLY D 98 29.63 -8.07 29.91
C GLY D 98 29.22 -9.49 30.27
N ALA D 99 29.85 -10.05 31.30
CA ALA D 99 29.56 -11.41 31.71
C ALA D 99 28.19 -11.51 32.37
N PRO D 100 27.49 -12.63 32.16
CA PRO D 100 26.19 -12.85 32.81
C PRO D 100 26.32 -13.04 34.32
N LEU D 101 25.19 -12.99 35.02
CA LEU D 101 25.17 -13.21 36.46
C LEU D 101 24.49 -14.56 36.77
N GLN D 102 24.51 -14.95 38.04
CA GLN D 102 24.01 -16.27 38.43
C GLN D 102 23.43 -16.27 39.84
N PRO D 103 22.21 -16.81 40.01
CA PRO D 103 21.50 -16.81 41.30
C PRO D 103 22.22 -17.59 42.40
N THR D 104 22.39 -16.95 43.55
CA THR D 104 23.10 -17.54 44.68
C THR D 104 22.18 -18.35 45.58
N GLY D 105 20.88 -18.07 45.46
CA GLY D 105 19.90 -18.82 46.21
C GLY D 105 18.90 -19.43 45.24
N ASN D 106 17.62 -19.33 45.62
CA ASN D 106 16.49 -19.66 44.80
C ASN D 106 16.05 -18.37 44.12
N PRO D 107 16.20 -18.30 42.78
CA PRO D 107 16.00 -17.03 42.05
C PRO D 107 14.57 -16.53 42.07
N LEU D 108 13.67 -17.46 42.39
CA LEU D 108 12.28 -17.15 42.57
C LEU D 108 12.07 -16.40 43.89
N VAL D 109 12.79 -16.78 44.96
CA VAL D 109 12.54 -16.10 46.25
C VAL D 109 13.24 -14.73 46.38
N ASP D 110 14.40 -14.52 45.77
CA ASP D 110 15.13 -13.26 45.89
C ASP D 110 14.90 -12.39 44.68
N ALA D 111 13.93 -12.82 43.87
CA ALA D 111 13.38 -12.06 42.74
C ALA D 111 14.47 -11.51 41.84
N VAL D 112 15.09 -12.41 41.10
CA VAL D 112 16.20 -12.04 40.22
C VAL D 112 15.97 -12.62 38.83
N GLY D 113 16.52 -11.96 37.82
CA GLY D 113 16.29 -12.37 36.45
C GLY D 113 14.85 -12.14 36.05
N PRO D 114 14.23 -13.12 35.37
CA PRO D 114 12.83 -13.02 34.97
C PRO D 114 11.87 -13.12 36.16
N ALA D 115 12.41 -13.24 37.37
CA ALA D 115 11.61 -13.27 38.58
C ALA D 115 11.63 -11.91 39.28
N SER D 116 12.29 -10.95 38.65
CA SER D 116 12.50 -9.63 39.24
C SER D 116 11.25 -8.75 39.20
N TYR D 117 11.09 -7.88 40.19
CA TYR D 117 9.98 -6.94 40.21
C TYR D 117 10.47 -5.51 40.36
N ALA D 118 9.55 -4.56 40.25
CA ALA D 118 9.91 -3.15 40.33
C ALA D 118 9.66 -2.59 41.71
N GLU D 119 10.51 -1.67 42.13
CA GLU D 119 10.38 -1.04 43.44
C GLU D 119 9.49 0.20 43.37
N ARG D 120 8.18 -0.01 43.22
CA ARG D 120 7.24 1.10 43.12
C ARG D 120 6.17 1.07 44.22
N ALA D 121 5.91 2.26 44.79
CA ALA D 121 5.08 2.48 45.98
C ALA D 121 4.07 1.40 46.33
N GLU D 122 4.11 1.02 47.60
CA GLU D 122 3.16 0.08 48.15
C GLU D 122 1.90 0.84 48.49
N VAL D 123 1.26 1.34 47.43
CA VAL D 123 -0.05 1.93 47.50
C VAL D 123 -0.97 1.13 46.60
N VAL D 124 -2.17 0.85 47.08
CA VAL D 124 -3.15 0.29 46.18
C VAL D 124 -3.66 1.46 45.34
N ASP D 125 -3.43 1.44 44.02
CA ASP D 125 -3.82 2.64 43.30
C ASP D 125 -5.16 2.43 42.60
N ALA D 126 -5.82 3.56 42.40
CA ALA D 126 -7.28 3.59 42.47
C ALA D 126 -8.05 3.84 41.19
N THR D 127 -9.32 4.19 41.41
CA THR D 127 -10.38 4.16 40.42
C THR D 127 -10.57 5.62 40.00
N VAL D 128 -11.53 5.89 39.11
CA VAL D 128 -11.94 7.25 38.77
C VAL D 128 -12.28 8.05 40.02
N ASP D 129 -12.79 7.37 41.04
CA ASP D 129 -13.37 8.07 42.16
C ASP D 129 -12.84 7.64 43.54
N GLY D 130 -11.65 7.06 43.60
CA GLY D 130 -10.99 6.82 44.88
C GLY D 130 -10.86 5.38 45.34
N LYS D 131 -11.86 4.57 45.03
CA LYS D 131 -11.91 3.18 45.50
C LYS D 131 -10.73 2.33 45.00
N ALA D 132 -10.56 1.16 45.59
CA ALA D 132 -9.49 0.27 45.15
C ALA D 132 -9.86 -0.35 43.81
N LYS D 133 -8.93 -0.25 42.87
CA LYS D 133 -9.17 -0.60 41.47
C LYS D 133 -9.17 -2.11 41.25
N ILE D 134 -8.14 -2.78 41.77
CA ILE D 134 -8.06 -4.24 41.65
C ILE D 134 -8.61 -4.93 42.90
N VAL D 135 -9.85 -5.40 42.80
CA VAL D 135 -10.54 -5.99 43.95
C VAL D 135 -11.33 -7.25 43.58
N PRO D 136 -11.39 -8.21 44.52
CA PRO D 136 -12.18 -9.45 44.47
C PRO D 136 -13.65 -9.23 44.14
N LEU D 137 -14.35 -10.28 43.71
CA LEU D 137 -15.80 -10.19 43.50
C LEU D 137 -16.61 -10.21 44.78
N ARG D 138 -16.04 -10.76 45.85
CA ARG D 138 -16.70 -10.70 47.15
C ARG D 138 -16.75 -9.25 47.62
N VAL D 139 -15.82 -8.45 47.13
CA VAL D 139 -15.87 -7.01 47.31
C VAL D 139 -16.70 -6.40 46.18
N ALA D 140 -16.37 -6.78 44.95
CA ALA D 140 -16.91 -6.19 43.75
C ALA D 140 -18.43 -6.50 43.53
N THR D 141 -19.25 -6.17 44.55
CA THR D 141 -20.56 -5.51 44.47
C THR D 141 -21.39 -5.94 43.34
N ASP D 142 -20.98 -5.45 42.21
CA ASP D 142 -21.90 -5.35 41.13
C ASP D 142 -21.30 -5.94 39.92
N PHE D 143 -20.09 -6.54 40.03
CA PHE D 143 -19.39 -7.12 38.88
C PHE D 143 -19.72 -8.61 38.67
N SER D 144 -19.64 -9.05 37.43
CA SER D 144 -20.16 -10.33 37.01
C SER D 144 -19.16 -11.10 36.16
N ILE D 145 -19.48 -12.34 35.85
CA ILE D 145 -18.79 -13.06 34.80
C ILE D 145 -19.78 -13.14 33.64
N ALA D 146 -19.35 -12.68 32.47
CA ALA D 146 -20.23 -12.56 31.31
C ALA D 146 -20.81 -13.90 30.86
N GLU D 147 -22.12 -13.94 30.68
CA GLU D 147 -22.82 -15.17 30.31
C GLU D 147 -22.25 -15.79 29.04
N GLY D 148 -21.70 -16.99 29.15
CA GLY D 148 -21.08 -17.65 28.01
C GLY D 148 -19.65 -18.06 28.30
N ASP D 149 -18.96 -17.23 29.08
CA ASP D 149 -17.62 -17.58 29.55
C ASP D 149 -17.72 -18.45 30.81
N VAL D 150 -16.76 -19.35 30.99
CA VAL D 150 -16.83 -20.33 32.07
C VAL D 150 -16.45 -19.73 33.42
N ASP D 151 -17.13 -20.23 34.46
CA ASP D 151 -16.90 -19.78 35.82
C ASP D 151 -15.80 -20.58 36.48
N PRO D 152 -14.66 -19.94 36.78
CA PRO D 152 -13.62 -20.72 37.46
C PRO D 152 -13.97 -21.09 38.90
N ARG D 153 -14.99 -20.45 39.51
CA ARG D 153 -15.43 -20.79 40.87
C ARG D 153 -15.41 -22.28 41.17
N GLY D 154 -14.48 -22.69 42.03
CA GLY D 154 -14.43 -24.07 42.51
C GLY D 154 -13.70 -25.08 41.64
N LEU D 155 -12.95 -24.60 40.65
CA LEU D 155 -12.20 -25.47 39.75
C LEU D 155 -10.80 -25.76 40.27
N PRO D 156 -10.20 -26.89 39.84
CA PRO D 156 -8.83 -27.22 40.25
C PRO D 156 -7.77 -26.49 39.43
N VAL D 157 -6.69 -26.10 40.09
CA VAL D 157 -5.55 -25.47 39.42
C VAL D 157 -4.44 -26.50 39.23
N VAL D 158 -4.19 -26.88 37.98
CA VAL D 158 -3.22 -27.93 37.67
C VAL D 158 -1.87 -27.34 37.23
N ALA D 159 -0.84 -27.57 38.05
CA ALA D 159 0.48 -27.01 37.81
C ALA D 159 1.22 -27.71 36.66
N ALA D 160 2.50 -27.36 36.49
CA ALA D 160 3.29 -27.85 35.38
C ALA D 160 3.65 -29.34 35.51
N ASP D 161 3.76 -29.81 36.75
CA ASP D 161 4.07 -31.21 36.99
C ASP D 161 2.82 -32.09 36.92
N GLY D 162 1.67 -31.46 36.71
CA GLY D 162 0.41 -32.17 36.58
C GLY D 162 -0.31 -32.40 37.88
N VAL D 163 0.30 -31.99 38.99
CA VAL D 163 -0.28 -32.18 40.31
C VAL D 163 -1.22 -31.04 40.67
N GLU D 164 -2.35 -31.37 41.30
CA GLU D 164 -3.28 -30.36 41.78
C GLU D 164 -2.57 -29.44 42.77
N ALA D 165 -2.43 -28.17 42.39
CA ALA D 165 -1.79 -27.19 43.25
C ALA D 165 -2.82 -26.60 44.19
N GLY D 166 -4.08 -26.77 43.83
CA GLY D 166 -5.20 -26.35 44.67
C GLY D 166 -6.52 -26.11 43.96
N THR D 167 -7.23 -25.04 44.34
CA THR D 167 -8.56 -24.78 43.79
C THR D 167 -8.94 -23.31 43.84
N VAL D 168 -9.76 -22.90 42.89
CA VAL D 168 -10.21 -21.52 42.77
C VAL D 168 -10.92 -21.01 44.03
N THR D 169 -10.67 -19.76 44.40
CA THR D 169 -11.41 -19.13 45.50
C THR D 169 -12.22 -17.95 44.97
N ASP D 170 -11.57 -17.13 44.15
CA ASP D 170 -12.18 -15.90 43.66
C ASP D 170 -11.40 -15.38 42.47
N LEU D 171 -12.00 -14.42 41.76
CA LEU D 171 -11.34 -13.79 40.61
C LEU D 171 -11.41 -12.28 40.74
N TRP D 172 -10.29 -11.61 40.45
CA TRP D 172 -10.11 -10.22 40.85
C TRP D 172 -10.15 -9.23 39.70
N VAL D 173 -11.09 -8.28 39.78
CA VAL D 173 -11.43 -7.42 38.64
C VAL D 173 -10.89 -5.99 38.73
N ASP D 174 -10.50 -5.45 37.57
CA ASP D 174 -10.21 -4.04 37.44
C ASP D 174 -11.54 -3.27 37.38
N ARG D 175 -11.83 -2.50 38.42
CA ARG D 175 -13.09 -1.76 38.47
C ARG D 175 -13.17 -0.64 37.44
N SER D 176 -12.04 -0.27 36.83
CA SER D 176 -12.02 0.84 35.89
C SER D 176 -12.16 0.40 34.44
N GLU D 177 -11.53 -0.73 34.10
CA GLU D 177 -11.48 -1.20 32.72
C GLU D 177 -12.44 -2.36 32.46
N HIS D 178 -13.08 -2.83 33.54
CA HIS D 178 -13.97 -3.98 33.47
C HIS D 178 -13.27 -5.19 32.86
N TYR D 179 -12.23 -5.66 33.56
CA TYR D 179 -11.32 -6.67 33.00
C TYR D 179 -10.67 -7.46 34.14
N PHE D 180 -10.86 -8.77 34.13
CA PHE D 180 -10.26 -9.63 35.14
C PHE D 180 -8.77 -9.77 34.91
N ARG D 181 -7.98 -9.64 35.97
CA ARG D 181 -6.53 -9.69 35.83
C ARG D 181 -5.85 -10.74 36.70
N TYR D 182 -6.51 -11.18 37.77
CA TYR D 182 -5.96 -12.23 38.61
C TYR D 182 -6.98 -13.28 39.01
N LEU D 183 -6.63 -14.55 38.83
CA LEU D 183 -7.22 -15.60 39.65
C LEU D 183 -6.50 -15.63 40.98
N GLU D 184 -7.24 -16.03 42.02
CA GLU D 184 -6.62 -16.45 43.25
C GLU D 184 -7.38 -17.55 43.92
N LEU D 185 -6.66 -18.39 44.63
CA LEU D 185 -7.00 -19.77 44.76
C LEU D 185 -6.43 -20.36 46.06
N SER D 186 -6.81 -21.59 46.44
CA SER D 186 -6.21 -22.26 47.61
C SER D 186 -5.13 -23.26 47.25
N VAL D 187 -4.03 -23.32 47.99
CA VAL D 187 -3.14 -24.49 47.82
C VAL D 187 -3.65 -25.64 48.68
N ALA D 188 -3.58 -26.83 48.12
CA ALA D 188 -3.48 -28.05 48.91
C ALA D 188 -2.38 -27.90 49.94
N GLY D 189 -2.75 -27.94 51.21
CA GLY D 189 -1.79 -28.12 52.28
C GLY D 189 -0.86 -26.98 52.66
N SER D 190 -1.39 -25.77 52.78
CA SER D 190 -0.62 -24.72 53.46
C SER D 190 -1.47 -23.57 54.01
N ALA D 191 -2.78 -23.77 54.09
CA ALA D 191 -3.68 -22.76 54.67
C ALA D 191 -3.57 -21.42 53.92
N ARG D 192 -3.87 -21.46 52.61
CA ARG D 192 -3.37 -20.51 51.60
C ARG D 192 -4.26 -19.29 51.31
N THR D 193 -3.63 -18.21 50.80
CA THR D 193 -3.98 -17.78 49.43
C THR D 193 -3.41 -16.50 48.84
N ALA D 194 -3.20 -16.63 47.54
CA ALA D 194 -2.27 -15.80 46.78
C ALA D 194 -2.55 -15.70 45.29
N LEU D 195 -1.81 -14.82 44.63
CA LEU D 195 -2.31 -14.31 43.37
C LEU D 195 -1.73 -15.06 42.18
N ILE D 196 -2.49 -15.12 41.09
CA ILE D 196 -1.95 -15.57 39.81
C ILE D 196 -2.57 -14.75 38.68
N PRO D 197 -1.72 -14.00 37.96
CA PRO D 197 -2.10 -13.22 36.78
C PRO D 197 -2.68 -14.15 35.73
N LEU D 198 -3.81 -13.81 35.13
CA LEU D 198 -4.47 -14.77 34.26
C LEU D 198 -3.84 -14.84 32.88
N GLY D 199 -2.73 -14.12 32.72
CA GLY D 199 -1.88 -14.32 31.57
C GLY D 199 -1.17 -15.65 31.71
N PHE D 200 -1.12 -16.15 32.95
CA PHE D 200 -0.44 -17.41 33.24
C PHE D 200 -1.40 -18.59 33.34
N CYS D 201 -2.65 -18.37 33.00
CA CYS D 201 -3.66 -19.42 33.13
C CYS D 201 -4.35 -19.78 31.83
N ASP D 202 -4.56 -21.07 31.63
CA ASP D 202 -5.32 -21.56 30.50
C ASP D 202 -6.67 -22.07 31.02
N VAL D 203 -7.71 -21.29 30.79
CA VAL D 203 -9.03 -21.57 31.36
C VAL D 203 -9.79 -22.61 30.55
N LYS D 204 -9.83 -23.83 31.07
CA LYS D 204 -10.62 -24.90 30.47
C LYS D 204 -12.01 -24.96 31.11
N LYS D 205 -12.79 -25.98 30.74
CA LYS D 205 -14.14 -26.12 31.27
C LYS D 205 -14.12 -26.76 32.66
N ASP D 206 -13.06 -27.51 32.95
CA ASP D 206 -13.00 -28.25 34.22
C ASP D 206 -11.69 -28.04 34.99
N LYS D 207 -10.78 -27.24 34.44
CA LYS D 207 -9.49 -27.02 35.08
C LYS D 207 -8.80 -25.75 34.62
N ILE D 208 -7.96 -25.19 35.50
CA ILE D 208 -7.12 -24.05 35.14
C ILE D 208 -5.68 -24.50 35.02
N VAL D 209 -5.18 -24.55 33.79
CA VAL D 209 -3.84 -25.10 33.53
C VAL D 209 -2.76 -24.02 33.65
N VAL D 210 -1.75 -24.30 34.46
CA VAL D 210 -0.63 -23.39 34.67
C VAL D 210 0.69 -24.11 34.43
N THR D 211 1.44 -23.67 33.42
CA THR D 211 2.69 -24.33 33.07
C THR D 211 3.92 -23.51 33.44
N SER D 212 3.71 -22.39 34.11
CA SER D 212 4.82 -21.51 34.47
C SER D 212 5.61 -22.04 35.66
N ILE D 213 4.93 -22.71 36.60
CA ILE D 213 5.58 -23.27 37.79
C ILE D 213 5.06 -24.65 38.18
N LEU D 214 5.82 -25.35 39.02
CA LEU D 214 5.39 -26.62 39.60
C LEU D 214 4.54 -26.39 40.85
N SER D 215 3.76 -27.38 41.24
CA SER D 215 2.80 -27.23 42.35
C SER D 215 3.47 -26.99 43.69
N GLU D 216 4.67 -27.51 43.86
CA GLU D 216 5.43 -27.31 45.10
C GLU D 216 5.87 -25.86 45.23
N GLN D 217 5.89 -25.17 44.11
CA GLN D 217 6.43 -23.82 44.06
C GLN D 217 5.38 -22.73 44.26
N PHE D 218 4.11 -23.12 44.28
CA PHE D 218 3.05 -22.18 44.62
C PHE D 218 3.21 -21.72 46.07
N ALA D 219 3.88 -22.56 46.86
CA ALA D 219 4.18 -22.31 48.26
C ALA D 219 4.83 -20.95 48.49
N ASN D 220 5.66 -20.50 47.55
CA ASN D 220 6.25 -19.19 47.77
C ASN D 220 5.58 -17.99 47.11
N VAL D 221 4.40 -18.13 46.53
CA VAL D 221 3.86 -16.98 45.81
C VAL D 221 3.68 -15.83 46.79
N PRO D 222 4.36 -14.69 46.51
CA PRO D 222 4.39 -13.56 47.44
C PRO D 222 3.03 -13.23 48.03
N ARG D 223 2.93 -13.32 49.36
CA ARG D 223 1.70 -12.96 50.04
C ARG D 223 1.65 -11.45 50.19
N LEU D 224 0.49 -10.94 50.56
CA LEU D 224 0.35 -9.51 50.76
C LEU D 224 -0.31 -9.15 52.08
N GLN D 225 0.16 -8.06 52.68
CA GLN D 225 -0.32 -7.59 53.97
C GLN D 225 -1.85 -7.58 54.09
N SER D 226 -2.52 -7.58 52.93
CA SER D 226 -3.95 -7.49 52.89
C SER D 226 -4.59 -8.70 52.19
N ARG D 227 -5.86 -8.92 52.51
CA ARG D 227 -6.65 -9.99 51.89
C ARG D 227 -7.65 -9.38 50.92
N ASP D 228 -7.89 -8.08 51.06
CA ASP D 228 -8.95 -7.43 50.31
C ASP D 228 -8.37 -6.42 49.32
N GLN D 229 -7.11 -6.05 49.56
CA GLN D 229 -6.38 -5.07 48.78
C GLN D 229 -5.64 -5.73 47.63
N ILE D 230 -4.89 -4.89 46.95
CA ILE D 230 -3.63 -5.25 46.35
C ILE D 230 -3.01 -3.97 45.83
N THR D 231 -1.74 -3.77 46.19
CA THR D 231 -0.99 -2.58 45.83
C THR D 231 -0.18 -2.87 44.57
N LEU D 232 0.59 -1.89 44.11
CA LEU D 232 1.29 -2.01 42.85
C LEU D 232 2.53 -2.92 43.00
N ARG D 233 3.42 -2.63 43.96
CA ARG D 233 4.61 -3.48 44.19
C ARG D 233 4.21 -4.94 44.32
N GLU D 234 3.07 -5.15 44.94
CA GLU D 234 2.41 -6.43 45.04
C GLU D 234 2.11 -7.04 43.68
N GLU D 235 1.35 -6.29 42.89
CA GLU D 235 0.96 -6.67 41.53
C GLU D 235 2.19 -7.11 40.73
N ASP D 236 3.29 -6.39 40.93
CA ASP D 236 4.55 -6.71 40.27
C ASP D 236 5.26 -7.88 40.95
N LYS D 237 5.15 -7.97 42.27
CA LYS D 237 5.80 -9.05 43.02
C LYS D 237 5.16 -10.38 42.71
N VAL D 238 3.84 -10.35 42.54
CA VAL D 238 3.11 -11.56 42.19
C VAL D 238 3.39 -12.03 40.77
N SER D 239 3.28 -11.11 39.82
CA SER D 239 3.47 -11.43 38.41
C SER D 239 4.89 -11.87 38.10
N ALA D 240 5.85 -11.23 38.74
CA ALA D 240 7.26 -11.47 38.48
C ALA D 240 7.68 -12.91 38.76
N TYR D 241 7.12 -13.49 39.81
CA TYR D 241 7.56 -14.80 40.27
C TYR D 241 7.11 -15.93 39.33
N TYR D 242 5.89 -15.82 38.81
CA TYR D 242 5.42 -16.78 37.82
C TYR D 242 6.26 -16.70 36.56
N ALA D 243 6.62 -15.47 36.18
CA ALA D 243 7.47 -15.23 35.03
C ALA D 243 8.88 -15.75 35.27
N GLY D 244 9.26 -15.82 36.53
CA GLY D 244 10.55 -16.40 36.91
C GLY D 244 10.53 -17.90 36.74
N GLY D 245 9.32 -18.46 36.68
CA GLY D 245 9.15 -19.89 36.49
C GLY D 245 9.39 -20.33 35.06
N LEU D 246 9.23 -19.41 34.12
CA LEU D 246 9.46 -19.71 32.71
C LEU D 246 10.92 -20.11 32.45
N LEU D 247 11.81 -19.67 33.35
CA LEU D 247 13.23 -19.93 33.20
C LEU D 247 13.80 -20.78 34.35
N TYR D 248 13.14 -20.75 35.51
CA TYR D 248 13.70 -21.34 36.71
C TYR D 248 12.89 -22.48 37.35
N ALA D 249 11.69 -22.75 36.85
CA ALA D 249 10.78 -23.72 37.49
C ALA D 249 11.42 -25.08 37.66
N THR D 250 12.13 -25.50 36.63
CA THR D 250 12.89 -26.72 36.70
C THR D 250 14.32 -26.38 36.33
N PRO D 251 15.27 -27.29 36.60
CA PRO D 251 16.58 -27.03 35.99
C PRO D 251 16.44 -27.05 34.47
N GLU D 252 15.32 -27.59 33.99
CA GLU D 252 15.07 -27.78 32.55
C GLU D 252 14.64 -26.52 31.77
N ARG D 253 14.86 -25.32 32.30
CA ARG D 253 14.41 -24.11 31.62
C ARG D 253 15.50 -23.05 31.47
N ALA D 254 16.63 -23.22 32.17
CA ALA D 254 17.79 -22.34 31.99
C ALA D 254 18.63 -22.86 30.83
N GLU D 255 18.02 -23.80 30.12
CA GLU D 255 18.66 -24.64 29.11
C GLU D 255 19.22 -24.05 27.82
N SER D 256 19.75 -25.00 27.05
CA SER D 256 19.70 -24.92 25.61
C SER D 256 18.44 -25.67 25.25
N LEU D 257 17.58 -25.06 24.44
CA LEU D 257 16.42 -25.76 23.92
C LEU D 257 16.88 -26.87 22.97
N LEU D 258 18.04 -26.66 22.39
CA LEU D 258 18.62 -27.63 21.49
C LEU D 258 20.13 -27.62 21.62
FE HEC E . -13.07 -6.62 -59.48
CHA HEC E . -12.13 -4.02 -61.54
CHB HEC E . -13.37 -8.68 -62.10
CHC HEC E . -14.03 -9.17 -57.33
CHD HEC E . -13.85 -4.35 -56.97
NA HEC E . -12.77 -6.39 -61.46
C1A HEC E . -12.42 -5.24 -62.14
C2A HEC E . -12.43 -5.53 -63.56
C3A HEC E . -12.77 -6.83 -63.70
C4A HEC E . -13.00 -7.38 -62.38
CMA HEC E . -12.92 -7.63 -65.01
CAA HEC E . -12.10 -4.53 -64.69
CBA HEC E . -13.31 -4.32 -65.59
CGA HEC E . -13.15 -2.99 -66.27
O1A HEC E . -12.79 -2.03 -65.56
O2A HEC E . -13.41 -2.91 -67.50
NB HEC E . -13.75 -8.55 -59.68
C1B HEC E . -13.48 -9.23 -60.85
C2B HEC E . -13.33 -10.64 -60.52
C3B HEC E . -13.51 -10.79 -59.21
C4B HEC E . -13.79 -9.48 -58.66
CMB HEC E . -13.00 -11.71 -61.58
CAB HEC E . -13.44 -12.07 -58.33
CBB HEC E . -13.08 -13.28 -58.78
NC HEC E . -13.92 -6.73 -57.54
C1C HEC E . -14.02 -7.89 -56.81
C2C HEC E . -14.08 -7.56 -55.42
C3C HEC E . -14.03 -6.22 -55.30
C4C HEC E . -13.92 -5.69 -56.64
CMC HEC E . -14.20 -8.62 -54.30
CAC HEC E . -14.05 -5.31 -54.05
CBC HEC E . -14.06 -5.75 -52.78
ND HEC E . -13.06 -4.50 -59.30
C1D HEC E . -13.29 -3.82 -58.11
C2D HEC E . -12.82 -2.46 -58.25
C3D HEC E . -12.29 -2.37 -59.68
C4D HEC E . -12.47 -3.67 -60.26
CMD HEC E . -12.85 -1.34 -57.18
CAD HEC E . -11.66 -1.14 -60.35
CBD HEC E . -10.28 -0.99 -59.74
CGD HEC E . -9.45 -0.03 -60.54
O1D HEC E . -10.04 0.85 -61.21
O2D HEC E . -8.20 -0.15 -60.50
FE HEC F . -11.88 -1.74 -46.48
CHA HEC F . -14.97 -0.34 -46.12
CHB HEC F . -12.90 -3.27 -49.39
CHC HEC F . -8.74 -2.94 -46.95
CHD HEC F . -11.06 -0.85 -43.26
NA HEC F . -13.60 -1.73 -47.60
C1A HEC F . -14.80 -1.19 -47.18
C2A HEC F . -15.84 -1.71 -48.04
C3A HEC F . -15.28 -2.52 -48.94
C4A HEC F . -13.85 -2.55 -48.70
CMA HEC F . -16.03 -3.27 -50.05
CAA HEC F . -17.35 -1.39 -47.92
CBA HEC F . -17.90 -2.33 -46.86
CGA HEC F . -19.41 -2.30 -46.86
O1A HEC F . -20.01 -2.87 -47.81
O2A HEC F . -20.01 -1.72 -45.90
NB HEC F . -11.01 -3.06 -47.85
C1B HEC F . -11.56 -3.23 -49.11
C2B HEC F . -10.48 -3.34 -50.07
C3B HEC F . -9.32 -3.25 -49.39
C4B HEC F . -9.65 -3.08 -47.98
CMB HEC F . -10.72 -3.53 -51.58
CAB HEC F . -7.87 -3.28 -49.90
CBB HEC F . -7.50 -3.30 -51.19
NC HEC F . -10.23 -2.03 -45.25
C1C HEC F . -8.98 -2.24 -45.79
C2C HEC F . -7.99 -1.61 -44.94
C3C HEC F . -8.64 -1.03 -43.91
C4C HEC F . -10.06 -1.29 -44.10
CMC HEC F . -6.48 -1.64 -45.23
CAC HEC F . -8.13 -0.20 -42.71
CBC HEC F . -6.86 0.16 -42.50
ND HEC F . -12.87 -0.75 -44.90
C1D HEC F . -12.31 -0.48 -43.66
C2D HEC F . -13.27 0.24 -42.86
C3D HEC F . -14.50 0.41 -43.76
C4D HEC F . -14.16 -0.24 -45.01
CMD HEC F . -13.09 0.74 -41.41
CAD HEC F . -15.83 1.10 -43.42
CBD HEC F . -16.75 0.07 -42.78
CGD HEC F . -17.58 -0.61 -43.83
O1D HEC F . -17.77 -1.85 -43.75
O2D HEC F . -18.05 0.09 -44.77
FE HEC G . 2.67 5.56 -23.60
CHA HEC G . 3.20 8.85 -24.43
CHB HEC G . 2.51 6.34 -20.36
CHC HEC G . 1.91 2.29 -22.89
CHD HEC G . 3.71 4.57 -26.76
NA HEC G . 2.85 7.27 -22.59
C1A HEC G . 3.02 8.55 -23.10
C2A HEC G . 2.96 9.48 -22.00
C3A HEC G . 2.76 8.79 -20.87
C4A HEC G . 2.70 7.40 -21.22
CMA HEC G . 2.63 9.35 -19.44
CAA HEC G . 3.09 11.02 -22.10
CBA HEC G . 4.51 11.41 -22.50
CGA HEC G . 4.63 12.92 -22.51
O1A HEC G . 3.73 13.60 -21.96
O2A HEC G . 5.64 13.44 -23.06
NB HEC G . 2.48 4.43 -21.86
C1B HEC G . 2.05 5.11 -20.74
C2B HEC G . 1.00 4.34 -20.10
C3B HEC G . 0.84 3.20 -20.81
C4B HEC G . 1.75 3.26 -21.92
CMB HEC G . 0.28 4.81 -18.81
CAB HEC G . -0.14 2.02 -20.59
CBB HEC G . -1.07 1.97 -19.62
NC HEC G . 2.88 3.73 -24.61
C1C HEC G . 2.33 2.53 -24.17
C2C HEC G . 2.29 1.62 -25.28
C3C HEC G . 2.77 2.25 -26.37
C4C HEC G . 3.16 3.59 -25.96
CMC HEC G . 1.73 0.19 -25.15
CAC HEC G . 2.94 1.72 -27.80
CBC HEC G . 2.69 0.47 -28.23
ND HEC G . 3.37 6.56 -25.32
C1D HEC G . 3.69 5.93 -26.53
C2D HEC G . 3.99 6.95 -27.51
C3D HEC G . 3.83 8.28 -26.80
C4D HEC G . 3.44 7.95 -25.45
CMD HEC G . 4.39 6.71 -28.99
CAD HEC G . 4.04 9.68 -27.41
CBD HEC G . 2.90 10.02 -28.39
CGD HEC G . 3.24 11.26 -29.16
O1D HEC G . 4.43 11.68 -29.15
O2D HEC G . 2.33 11.87 -29.81
FE HEC H . 0.95 -1.14 -35.69
CHA HEC H . 3.85 -2.94 -35.97
CHB HEC H . 1.79 -0.17 -32.55
CHC HEC H . -2.00 0.61 -35.43
CHD HEC H . -0.04 -2.19 -38.87
NA HEC H . 2.55 -1.49 -34.49
C1A HEC H . 3.65 -2.26 -34.79
C2A HEC H . 4.53 -2.24 -33.63
C3A HEC H . 3.97 -1.47 -32.69
C4A HEC H . 2.70 -1.00 -33.21
CMA HEC H . 4.55 -1.16 -31.30
CAA HEC H . 5.89 -2.97 -33.53
CBA HEC H . 5.80 -4.20 -32.64
CGA HEC H . 7.12 -4.94 -32.56
O1A HEC H . 8.11 -4.56 -33.25
O2A HEC H . 7.16 -5.93 -31.80
NB HEC H . -0.05 -0.11 -34.16
C1B HEC H . 0.68 0.42 -33.10
C2B HEC H . 0.13 1.72 -32.76
C3B HEC H . -0.92 1.93 -33.56
C4B HEC H . -1.03 0.81 -34.47
CMB HEC H . 0.67 2.63 -31.63
CAB HEC H . -1.89 3.16 -33.63
CBB HEC H . -1.82 4.25 -32.82
NC HEC H . -0.75 -0.91 -36.88
C1C HEC H . -1.79 -0.04 -36.63
C2C HEC H . -2.57 0.09 -37.85
C3C HEC H . -2.01 -0.69 -38.79
C4C HEC H . -0.86 -1.32 -38.20
CMC HEC H . -3.81 1.00 -37.93
CAC HEC H . -2.40 -0.91 -40.27
CBC HEC H . -3.30 -0.19 -40.96
ND HEC H . 1.79 -2.34 -37.20
C1D HEC H . 1.15 -2.69 -38.39
C2D HEC H . 1.93 -3.69 -39.08
C3D HEC H . 3.14 -3.93 -38.18
C4D HEC H . 2.97 -3.05 -37.04
CMD HEC H . 1.58 -4.35 -40.43
CAD HEC H . 4.29 -4.92 -38.46
CBD HEC H . 5.63 -4.19 -38.44
CGD HEC H . 6.72 -5.19 -38.19
O1D HEC H . 6.48 -6.41 -38.41
O2D HEC H . 7.84 -4.77 -37.77
CA1 DGA I . -10.74 -13.47 -3.82
CA2 DGA I . -11.37 -14.16 -2.59
CA3 DGA I . -11.60 -13.14 -1.46
CA4 DGA I . -12.55 -13.70 -0.38
CA5 DGA I . -12.24 -13.07 1.00
CA6 DGA I . -13.06 -11.78 1.20
CA7 DGA I . -12.49 -10.98 2.40
CA8 DGA I . -13.48 -11.06 3.60
CA9 DGA I . -12.78 -10.54 4.88
CAA DGA I . -13.00 -11.54 6.03
CBA DGA I . -11.99 -11.28 7.18
CCA DGA I . -12.04 -12.43 8.20
OA1 DGA I . -9.87 -12.62 -3.63
CB1 DGA I . -13.87 -12.02 -4.82
CB2 DGA I . -13.48 -10.53 -4.68
CB3 DGA I . -13.21 -10.15 -3.21
CB4 DGA I . -12.92 -8.63 -3.17
CB5 DGA I . -12.26 -8.22 -1.84
CB6 DGA I . -12.27 -6.69 -1.72
CB7 DGA I . -11.02 -6.22 -0.97
CB8 DGA I . -10.95 -4.68 -1.02
CB9 DGA I . -10.45 -4.13 0.35
CAB DGA I . -10.40 -2.59 0.28
CBB DGA I . -11.52 -1.97 1.15
CCB DGA I . -12.11 -0.73 0.47
CDB DGA I . -13.05 -1.16 -0.68
CEB DGA I . -13.99 0.00 -1.02
CFB DGA I . -15.34 -0.17 -0.29
CGB DGA I . -16.04 1.21 -0.18
CHB DGA I . -17.52 1.10 -0.56
CIB DGA I . -18.11 2.50 -0.76
OB1 DGA I . -14.90 -12.43 -4.33
OG1 DGA I . -11.13 -13.77 -5.16
CG1 DGA I . -12.17 -14.74 -5.34
CG2 DGA I . -13.49 -14.16 -6.00
OG2 DGA I . -12.97 -12.88 -5.55
CG3 DGA I . -13.74 -13.25 -7.24
MG BCL J . -8.42 6.87 -0.92
CHA BCL J . -8.33 3.41 -0.83
CHB BCL J . -11.39 6.73 0.77
CHC BCL J . -8.21 10.21 -0.32
CHD BCL J . -5.09 6.91 -1.96
NA BCL J . -9.65 5.26 -0.11
C1A BCL J . -9.49 3.89 -0.28
C2A BCL J . -10.54 3.14 0.48
C3A BCL J . -11.64 4.18 0.62
C4A BCL J . -10.90 5.48 0.43
CMA BCL J . -12.73 4.00 -0.43
CAA BCL J . -10.03 2.61 1.82
CBA BCL J . -9.38 3.66 2.72
CGA BCL J . -9.04 3.12 4.06
O1A BCL J . -9.16 2.00 4.34
O2A BCL J . -8.59 3.99 4.92
NB BCL J . -9.61 8.26 0.08
C1B BCL J . -10.79 7.99 0.74
C2B BCL J . -11.29 9.16 1.35
C3B BCL J . -10.40 10.21 1.05
C4B BCL J . -9.34 9.59 0.26
CMB BCL J . -12.57 9.19 2.16
CAB BCL J . -10.54 11.60 1.45
OBB BCL J . -11.60 12.24 1.30
CBB BCL J . -9.38 12.36 2.04
NC BCL J . -6.87 8.33 -1.09
C1C BCL J . -7.04 9.68 -0.89
C2C BCL J . -6.03 10.51 -1.59
C3C BCL J . -5.03 9.46 -2.10
C4C BCL J . -5.61 8.14 -1.64
CMC BCL J . -6.63 11.36 -2.70
CAC BCL J . -3.58 9.70 -1.61
CBC BCL J . -3.02 11.04 -2.04
ND BCL J . -6.95 5.50 -1.22
C1D BCL J . -5.70 5.62 -1.83
C2D BCL J . -5.23 4.36 -2.29
C3D BCL J . -6.20 3.44 -1.90
C4D BCL J . -7.22 4.16 -1.28
CMD BCL J . -3.93 4.12 -3.01
CAD BCL J . -6.61 2.07 -1.93
OBD BCL J . -6.01 1.04 -2.33
CBD BCL J . -8.01 1.97 -1.26
CGD BCL J . -8.98 1.35 -2.20
O1D BCL J . -9.44 0.23 -2.10
O2D BCL J . -9.34 2.15 -3.19
CED BCL J . -10.31 1.65 -4.15
C1 BCL J . -8.28 3.43 6.23
C2 BCL J . -9.60 3.45 6.98
C3 BCL J . -9.88 4.38 7.86
C4 BCL J . -8.93 5.51 8.20
C5 BCL J . -11.21 4.39 8.62
C6 BCL J . -11.80 3.01 8.87
C7 BCL J . -13.14 3.03 9.60
C8 BCL J . -13.67 1.61 9.76
C9 BCL J . -13.86 0.92 8.39
C10 BCL J . -14.99 1.60 10.54
C11 BCL J . -15.70 0.26 10.62
C12 BCL J . -16.88 0.32 11.59
C13 BCL J . -18.05 -0.61 11.23
C14 BCL J . -18.58 -0.37 9.81
C15 BCL J . -19.15 -0.33 12.27
C16 BCL J . -20.61 -0.68 11.95
C17 BCL J . -21.67 -0.56 13.08
C18 BCL J . -21.65 -1.73 14.05
C19 BCL J . -22.28 -1.20 15.36
MG BCL K . 2.50 0.37 -3.80
CHA BCL K . 3.14 -2.84 -2.67
CHB BCL K . 1.45 1.17 -0.68
CHC BCL K . 0.78 2.98 -5.14
CHD BCL K . 3.39 -0.61 -7.00
NA BCL K . 2.29 -0.74 -1.94
C1A BCL K . 2.74 -2.02 -1.64
C2A BCL K . 2.51 -2.35 -0.19
C3A BCL K . 2.32 -0.95 0.43
C4A BCL K . 1.95 -0.12 -0.75
CMA BCL K . 1.23 -0.96 1.49
CAA BCL K . 3.62 -3.16 0.51
CBA BCL K . 5.02 -2.54 0.45
CGA BCL K . 6.06 -3.60 0.58
O1A BCL K . 6.00 -4.66 0.06
O2A BCL K . 7.10 -3.27 1.33
NB BCL K . 1.26 1.83 -3.05
C1B BCL K . 0.99 2.05 -1.71
C2B BCL K . 0.23 3.21 -1.54
C3B BCL K . 0.00 3.77 -2.82
C4B BCL K . 0.68 2.86 -3.74
CMB BCL K . -0.23 3.70 -0.16
CAB BCL K . -0.72 4.97 -3.26
OBB BCL K . -1.18 5.07 -4.43
CBB BCL K . -0.95 6.16 -2.37
NC BCL K . 2.11 1.05 -5.79
C1C BCL K . 1.49 2.23 -6.10
C2C BCL K . 1.53 2.56 -7.54
C3C BCL K . 2.26 1.35 -8.15
C4C BCL K . 2.69 0.57 -6.94
CMC BCL K . 0.15 2.77 -8.09
CAC BCL K . 3.47 1.68 -9.05
CBC BCL K . 3.08 2.44 -10.30
ND BCL K . 3.09 -1.35 -4.69
C1D BCL K . 3.51 -1.63 -5.99
C2D BCL K . 3.99 -2.93 -6.12
C3D BCL K . 3.88 -3.50 -4.84
C4D BCL K . 3.34 -2.51 -4.02
CMD BCL K . 4.51 -3.54 -7.39
CAD BCL K . 3.85 -4.70 -4.07
OBD BCL K . 4.19 -5.88 -4.36
CBD BCL K . 3.26 -4.38 -2.67
CGD BCL K . 2.01 -5.09 -2.44
O1D BCL K . 1.71 -5.69 -1.42
O2D BCL K . 1.19 -5.05 -3.49
CED BCL K . -0.08 -5.73 -3.40
C1 BCL K . 8.12 -4.34 1.44
C2 BCL K . 9.00 -4.00 2.63
C3 BCL K . 9.79 -4.90 3.17
C4 BCL K . 9.92 -6.34 2.68
C5 BCL K . 10.67 -4.56 4.37
C6 BCL K . 11.45 -5.74 4.94
C7 BCL K . 12.42 -5.32 6.04
C8 BCL K . 13.34 -6.47 6.43
C9 BCL K . 12.57 -7.59 7.15
C10 BCL K . 14.49 -5.94 7.31
C11 BCL K . 15.37 -4.89 6.64
C12 BCL K . 16.57 -4.51 7.52
C13 BCL K . 17.47 -3.37 6.98
C14 BCL K . 18.17 -3.73 5.68
C15 BCL K . 18.53 -3.10 8.07
C16 BCL K . 19.41 -1.87 7.91
C17 BCL K . 20.19 -1.47 9.18
C18 BCL K . 19.92 -0.03 9.63
C19 BCL K . 20.87 0.25 10.80
C20 BCL K . 18.46 0.24 10.03
MG BCL L . 12.04 0.42 -0.01
CHA BCL L . 11.71 3.81 0.60
CHB BCL L . 14.64 0.38 2.17
CHC BCL L . 11.79 -2.96 0.12
CHD BCL L . 9.10 0.50 -1.87
NA BCL L . 13.00 1.92 1.22
C1A BCL L . 12.73 3.27 1.33
C2A BCL L . 13.64 3.94 2.33
C3A BCL L . 14.76 2.90 2.50
C4A BCL L . 14.11 1.64 2.03
CMA BCL L . 15.98 3.23 1.67
CAA BCL L . 12.94 4.33 3.64
CBA BCL L . 12.14 3.17 4.26
CGA BCL L . 11.67 3.38 5.67
O1A BCL L . 11.74 4.41 6.25
O2A BCL L . 11.18 2.26 6.24
NB BCL L . 13.03 -1.08 1.02
C1B BCL L . 14.15 -0.90 1.82
C2B BCL L . 14.70 -2.14 2.18
C3B BCL L . 13.86 -3.15 1.64
C4B BCL L . 12.85 -2.43 0.88
CMB BCL L . 15.99 -2.24 3.00
CAB BCL L . 13.89 -4.62 1.76
OBB BCL L . 13.15 -5.36 1.10
CBB BCL L . 14.82 -5.34 2.71
NC BCL L . 10.62 -1.01 -0.72
C1C BCL L . 10.80 -2.37 -0.68
C2C BCL L . 10.10 -3.08 -1.78
C3C BCL L . 9.17 -2.00 -2.34
C4C BCL L . 9.56 -0.77 -1.57
CMC BCL L . 11.06 -3.64 -2.82
CAC BCL L . 7.67 -2.36 -2.23
CBC BCL L . 7.31 -3.58 -3.04
ND BCL L . 10.60 1.79 -0.44
C1D BCL L . 9.58 1.75 -1.39
C2D BCL L . 9.22 3.06 -1.81
C3D BCL L . 10.00 3.92 -1.05
C4D BCL L . 10.81 3.13 -0.24
CMD BCL L . 8.20 3.41 -2.86
CAD BCL L . 10.43 5.26 -0.90
OBD BCL L . 10.08 6.30 -1.50
CBD BCL L . 11.51 5.29 0.21
CGD BCL L . 12.72 6.01 -0.25
O1D BCL L . 13.03 7.15 0.08
O2D BCL L . 13.49 5.32 -1.07
CED BCL L . 14.72 5.96 -1.50
C1 BCL L . 10.70 2.31 7.63
C2 BCL L . 11.95 2.17 8.48
C3 BCL L . 12.39 3.09 9.30
C4 BCL L . 11.74 4.44 9.56
C5 BCL L . 13.66 2.87 10.11
C6 BCL L . 14.95 3.32 9.42
C7 BCL L . 15.27 2.46 8.18
C8 BCL L . 16.39 2.95 7.28
C9 BCL L . 15.89 4.11 6.40
C10 BCL L . 16.88 1.82 6.37
C11 BCL L . 17.97 2.21 5.40
C12 BCL L . 18.55 0.99 4.70
C13 BCL L . 19.46 1.34 3.53
C14 BCL L . 18.85 0.91 2.20
C15 BCL L . 20.78 0.59 3.73
C16 BCL L . 20.75 -0.90 3.61
C17 BCL L . 21.94 -1.70 4.18
C18 BCL L . 23.38 -1.32 3.82
C19 BCL L . 24.16 -2.66 3.82
C20 BCL L . 24.06 -0.33 4.76
C1 BPB M . 19.75 -7.68 10.81
C2 BPB M . 20.34 -7.22 9.47
C3 BPB M . 21.15 -6.20 9.28
C4 BPB M . 21.66 -5.27 10.38
C5 BPB M . 21.68 -5.81 7.90
C6 BPB M . 21.73 -6.89 6.82
C7 BPB M . 22.26 -6.29 5.52
C8 BPB M . 22.28 -7.19 4.28
C9 BPB M . 23.10 -8.47 4.55
NA BPB M . 12.91 -3.51 10.78
NB BPB M . 11.39 -2.80 8.32
NC BPB M . 8.89 -3.87 9.52
ND BPB M . 10.38 -4.55 11.81
C10 BPB M . 22.85 -6.41 3.09
C11 BPB M . 21.83 -5.48 2.48
C12 BPB M . 20.72 -6.25 1.76
C13 BPB M . 19.43 -5.44 1.59
C14 BPB M . 18.28 -6.27 1.02
C15 BPB M . 19.68 -4.26 0.63
C16 BPB M . 18.46 -3.36 0.43
C17 BPB M . 18.62 -2.10 -0.45
C18 BPB M . 17.39 -1.20 -0.41
C19 BPB M . 16.22 -1.95 -1.08
C1A BPB M . 13.46 -4.05 11.93
O1A BPB M . 17.15 -7.28 10.59
C1B BPB M . 12.57 -2.12 8.05
C1C BPB M . 8.41 -3.55 8.29
C1D BPB M . 9.14 -4.96 12.33
O1D BPB M . 14.64 -4.60 15.85
C20 BPB M . 17.60 0.12 -1.15
C2A BPB M . 14.94 -3.87 11.95
O2A BPB M . 19.04 -6.51 11.33
C2B BPB M . 12.45 -1.41 6.84
C2C BPB M . 6.93 -3.66 8.21
C2D BPB M . 9.31 -5.57 13.59
O2D BPB M . 13.28 -3.08 14.97
C3A BPB M . 15.17 -2.79 10.89
C3B BPB M . 11.17 -1.65 6.32
C3C BPB M . 6.63 -4.55 9.42
C3D BPB M . 10.68 -5.53 13.84
C4A BPB M . 13.90 -2.83 10.09
C4B BPB M . 10.53 -2.53 7.29
C4C BPB M . 7.82 -4.30 10.29
C4D BPB M . 11.29 -4.91 12.75
CAA BPB M . 15.62 -5.20 11.63
CAB BPB M . 10.62 -1.14 5.07
CAC BPB M . 5.53 -5.39 9.65
CAD BPB M . 11.70 -5.76 14.80
CBA BPB M . 17.15 -5.19 11.73
CBB BPB M . 9.14 -0.90 4.91
OBB BPB M . 11.33 -0.85 4.09
CBC BPB M . 4.44 -5.50 8.61
CBD BPB M . 13.06 -5.28 14.19
OBD BPB M . 11.64 -6.22 15.96
CED BPB M . 13.89 -2.03 15.77
CGA BPB M . 17.75 -6.43 11.15
CGD BPB M . 13.74 -4.32 15.08
CHA BPB M . 12.68 -4.77 12.79
CHB BPB M . 13.69 -2.16 8.90
CHC BPB M . 9.23 -3.08 7.27
CHD BPB M . 7.95 -4.72 11.59
CMA BPB M . 15.40 -1.41 11.51
CMB BPB M . 13.57 -0.56 6.26
CMC BPB M . 6.24 -2.30 8.25
CMD BPB M . 8.19 -6.13 14.44
C2 MPG N . 4.06 -16.55 24.20
C3 MPG N . 2.84 -15.82 23.57
C4 MPG N . 2.03 -16.80 22.66
C5 MPG N . 2.06 -16.32 21.15
C6 MPG N . 1.20 -15.04 21.03
C7 MPG N . 0.86 -14.77 19.53
C8 MPG N . -0.65 -14.72 19.36
C9 MPG N . -1.13 -13.25 19.18
C10 MPG N . -2.41 -12.99 18.75
C11 MPG N . -2.91 -11.52 18.56
C12 MPG N . -3.87 -11.45 17.42
C13 MPG N . -3.34 -10.53 16.31
C14 MPG N . -2.00 -11.07 15.75
C15 MPG N . -1.90 -10.79 14.26
C16 MPG N . -0.40 -10.63 13.82
C17 MPG N . 0.33 -12.00 13.80
C18 MPG N . 1.76 -11.84 14.36
O1 MPG N . 5.62 -18.42 23.79
C1 MPG N . 4.60 -17.58 23.21
CXD MPG N . 5.34 -20.81 22.83
O2 MPG N . 6.17 -21.85 23.23
C21 MPG N . 5.86 -20.25 21.52
O3 MPG N . 4.79 -19.73 20.73
O4 MPG N . 4.94 -20.17 25.06
CX3 MPG N . 5.28 -19.79 23.96
C2 MPG O . -9.20 2.98 17.54
C3 MPG O . -10.06 3.31 16.28
C4 MPG O . -9.21 3.13 14.99
C5 MPG O . -10.09 2.58 13.80
C6 MPG O . -9.64 1.14 13.45
C7 MPG O . -10.47 0.61 12.24
C8 MPG O . -10.26 -0.90 12.04
C9 MPG O . -11.52 -1.48 11.33
C10 MPG O . -11.52 -2.69 10.65
C11 MPG O . -10.25 -3.60 10.55
C12 MPG O . -10.66 -5.04 10.64
C13 MPG O . -11.13 -5.60 9.29
C14 MPG O . -10.02 -6.49 8.66
C15 MPG O . -10.62 -7.73 7.99
C16 MPG O . -9.55 -8.44 7.06
C17 MPG O . -8.81 -9.57 7.82
C18 MPG O . -7.87 -10.33 6.87
O1 MPG O . -9.14 3.15 19.97
C1 MPG O . -9.76 3.69 18.78
CXD MPG O . -7.61 3.93 21.89
O2 MPG O . -6.24 4.08 22.01
C21 MPG O . -8.05 2.69 22.64
O3 MPG O . -8.80 3.05 23.80
O4 MPG O . -7.25 4.37 19.60
CX3 MPG O . -7.97 3.85 20.41
MG BCL P . 2.03 7.80 -3.41
CHA BCL P . 0.99 10.53 -1.66
CHB BCL P . 2.34 6.09 -0.46
CHC BCL P . 3.20 5.21 -5.16
CHD BCL P . 0.47 9.03 -6.28
NA BCL P . 1.66 8.27 -1.32
C1A BCL P . 1.33 9.51 -0.79
C2A BCL P . 1.56 9.55 0.71
C3A BCL P . 1.71 8.05 1.06
C4A BCL P . 1.98 7.41 -0.27
CMA BCL P . 2.83 7.82 2.08
CAA BCL P . 0.49 10.28 1.55
CBA BCL P . -0.95 9.94 1.19
CGA BCL P . -1.73 9.24 2.25
O1A BCL P . -1.27 8.52 3.07
O2A BCL P . -3.00 9.50 2.20
NB BCL P . 2.61 5.88 -2.90
C1B BCL P . 2.82 5.42 -1.60
C2B BCL P . 3.57 4.23 -1.62
C3B BCL P . 3.84 3.91 -2.98
C4B BCL P . 3.23 5.01 -3.75
CMB BCL P . 3.97 3.50 -0.34
CAB BCL P . 4.54 2.79 -3.61
OBB BCL P . 4.55 2.64 -4.84
CBB BCL P . 5.26 1.73 -2.81
NC BCL P . 1.79 7.18 -5.42
C1C BCL P . 2.51 6.15 -5.97
C2C BCL P . 2.83 6.40 -7.40
C3C BCL P . 1.76 7.43 -7.80
C4C BCL P . 1.25 7.89 -6.47
CMC BCL P . 4.25 6.90 -7.59
CAC BCL P . 0.64 6.91 -8.76
CBC BCL P . 1.12 6.43 -10.12
ND BCL P . 0.85 9.36 -3.90
C1D BCL P . 0.47 9.89 -5.15
C2D BCL P . 0.16 11.27 -5.05
C3D BCL P . 0.35 11.60 -3.70
C4D BCL P . 0.74 10.43 -3.05
CMD BCL P . -0.27 12.16 -6.20
CAD BCL P . 0.16 12.56 -2.67
OBD BCL P . -0.41 13.67 -2.66
CBD BCL P . 0.91 12.03 -1.40
CGD BCL P . 2.22 12.68 -1.21
O1D BCL P . 2.94 12.51 -0.23
O2D BCL P . 2.57 13.49 -2.20
CED BCL P . 3.84 14.18 -2.06
C1 BCL P . -3.82 8.83 3.19
C2 BCL P . -4.31 9.91 4.15
C3 BCL P . -5.29 10.75 3.89
C4 BCL P . -6.08 10.79 2.59
C5 BCL P . -5.72 11.78 4.94
C6 BCL P . -7.23 11.86 5.17
C7 BCL P . -7.61 12.74 6.35
C8 BCL P . -9.08 13.12 6.37
C9 BCL P . -9.40 13.90 7.67
C10 BCL P . -10.00 11.89 6.27
C11 BCL P . -11.43 12.32 6.05
C12 BCL P . -12.43 11.18 6.16
C13 BCL P . -13.89 11.64 6.10
C14 BCL P . -14.86 10.64 6.71
C15 BCL P . -14.30 11.86 4.65
C16 BCL P . -15.76 12.27 4.49
C17 BCL P . -16.16 12.60 3.04
C18 BCL P . -17.60 13.02 2.85
C19 BCL P . -17.74 13.38 1.37
C20 BCL P . -18.00 14.24 3.69
C1 BPB Q . -16.73 14.32 9.08
C2 BPB Q . -17.67 13.63 8.11
C3 BPB Q . -18.83 13.28 8.56
C4 BPB Q . -19.29 13.52 9.99
C5 BPB Q . -19.86 12.58 7.66
C6 BPB Q . -20.81 11.54 8.30
C7 BPB Q . -21.53 10.69 7.24
C8 BPB Q . -22.74 9.81 7.64
C9 BPB Q . -22.68 8.40 6.97
NA BPB Q . -10.23 9.86 10.42
NB BPB Q . -8.67 9.10 7.97
NC BPB Q . -6.14 9.95 9.31
ND BPB Q . -7.70 10.65 11.57
C10 BPB Q . -24.07 10.54 7.32
C11 BPB Q . -25.24 9.91 6.54
C12 BPB Q . -25.17 10.13 5.03
C13 BPB Q . -26.34 9.61 4.20
C14 BPB Q . -26.35 8.10 3.97
C15 BPB Q . -26.11 10.31 2.85
C16 BPB Q . -26.80 9.75 1.62
C1A BPB Q . -10.82 10.48 11.51
O1A BPB Q . -14.15 14.41 9.82
C1B BPB Q . -9.92 8.67 7.58
C1C BPB Q . -5.63 9.42 8.16
C1D BPB Q . -6.48 10.94 12.17
O1D BPB Q . -12.36 10.69 15.03
C2A BPB Q . -12.29 10.66 11.31
O2A BPB Q . -15.99 13.22 9.67
C2B BPB Q . -9.86 8.06 6.32
C2C BPB Q . -4.14 9.37 8.15
C2D BPB Q . -6.64 11.46 13.47
O2D BPB Q . -10.48 9.55 15.21
C3A BPB Q . -12.58 9.57 10.28
C3B BPB Q . -8.54 8.11 5.89
C3C BPB Q . -3.77 9.96 9.53
C3D BPB Q . -8.02 11.52 13.67
C4A BPB Q . -11.27 9.45 9.59
C4B BPB Q . -7.81 8.79 6.97
C4C BPB Q . -5.11 10.13 10.20
C4D BPB Q . -8.62 11.02 12.52
CAA BPB Q . -12.68 12.05 10.79
CAB BPB Q . -8.03 7.59 4.63
CAC BPB Q . -2.51 10.30 10.09
CAD BPB Q . -9.05 11.83 14.58
CBA BPB Q . -14.20 12.12 10.56
CBB BPB Q . -6.63 7.06 4.53
OBB BPB Q . -8.69 7.54 3.57
CBC BPB Q . -1.22 10.10 9.32
CBD BPB Q . -10.41 11.49 13.90
OBD BPB Q . -9.02 12.27 15.74
CED BPB Q . -11.18 8.59 16.06
CGA BPB Q . -14.74 13.39 9.98
CGD BPB Q . -11.19 10.57 14.76
CHA BPB Q . -10.02 10.98 12.50
CHB BPB Q . -11.07 8.80 8.38
CHC BPB Q . -6.43 9.10 7.05
CHD BPB Q . -5.27 10.66 11.46
CMA BPB Q . -12.98 8.26 10.95
CMB BPB Q . -11.08 7.48 5.61
CMC BPB Q . -3.62 7.97 7.91
CMD BPB Q . -5.53 11.85 14.42
FE FE2 R . 0.84 2.11 23.85
C1 MQ7 S . 8.31 0.00 23.04
O1 MQ7 S . 7.16 -0.36 22.86
C2 MQ7 S . 9.23 0.13 21.87
C2M MQ7 S . 8.71 -0.17 20.48
C3 MQ7 S . 10.63 0.56 22.06
C4 MQ7 S . 11.12 0.85 23.45
O4 MQ7 S . 12.27 1.21 23.63
C5 MQ7 S . 10.16 0.71 24.66
C6 MQ7 S . 10.63 0.98 25.95
C7 MQ7 S . 9.76 0.86 27.04
C8 MQ7 S . 8.43 0.45 26.85
C9 MQ7 S . 7.96 0.18 25.56
C10 MQ7 S . 8.82 0.31 24.46
C11 MQ7 S . 11.58 0.71 20.85
C12 MQ7 S . 11.27 2.04 20.15
C13 MQ7 S . 12.21 3.04 20.09
C14 MQ7 S . 13.57 2.85 20.70
C15 MQ7 S . 11.85 4.37 19.38
C16 MQ7 S . 12.72 4.57 18.12
C17 MQ7 S . 12.66 3.27 17.27
C18 MQ7 S . 12.46 3.35 15.90
C19 MQ7 S . 12.30 4.71 15.25
C20 MQ7 S . 12.39 2.03 15.05
C21 MQ7 S . 13.58 1.95 14.06
C22 MQ7 S . 14.89 1.55 14.80
C23 MQ7 S . 16.13 1.93 14.33
C24 MQ7 S . 16.23 2.75 13.07
C25 MQ7 S . 17.41 1.53 15.09
C26 MQ7 S . 18.24 0.61 14.18
C27 MQ7 S . 19.28 -0.18 15.02
C28 MQ7 S . 19.56 -1.51 14.72
C29 MQ7 S . 18.86 -2.20 13.57
C30 MQ7 S . 20.60 -2.28 15.54
C31 MQ7 S . 21.87 -2.46 14.70
C32 MQ7 S . 22.99 -3.04 15.57
C33 MQ7 S . 23.64 -4.19 15.17
C34 MQ7 S . 23.25 -4.88 13.89
C35 MQ7 S . 24.76 -4.77 16.04
C36 MQ7 S . 24.17 -5.71 17.10
C37 MQ7 S . 25.33 -6.15 18.01
C38 MQ7 S . 25.43 -7.43 18.47
C39 MQ7 S . 24.40 -8.46 18.10
C40 MQ7 S . 26.62 -7.81 19.36
C41 MQ7 S . 27.91 -7.55 18.57
C42 MQ7 S . 28.45 -6.16 18.87
C43 MQ7 S . 29.08 -5.44 17.88
C44 MQ7 S . 29.61 -4.06 18.18
C45 MQ7 S . 29.24 -6.03 16.49
C1 NS5 T . -15.10 28.76 -2.85
CM1 NS5 T . -14.91 30.06 -3.65
CM2 NS5 T . -16.26 27.95 -3.48
C2 NS5 T . -13.81 27.92 -2.84
C3 NS5 T . -13.56 27.28 -1.46
C4 NS5 T . -14.16 25.84 -1.42
C5 NS5 T . -13.08 24.80 -0.96
C6 NS5 T . -12.01 25.20 0.06
C7 NS5 T . -13.10 23.51 -1.49
C8 NS5 T . -12.09 22.43 -1.12
C9 NS5 T . -12.42 21.21 -2.02
C10 NS5 T . -11.74 19.91 -1.53
C11 NS5 T . -10.98 19.86 -0.20
C12 NS5 T . -11.84 18.79 -2.31
C13 NS5 T . -11.18 17.48 -1.90
C14 NS5 T . -11.75 16.27 -2.32
C15 NS5 T . -11.07 14.94 -1.94
C16 NS5 T . -9.69 14.96 -1.28
C17 NS5 T . -11.67 13.73 -2.21
C18 NS5 T . -10.93 12.45 -1.82
C19 NS5 T . -11.58 11.21 -1.78
C20 NS5 T . -13.08 11.09 -2.11
C21 NS5 T . -13.67 9.82 -2.21
C22 NS5 T . -12.85 8.55 -1.98
C23 NS5 T . -15.16 9.70 -2.54
C24 NS5 T . -15.91 8.68 -2.01
C25 NS5 T . -17.39 8.64 -2.39
C26 NS5 T . -18.15 7.51 -2.30
C27 NS5 T . -17.57 6.20 -1.80
C28 NS5 T . -19.62 7.58 -2.72
C29 NS5 T . -20.63 7.75 -1.78
C30 NS5 T . -20.35 7.87 -0.28
C31 NS5 T . -20.73 6.83 0.55
C32 NS5 T . -21.41 5.59 -0.04
C33 NS5 T . -20.47 6.91 2.09
C34 NS5 T . -21.82 6.65 2.79
C35 NS5 T . -21.61 6.08 4.22
C36 NS5 T . -22.61 5.35 4.83
CM3 NS5 T . -22.41 4.80 6.22
CM4 NS5 T . -23.95 5.08 4.08
O1 OTP U . 22.56 16.55 -4.03
C40 OTP U . 21.45 16.25 -3.21
C39 OTP U . 20.46 17.41 -3.28
C37 OTP U . 19.11 17.33 -3.27
C38 OTP U . 18.38 18.66 -3.35
C36 OTP U . 18.29 16.05 -3.16
C35 OTP U . 18.55 14.99 -4.23
C34 OTP U . 17.29 14.19 -4.56
C32 OTP U . 16.90 13.10 -3.88
C33 OTP U . 17.75 12.60 -2.72
C31 OTP U . 15.61 12.41 -4.33
C30 OTP U . 15.26 11.11 -3.61
C29 OTP U . 14.81 11.37 -2.18
C27 OTP U . 13.95 10.56 -1.53
C28 OTP U . 13.37 9.36 -2.23
C26 OTP U . 13.57 10.91 -0.11
C25 OTP U . 14.50 10.23 0.87
C24 OTP U . 13.69 9.69 2.02
C22 OTP U . 14.15 8.77 2.89
C23 OTP U . 15.54 8.20 2.74
C21 OTP U . 13.25 8.28 4.02
C20 OTP U . 13.79 8.62 5.39
C19 OTP U . 12.61 8.73 6.33
C17 OTP U . 12.71 8.65 7.67
C18 OTP U . 11.44 8.78 8.49
C16 OTP U . 14.03 8.46 8.40
C15 OTP U . 13.99 9.13 9.76
C14 OTP U . 13.86 8.12 10.88
C12 OTP U . 14.71 8.15 11.93
C13 OTP U . 15.80 9.22 11.95
C11 OTP U . 14.60 7.15 13.06
C10 OTP U . 15.95 6.56 13.44
C9 OTP U . 16.51 7.23 14.68
C7 OTP U . 17.68 6.82 15.23
C8 OTP U . 18.43 5.67 14.60
C6 OTP U . 18.23 7.52 16.46
C5 OTP U . 19.48 6.84 17.00
C4 OTP U . 20.24 7.79 17.90
C2 OTP U . 21.18 7.34 18.77
C3 OTP U . 21.91 8.31 19.67
C1 OTP U . 21.49 5.86 18.86
C2 MPG V . -28.91 4.33 20.39
C3 MPG V . -27.89 3.28 19.87
C4 MPG V . -26.88 2.92 21.01
C5 MPG V . -25.40 2.95 20.44
C6 MPG V . -24.93 4.42 20.30
C7 MPG V . -24.20 4.63 18.94
C8 MPG V . -22.81 3.99 19.01
C9 MPG V . -22.40 3.43 17.61
C10 MPG V . -21.23 2.69 17.50
C11 MPG V . -20.78 2.12 16.13
C12 MPG V . -19.32 1.75 16.20
C13 MPG V . -18.48 2.85 15.56
C14 MPG V . -16.97 2.50 15.64
C15 MPG V . -16.24 3.14 14.46
C16 MPG V . -14.82 3.63 14.91
C17 MPG V . -14.20 4.44 13.76
C18 MPG V . -12.84 5.01 14.18
P PO4 W . -19.25 20.70 21.33
O1 PO4 W . -18.89 19.42 20.63
O2 PO4 W . -19.32 20.46 22.81
O3 PO4 W . -18.21 21.77 21.04
O4 PO4 W . -20.60 21.19 20.83
P PO4 X . 3.33 18.77 25.31
O1 PO4 X . 2.80 19.69 24.22
O2 PO4 X . 2.25 18.53 26.32
O3 PO4 X . 3.77 17.46 24.69
O4 PO4 X . 4.52 19.42 25.99
#